data_4TNZ
#
_entry.id   4TNZ
#
_cell.length_a   86.126
_cell.length_b   141.749
_cell.length_c   98.474
_cell.angle_alpha   90.000
_cell.angle_beta   116.290
_cell.angle_gamma   90.000
#
_symmetry.space_group_name_H-M   'P 1 21 1'
#
loop_
_entity.id
_entity.type
_entity.pdbx_description
1 polymer 'Deoxynucleoside triphosphate triphosphohydrolase SAMHD1'
2 non-polymer "THYMIDINE-5'-TRIPHOSPHATE"
3 non-polymer 'MAGNESIUM ION'
4 non-polymer "GUANOSINE-5'-TRIPHOSPHATE"
5 non-polymer "2'-DEOXYADENOSINE 5'-TRIPHOSPHATE"
6 water water
#
_entity_poly.entity_id   1
_entity_poly.type   'polypeptide(L)'
_entity_poly.pdbx_seq_one_letter_code
;DTMKVINDPIHGHIELHPLLVRIIDTPQFQRLRYIKQLGGGYYVFPGASHNRFEHSLGVGYLAGCLVHALGEKQPELQIS
ERDVLCVQIAGLCRNLGHGPFSHMFDGRFIPLARPEVKWTHEQGSVMMFEHLINSNGIKPVMEQYGLIPEEDICFIKEQI
VGPLESPVEDSLWPYKGRPENKSFLYEIVSNKRNGIDVDKWDYFARDCHHLGIQNNFDYKRFIKFARVCEVDNELRICAR
DKEVGNLYDMFHTRNSLHRRAYQHKVGNIIDTMITDAFLKADDYIEITGAGGKKYRISTAIDDMEAYTKLTDNIFLEILY
STDPKLKDAREILKQIEYRNLFKYVGETQPTGQIKIKREDYESLPKEVASAKPKVLLDVKLKAEDFIVDVINMDYGMQEK
NPIDHVSFYCKTAPNRAIRITKNQVSQLLPEKFAEQLIRVYCKKVDRKSLYAARQYFVQWCADRNFTKPQDGDVIAPLIT
PQKKEWNDSTSVQNPTRLREASKSRVQLFKDDPM
;
_entity_poly.pdbx_strand_id   C,A,D,B
#
# COMPACT_ATOMS: atom_id res chain seq x y z
N ASP A 1 -34.81 0.66 -10.85
CA ASP A 1 -33.57 0.75 -10.02
C ASP A 1 -33.14 -0.66 -9.61
N THR A 2 -31.88 -1.00 -9.86
CA THR A 2 -31.21 -2.08 -9.10
C THR A 2 -29.86 -1.56 -8.56
N MET A 3 -29.12 -2.45 -7.93
CA MET A 3 -28.00 -2.05 -7.08
C MET A 3 -26.81 -1.45 -7.88
N LYS A 4 -26.11 -0.48 -7.29
CA LYS A 4 -24.91 0.11 -7.90
C LYS A 4 -23.64 -0.27 -7.19
N VAL A 5 -22.56 -0.27 -7.96
CA VAL A 5 -21.22 -0.48 -7.47
C VAL A 5 -20.43 0.82 -7.55
N ILE A 6 -19.75 1.17 -6.45
CA ILE A 6 -18.86 2.32 -6.42
C ILE A 6 -17.45 1.88 -6.06
N ASN A 7 -16.45 2.37 -6.78
CA ASN A 7 -15.08 2.13 -6.41
C ASN A 7 -14.53 3.19 -5.47
N ASP A 8 -14.24 2.76 -4.24
CA ASP A 8 -13.61 3.56 -3.24
C ASP A 8 -12.17 3.05 -3.03
N PRO A 9 -11.21 3.98 -2.95
CA PRO A 9 -9.81 3.61 -2.77
C PRO A 9 -9.56 2.94 -1.45
N ILE A 10 -10.31 3.27 -0.42
CA ILE A 10 -10.10 2.68 0.88
C ILE A 10 -10.69 1.28 0.93
N HIS A 11 -11.90 1.11 0.39
CA HIS A 11 -12.67 -0.09 0.59
C HIS A 11 -12.89 -0.91 -0.66
N GLY A 12 -12.45 -0.44 -1.82
CA GLY A 12 -12.67 -1.20 -3.05
C GLY A 12 -14.08 -0.97 -3.54
N HIS A 13 -14.62 -1.98 -4.22
CA HIS A 13 -15.92 -1.95 -4.81
C HIS A 13 -17.01 -2.22 -3.80
N ILE A 14 -17.79 -1.18 -3.59
CA ILE A 14 -18.84 -1.13 -2.63
C ILE A 14 -20.16 -1.22 -3.38
N GLU A 15 -21.05 -2.07 -2.90
CA GLU A 15 -22.38 -2.21 -3.49
C GLU A 15 -23.38 -1.32 -2.73
N LEU A 16 -24.19 -0.62 -3.49
CA LEU A 16 -25.22 0.21 -2.90
C LEU A 16 -26.62 -0.22 -3.33
N HIS A 17 -27.45 -0.45 -2.34
CA HIS A 17 -28.83 -0.76 -2.53
C HIS A 17 -29.56 0.49 -3.10
N PRO A 18 -30.51 0.28 -4.02
CA PRO A 18 -31.19 1.36 -4.73
C PRO A 18 -31.75 2.43 -3.83
N LEU A 19 -32.24 2.03 -2.68
CA LEU A 19 -32.73 2.97 -1.71
C LEU A 19 -31.63 3.94 -1.27
N LEU A 20 -30.43 3.42 -1.01
CA LEU A 20 -29.33 4.26 -0.57
C LEU A 20 -28.91 5.19 -1.68
N VAL A 21 -28.88 4.69 -2.91
CA VAL A 21 -28.61 5.52 -4.06
C VAL A 21 -29.57 6.72 -4.15
N ARG A 22 -30.84 6.43 -3.94
CA ARG A 22 -31.84 7.47 -4.02
C ARG A 22 -31.57 8.52 -3.00
N ILE A 23 -31.17 8.12 -1.80
CA ILE A 23 -30.85 9.08 -0.73
C ILE A 23 -29.64 9.90 -1.09
N ILE A 24 -28.68 9.22 -1.69
CA ILE A 24 -27.41 9.81 -2.03
C ILE A 24 -27.57 10.86 -3.11
N ASP A 25 -28.37 10.58 -4.10
CA ASP A 25 -28.58 11.50 -5.22
C ASP A 25 -29.60 12.61 -4.94
N THR A 26 -29.31 13.37 -3.91
CA THR A 26 -30.12 14.50 -3.51
C THR A 26 -29.17 15.65 -3.27
N PRO A 27 -29.68 16.88 -3.34
CA PRO A 27 -28.81 18.02 -3.11
C PRO A 27 -28.25 18.02 -1.71
N GLN A 28 -29.01 17.48 -0.77
CA GLN A 28 -28.67 17.54 0.64
C GLN A 28 -27.48 16.65 0.93
N PHE A 29 -27.39 15.55 0.21
CA PHE A 29 -26.29 14.63 0.36
C PHE A 29 -25.11 15.04 -0.49
N GLN A 30 -25.38 15.45 -1.73
CA GLN A 30 -24.31 15.80 -2.66
C GLN A 30 -23.55 17.03 -2.18
N ARG A 31 -24.21 17.82 -1.34
CA ARG A 31 -23.59 18.94 -0.66
C ARG A 31 -22.30 18.59 0.06
N LEU A 32 -22.23 17.37 0.59
CA LEU A 32 -21.04 16.91 1.26
C LEU A 32 -19.81 16.81 0.39
N ARG A 33 -19.99 16.84 -0.92
CA ARG A 33 -18.84 16.91 -1.83
C ARG A 33 -18.03 18.19 -1.73
N TYR A 34 -18.55 19.19 -1.04
CA TYR A 34 -17.90 20.50 -1.01
C TYR A 34 -17.62 20.94 0.40
N ILE A 35 -17.37 19.94 1.23
CA ILE A 35 -16.98 20.13 2.61
C ILE A 35 -15.79 19.22 2.97
N LYS A 36 -14.63 19.83 3.18
CA LYS A 36 -13.40 19.07 3.45
C LYS A 36 -13.51 18.35 4.77
N GLN A 37 -13.16 17.09 4.76
CA GLN A 37 -13.15 16.29 5.96
C GLN A 37 -12.34 16.95 7.09
N LEU A 38 -11.14 17.40 6.73
CA LEU A 38 -10.20 17.91 7.68
C LEU A 38 -10.10 19.44 7.72
N GLY A 39 -11.01 20.16 7.05
CA GLY A 39 -11.04 21.63 7.05
C GLY A 39 -9.70 22.27 6.64
N GLY A 40 -9.14 23.04 7.56
CA GLY A 40 -7.84 23.69 7.33
C GLY A 40 -6.61 22.77 7.25
N GLY A 41 -6.77 21.50 7.59
CA GLY A 41 -5.69 20.53 7.46
C GLY A 41 -5.12 20.35 6.06
N TYR A 42 -5.93 20.56 5.03
CA TYR A 42 -5.47 20.54 3.65
C TYR A 42 -4.40 21.58 3.38
N TYR A 43 -4.42 22.68 4.15
CA TYR A 43 -3.45 23.76 4.05
C TYR A 43 -2.12 23.42 4.71
N VAL A 44 -2.07 22.28 5.39
CA VAL A 44 -0.82 21.73 5.95
C VAL A 44 -0.39 20.41 5.30
N PHE A 45 -1.39 19.58 4.99
CA PHE A 45 -1.22 18.20 4.48
C PHE A 45 -1.91 18.18 3.13
N PRO A 46 -1.17 18.40 2.07
CA PRO A 46 -1.76 18.58 0.75
C PRO A 46 -2.45 17.40 0.15
N GLY A 47 -2.22 16.20 0.70
CA GLY A 47 -2.97 15.05 0.28
C GLY A 47 -4.40 15.06 0.82
N ALA A 48 -4.66 15.81 1.89
CA ALA A 48 -5.96 15.88 2.51
C ALA A 48 -6.98 16.76 1.81
N SER A 49 -7.20 16.44 0.54
CA SER A 49 -8.22 17.07 -0.31
C SER A 49 -9.64 16.45 -0.12
N HIS A 50 -9.71 15.28 0.51
CA HIS A 50 -10.94 14.57 0.66
C HIS A 50 -12.06 15.29 1.43
N ASN A 51 -13.28 14.99 0.99
CA ASN A 51 -14.50 15.62 1.49
C ASN A 51 -15.37 14.63 2.26
N ARG A 52 -16.36 15.17 2.98
CA ARG A 52 -17.24 14.39 3.82
C ARG A 52 -18.08 13.38 3.07
N PHE A 53 -18.35 13.68 1.79
CA PHE A 53 -19.09 12.78 0.92
C PHE A 53 -18.54 11.32 0.90
N GLU A 54 -17.29 11.17 0.50
CA GLU A 54 -16.68 9.87 0.38
C GLU A 54 -16.56 9.20 1.73
N HIS A 55 -16.28 9.97 2.75
CA HIS A 55 -16.22 9.42 4.09
C HIS A 55 -17.55 8.79 4.44
N SER A 56 -18.63 9.50 4.11
CA SER A 56 -19.97 9.04 4.38
C SER A 56 -20.33 7.74 3.68
N LEU A 57 -19.91 7.58 2.42
CA LEU A 57 -20.10 6.29 1.74
C LEU A 57 -19.39 5.19 2.51
N GLY A 58 -18.18 5.44 2.93
CA GLY A 58 -17.38 4.46 3.61
C GLY A 58 -18.02 4.09 4.93
N VAL A 59 -18.64 5.07 5.58
CA VAL A 59 -19.25 4.76 6.87
C VAL A 59 -20.45 3.88 6.65
N GLY A 60 -21.21 4.20 5.61
CA GLY A 60 -22.40 3.46 5.25
C GLY A 60 -22.02 2.02 4.97
N TYR A 61 -20.93 1.84 4.26
CA TYR A 61 -20.53 0.50 3.85
C TYR A 61 -20.04 -0.32 5.00
N LEU A 62 -19.23 0.27 5.86
CA LEU A 62 -18.75 -0.46 7.06
C LEU A 62 -19.88 -0.81 8.00
N ALA A 63 -20.86 0.08 8.15
CA ALA A 63 -22.04 -0.25 8.95
C ALA A 63 -22.67 -1.50 8.41
N GLY A 64 -22.85 -1.56 7.11
CA GLY A 64 -23.42 -2.72 6.42
C GLY A 64 -22.60 -3.98 6.66
N CYS A 65 -21.29 -3.86 6.61
CA CYS A 65 -20.39 -4.98 6.79
C CYS A 65 -20.54 -5.60 8.12
N LEU A 66 -20.58 -4.77 9.16
CA LEU A 66 -20.61 -5.29 10.51
C LEU A 66 -21.98 -5.97 10.85
N VAL A 67 -23.07 -5.33 10.49
CA VAL A 67 -24.39 -5.87 10.72
C VAL A 67 -24.53 -7.18 9.94
N HIS A 68 -24.08 -7.21 8.68
CA HIS A 68 -24.08 -8.44 7.88
C HIS A 68 -23.27 -9.54 8.54
N ALA A 69 -22.12 -9.20 9.09
CA ALA A 69 -21.24 -10.19 9.70
C ALA A 69 -21.84 -10.82 10.94
N LEU A 70 -22.47 -9.98 11.76
CA LEU A 70 -23.21 -10.46 12.94
C LEU A 70 -24.34 -11.39 12.55
N GLY A 71 -25.10 -11.00 11.54
CA GLY A 71 -26.21 -11.85 11.06
C GLY A 71 -25.74 -13.18 10.49
N GLU A 72 -24.62 -13.21 9.78
CA GLU A 72 -24.05 -14.46 9.24
C GLU A 72 -23.55 -15.37 10.34
N LYS A 73 -22.84 -14.82 11.31
CA LYS A 73 -22.34 -15.60 12.42
C LYS A 73 -23.47 -16.09 13.34
N GLN A 74 -24.47 -15.25 13.61
CA GLN A 74 -25.59 -15.63 14.44
C GLN A 74 -26.96 -15.31 13.82
N PRO A 75 -27.59 -16.33 13.21
CA PRO A 75 -28.95 -16.17 12.70
C PRO A 75 -29.99 -15.94 13.78
N GLU A 76 -29.74 -16.50 14.95
CA GLU A 76 -30.64 -16.39 16.08
C GLU A 76 -30.92 -14.92 16.46
N LEU A 77 -30.05 -14.01 16.08
CA LEU A 77 -30.28 -12.58 16.25
C LEU A 77 -31.48 -12.05 15.48
N GLN A 78 -31.82 -12.73 14.38
CA GLN A 78 -33.03 -12.39 13.60
C GLN A 78 -32.89 -11.02 12.97
N ILE A 79 -31.72 -10.73 12.45
CA ILE A 79 -31.48 -9.43 11.80
C ILE A 79 -32.12 -9.45 10.42
N SER A 80 -32.96 -8.47 10.14
CA SER A 80 -33.68 -8.41 8.86
C SER A 80 -33.02 -7.45 7.88
N GLU A 81 -33.33 -7.62 6.61
CA GLU A 81 -32.88 -6.66 5.60
C GLU A 81 -33.31 -5.24 6.00
N ARG A 82 -34.48 -5.13 6.62
CA ARG A 82 -34.96 -3.86 7.08
C ARG A 82 -34.01 -3.24 8.09
N ASP A 83 -33.53 -4.05 9.03
CA ASP A 83 -32.52 -3.59 9.99
C ASP A 83 -31.24 -3.16 9.29
N VAL A 84 -30.78 -3.97 8.34
CA VAL A 84 -29.55 -3.69 7.64
C VAL A 84 -29.64 -2.34 6.96
N LEU A 85 -30.75 -2.11 6.24
CA LEU A 85 -30.86 -0.85 5.51
C LEU A 85 -30.95 0.36 6.39
N CYS A 86 -31.62 0.22 7.51
CA CYS A 86 -31.70 1.32 8.48
C CYS A 86 -30.34 1.68 9.06
N VAL A 87 -29.52 0.67 9.33
CA VAL A 87 -28.21 0.90 9.89
C VAL A 87 -27.33 1.57 8.84
N GLN A 88 -27.42 1.11 7.60
CA GLN A 88 -26.64 1.70 6.54
C GLN A 88 -27.02 3.13 6.31
N ILE A 89 -28.34 3.42 6.29
CA ILE A 89 -28.78 4.80 6.06
C ILE A 89 -28.26 5.74 7.18
N ALA A 90 -28.32 5.28 8.41
CA ALA A 90 -27.76 6.03 9.53
C ALA A 90 -26.27 6.25 9.33
N GLY A 91 -25.58 5.25 8.82
CA GLY A 91 -24.14 5.42 8.57
C GLY A 91 -23.84 6.47 7.52
N LEU A 92 -24.54 6.35 6.39
CA LEU A 92 -24.45 7.37 5.33
C LEU A 92 -24.80 8.75 5.78
N CYS A 93 -25.70 8.86 6.73
CA CYS A 93 -26.31 10.16 7.04
C CYS A 93 -25.82 10.85 8.29
N ARG A 94 -24.90 10.23 9.03
CA ARG A 94 -24.45 10.90 10.27
C ARG A 94 -23.55 12.11 10.06
N ASN A 95 -23.04 12.31 8.84
CA ASN A 95 -22.21 13.51 8.55
C ASN A 95 -22.98 14.61 7.81
N LEU A 96 -24.29 14.41 7.61
CA LEU A 96 -25.12 15.35 6.88
C LEU A 96 -25.13 16.74 7.44
N GLY A 97 -24.98 16.85 8.77
CA GLY A 97 -25.05 18.12 9.47
C GLY A 97 -23.78 18.98 9.51
N HIS A 98 -22.67 18.49 8.96
CA HIS A 98 -21.43 19.23 9.04
C HIS A 98 -21.50 20.50 8.23
N GLY A 99 -20.76 21.50 8.66
CA GLY A 99 -20.73 22.79 7.98
C GLY A 99 -19.39 23.03 7.28
N PRO A 100 -19.20 24.24 6.76
CA PRO A 100 -17.96 24.54 6.06
C PRO A 100 -16.75 24.23 6.94
N PHE A 101 -15.78 23.56 6.34
CA PHE A 101 -14.56 23.13 7.00
C PHE A 101 -14.82 22.25 8.22
N SER A 102 -15.92 21.50 8.16
CA SER A 102 -16.23 20.51 9.20
C SER A 102 -16.17 21.08 10.59
N HIS A 103 -15.27 20.57 11.42
CA HIS A 103 -15.29 20.85 12.84
C HIS A 103 -14.97 22.31 13.15
N MET A 104 -14.39 23.00 12.19
CA MET A 104 -14.18 24.44 12.33
C MET A 104 -15.52 25.16 12.54
N PHE A 105 -16.54 24.72 11.81
CA PHE A 105 -17.83 25.37 11.88
C PHE A 105 -18.50 25.23 13.24
N ASP A 106 -18.67 24.02 13.74
CA ASP A 106 -19.31 23.85 15.04
C ASP A 106 -18.34 23.97 16.22
N GLY A 107 -17.06 23.75 16.00
CA GLY A 107 -16.08 23.88 17.07
C GLY A 107 -15.62 25.31 17.34
N ARG A 108 -15.57 26.15 16.31
CA ARG A 108 -15.05 27.49 16.46
C ARG A 108 -16.04 28.59 16.09
N PHE A 109 -16.56 28.57 14.88
CA PHE A 109 -17.36 29.70 14.36
C PHE A 109 -18.72 29.93 15.00
N ILE A 110 -19.52 28.89 15.13
CA ILE A 110 -20.84 29.03 15.76
C ILE A 110 -20.73 29.43 17.23
N PRO A 111 -19.84 28.76 18.00
CA PRO A 111 -19.70 29.18 19.39
C PRO A 111 -19.39 30.66 19.58
N LEU A 112 -18.64 31.24 18.66
CA LEU A 112 -18.29 32.66 18.75
C LEU A 112 -19.29 33.60 18.10
N ALA A 113 -20.04 33.13 17.12
CA ALA A 113 -21.00 33.97 16.39
C ALA A 113 -22.36 33.95 17.03
N ARG A 114 -22.73 32.82 17.63
CA ARG A 114 -24.03 32.65 18.27
C ARG A 114 -23.82 32.00 19.63
N PRO A 115 -23.18 32.72 20.56
CA PRO A 115 -22.76 32.13 21.86
C PRO A 115 -23.90 31.57 22.72
N GLU A 116 -25.09 32.15 22.61
CA GLU A 116 -26.25 31.71 23.39
C GLU A 116 -26.73 30.33 22.95
N VAL A 117 -26.74 30.08 21.65
CA VAL A 117 -27.28 28.83 21.11
C VAL A 117 -26.38 27.63 21.40
N LYS A 118 -26.97 26.45 21.58
CA LYS A 118 -26.22 25.23 21.68
C LYS A 118 -26.47 24.43 20.42
N TRP A 119 -25.40 24.06 19.71
CA TRP A 119 -25.53 23.39 18.40
C TRP A 119 -24.37 22.47 18.13
N THR A 120 -24.66 21.34 17.51
CA THR A 120 -23.65 20.37 17.15
C THR A 120 -23.98 19.88 15.74
N HIS A 121 -22.98 19.36 15.03
CA HIS A 121 -23.20 18.79 13.70
C HIS A 121 -24.17 17.60 13.80
N GLU A 122 -24.26 16.95 14.97
CA GLU A 122 -25.18 15.82 15.16
C GLU A 122 -26.62 16.28 15.06
N GLN A 123 -26.93 17.35 15.79
CA GLN A 123 -28.21 18.02 15.70
C GLN A 123 -28.54 18.26 14.25
N GLY A 124 -27.59 18.85 13.54
CA GLY A 124 -27.82 19.23 12.16
C GLY A 124 -28.03 18.04 11.27
N SER A 125 -27.37 16.92 11.57
CA SER A 125 -27.43 15.74 10.73
C SER A 125 -28.88 15.25 10.74
N VAL A 126 -29.49 15.26 11.92
CA VAL A 126 -30.89 14.92 12.07
C VAL A 126 -31.86 15.87 11.34
N MET A 127 -31.70 17.17 11.49
CA MET A 127 -32.54 18.14 10.80
C MET A 127 -32.38 18.03 9.28
N MET A 128 -31.13 17.89 8.83
CA MET A 128 -30.86 17.77 7.41
C MET A 128 -31.45 16.46 6.88
N PHE A 129 -31.43 15.41 7.71
CA PHE A 129 -32.02 14.13 7.31
C PHE A 129 -33.53 14.27 7.08
N GLU A 130 -34.20 14.81 8.08
CA GLU A 130 -35.63 15.16 8.00
C GLU A 130 -35.92 15.96 6.72
N HIS A 131 -35.13 17.00 6.50
CA HIS A 131 -35.30 17.84 5.31
C HIS A 131 -35.12 17.03 4.03
N LEU A 132 -34.12 16.15 4.03
CA LEU A 132 -33.77 15.39 2.84
C LEU A 132 -34.91 14.48 2.47
N ILE A 133 -35.46 13.81 3.48
CA ILE A 133 -36.55 12.88 3.28
C ILE A 133 -37.75 13.59 2.66
N ASN A 134 -38.16 14.66 3.31
CA ASN A 134 -39.35 15.41 2.95
C ASN A 134 -39.23 16.08 1.59
N SER A 135 -38.12 16.75 1.33
CA SER A 135 -37.91 17.41 0.04
C SER A 135 -37.76 16.48 -1.14
N ASN A 136 -37.62 15.18 -0.92
CA ASN A 136 -37.36 14.26 -2.05
C ASN A 136 -38.28 13.04 -2.14
N GLY A 137 -39.34 13.00 -1.33
CA GLY A 137 -40.31 11.93 -1.38
C GLY A 137 -39.65 10.59 -1.20
N ILE A 138 -38.80 10.50 -0.17
CA ILE A 138 -38.08 9.28 0.10
C ILE A 138 -38.95 8.29 0.85
N LYS A 139 -39.86 8.78 1.68
CA LYS A 139 -40.74 7.91 2.46
C LYS A 139 -41.44 6.83 1.61
N PRO A 140 -42.03 7.22 0.46
CA PRO A 140 -42.64 6.20 -0.38
C PRO A 140 -41.65 5.11 -0.78
N VAL A 141 -40.44 5.52 -1.09
CA VAL A 141 -39.42 4.58 -1.54
C VAL A 141 -39.02 3.63 -0.39
N MET A 142 -38.91 4.16 0.81
CA MET A 142 -38.69 3.33 2.00
C MET A 142 -39.75 2.24 2.16
N GLU A 143 -41.01 2.60 1.94
CA GLU A 143 -42.10 1.65 2.05
C GLU A 143 -41.96 0.61 0.97
N GLN A 144 -41.68 1.06 -0.25
CA GLN A 144 -41.47 0.15 -1.37
C GLN A 144 -40.42 -0.93 -1.09
N TYR A 145 -39.45 -0.64 -0.23
CA TYR A 145 -38.38 -1.60 0.08
C TYR A 145 -38.56 -2.24 1.44
N GLY A 146 -39.74 -2.07 2.00
CA GLY A 146 -40.11 -2.81 3.18
C GLY A 146 -39.78 -2.11 4.46
N LEU A 147 -39.48 -0.82 4.39
CA LEU A 147 -39.29 -0.06 5.60
C LEU A 147 -40.59 0.60 6.08
N ILE A 148 -40.67 0.80 7.39
CA ILE A 148 -41.81 1.44 8.06
C ILE A 148 -41.36 2.80 8.57
N PRO A 149 -41.55 3.86 7.75
CA PRO A 149 -41.05 5.20 8.07
C PRO A 149 -41.28 5.70 9.50
N GLU A 150 -42.41 5.36 10.10
CA GLU A 150 -42.72 5.81 11.45
C GLU A 150 -41.64 5.32 12.41
N GLU A 151 -41.44 4.01 12.43
CA GLU A 151 -40.47 3.36 13.32
C GLU A 151 -39.04 3.59 12.87
N ASP A 152 -38.82 3.48 11.57
CA ASP A 152 -37.48 3.41 11.04
C ASP A 152 -36.78 4.75 10.98
N ILE A 153 -37.52 5.81 10.63
CA ILE A 153 -36.96 7.15 10.65
C ILE A 153 -36.54 7.48 12.06
N CYS A 154 -37.34 7.07 13.02
CA CYS A 154 -37.00 7.27 14.42
C CYS A 154 -35.71 6.53 14.74
N PHE A 155 -35.66 5.26 14.38
CA PHE A 155 -34.48 4.41 14.59
C PHE A 155 -33.20 5.04 14.06
N ILE A 156 -33.27 5.47 12.80
CA ILE A 156 -32.13 6.08 12.14
C ILE A 156 -31.66 7.34 12.85
N LYS A 157 -32.61 8.17 13.31
CA LYS A 157 -32.26 9.38 14.04
C LYS A 157 -31.62 9.06 15.40
N GLU A 158 -32.15 8.07 16.09
CA GLU A 158 -31.60 7.65 17.36
C GLU A 158 -30.18 7.14 17.21
N GLN A 159 -29.92 6.45 16.10
CA GLN A 159 -28.56 5.97 15.84
C GLN A 159 -27.57 7.11 15.76
N ILE A 160 -28.02 8.23 15.20
CA ILE A 160 -27.16 9.38 14.96
C ILE A 160 -26.98 10.23 16.19
N VAL A 161 -28.06 10.45 16.91
CA VAL A 161 -28.06 11.44 17.96
C VAL A 161 -28.34 10.84 19.35
N GLY A 162 -28.73 9.57 19.44
CA GLY A 162 -29.12 8.97 20.72
C GLY A 162 -30.63 9.07 20.94
N PRO A 163 -31.11 8.73 22.14
CA PRO A 163 -32.53 8.90 22.45
C PRO A 163 -33.02 10.31 22.23
N LEU A 164 -34.22 10.43 21.67
CA LEU A 164 -34.83 11.75 21.42
C LEU A 164 -35.49 12.36 22.67
N GLU A 165 -35.55 11.61 23.78
CA GLU A 165 -35.90 12.21 25.07
C GLU A 165 -34.63 12.77 25.70
N LEU A 172 -34.03 0.90 32.35
CA LEU A 172 -35.06 1.12 31.35
C LEU A 172 -34.52 0.92 29.90
N TRP A 173 -35.34 1.30 28.93
CA TRP A 173 -34.92 1.37 27.56
C TRP A 173 -35.40 2.69 26.96
N PRO A 174 -34.48 3.59 26.67
CA PRO A 174 -34.87 4.89 26.18
C PRO A 174 -35.10 4.99 24.67
N TYR A 175 -34.90 3.91 23.93
CA TYR A 175 -35.05 3.95 22.49
C TYR A 175 -36.42 3.44 22.09
N LYS A 176 -37.00 4.06 21.05
CA LYS A 176 -38.29 3.62 20.52
C LYS A 176 -38.15 2.82 19.20
N GLY A 177 -37.22 3.22 18.34
CA GLY A 177 -37.06 2.65 16.99
C GLY A 177 -36.85 1.14 16.91
N ARG A 178 -36.25 0.56 17.96
CA ARG A 178 -36.07 -0.88 18.08
C ARG A 178 -36.02 -1.26 19.56
N PRO A 179 -36.41 -2.50 19.89
CA PRO A 179 -36.40 -3.07 21.25
C PRO A 179 -35.03 -3.56 21.77
N GLU A 180 -34.96 -3.81 23.07
CA GLU A 180 -33.71 -4.24 23.74
C GLU A 180 -33.05 -5.45 23.14
N ASN A 181 -33.84 -6.30 22.49
CA ASN A 181 -33.29 -7.49 21.79
C ASN A 181 -32.44 -7.10 20.57
N LYS A 182 -32.63 -5.90 20.05
CA LYS A 182 -31.83 -5.40 18.97
C LYS A 182 -30.95 -4.24 19.46
N SER A 183 -30.54 -4.28 20.73
CA SER A 183 -29.80 -3.21 21.35
C SER A 183 -28.46 -2.99 20.63
N PHE A 184 -27.86 -4.08 20.20
CA PHE A 184 -26.56 -4.05 19.53
C PHE A 184 -26.55 -3.30 18.23
N LEU A 185 -27.70 -3.10 17.61
CA LEU A 185 -27.72 -2.30 16.39
C LEU A 185 -27.39 -0.85 16.65
N TYR A 186 -27.63 -0.39 17.86
CA TYR A 186 -27.29 1.00 18.21
C TYR A 186 -25.80 1.21 18.40
N GLU A 187 -25.06 0.14 18.70
CA GLU A 187 -23.61 0.22 18.88
C GLU A 187 -22.80 0.44 17.62
N ILE A 188 -23.43 0.46 16.45
CA ILE A 188 -22.69 0.34 15.20
C ILE A 188 -22.22 1.68 14.59
N VAL A 189 -23.15 2.57 14.34
CA VAL A 189 -22.88 3.80 13.63
C VAL A 189 -22.31 4.87 14.54
N SER A 190 -22.79 4.95 15.77
CA SER A 190 -22.36 6.01 16.68
C SER A 190 -22.54 5.55 18.09
N ASN A 191 -21.50 4.95 18.62
CA ASN A 191 -21.57 4.20 19.86
C ASN A 191 -21.42 5.14 21.02
N LYS A 192 -22.53 5.46 21.66
CA LYS A 192 -22.54 6.44 22.75
C LYS A 192 -21.97 5.84 24.02
N ARG A 193 -21.94 4.51 24.11
CA ARG A 193 -21.41 3.81 25.27
C ARG A 193 -19.89 3.87 25.40
N ASN A 194 -19.15 3.65 24.31
CA ASN A 194 -17.68 3.60 24.39
C ASN A 194 -16.95 4.15 23.18
N GLY A 195 -17.68 4.62 22.18
CA GLY A 195 -17.05 5.25 21.02
C GLY A 195 -16.46 4.30 19.99
N ILE A 196 -16.61 3.00 20.17
CA ILE A 196 -16.11 2.06 19.19
C ILE A 196 -17.18 1.82 18.12
N ASP A 197 -17.01 2.50 16.98
CA ASP A 197 -17.96 2.47 15.90
C ASP A 197 -17.28 2.57 14.55
N VAL A 198 -18.07 2.32 13.50
CA VAL A 198 -17.56 2.28 12.15
C VAL A 198 -17.16 3.63 11.59
N ASP A 199 -17.59 4.72 12.22
CA ASP A 199 -17.20 6.06 11.77
C ASP A 199 -15.69 6.27 11.94
N LYS A 200 -15.19 5.96 13.13
CA LYS A 200 -13.77 5.93 13.39
C LYS A 200 -13.05 5.09 12.41
N TRP A 201 -13.55 3.90 12.17
CA TRP A 201 -12.81 3.01 11.30
C TRP A 201 -12.67 3.60 9.93
N ASP A 202 -13.71 4.26 9.42
CA ASP A 202 -13.54 4.85 8.10
C ASP A 202 -12.51 5.96 8.11
N TYR A 203 -12.63 6.89 9.07
CA TYR A 203 -11.77 8.06 9.02
C TYR A 203 -10.31 7.71 9.31
N PHE A 204 -10.05 6.74 10.19
CA PHE A 204 -8.68 6.26 10.38
C PHE A 204 -8.05 5.90 9.05
N ALA A 205 -8.71 5.01 8.34
CA ALA A 205 -8.16 4.49 7.10
C ALA A 205 -8.13 5.53 6.04
N ARG A 206 -9.17 6.37 5.96
CA ARG A 206 -9.27 7.31 4.88
C ARG A 206 -8.33 8.47 5.13
N ASP A 207 -8.36 9.03 6.33
CA ASP A 207 -7.45 10.12 6.65
C ASP A 207 -5.99 9.70 6.49
N CYS A 208 -5.62 8.51 6.97
CA CYS A 208 -4.24 8.03 6.80
C CYS A 208 -3.79 7.92 5.37
N HIS A 209 -4.59 7.27 4.56
CA HIS A 209 -4.35 7.18 3.12
C HIS A 209 -4.09 8.58 2.46
N HIS A 210 -4.76 9.61 2.94
CA HIS A 210 -4.62 10.95 2.38
C HIS A 210 -3.54 11.82 3.00
N LEU A 211 -3.38 11.71 4.30
CA LEU A 211 -2.39 12.46 5.01
C LEU A 211 -1.00 11.94 4.69
N GLY A 212 -0.93 10.68 4.29
CA GLY A 212 0.39 10.03 4.18
C GLY A 212 0.99 9.66 5.54
N ILE A 213 0.14 9.17 6.41
CA ILE A 213 0.50 8.64 7.69
C ILE A 213 -0.09 7.25 7.64
N GLN A 214 0.44 6.33 8.42
CA GLN A 214 -0.01 4.97 8.31
C GLN A 214 -0.87 4.54 9.53
N ASN A 215 -1.99 3.88 9.21
CA ASN A 215 -3.03 3.53 10.20
C ASN A 215 -2.68 2.22 10.91
N ASN A 216 -2.64 2.24 12.24
CA ASN A 216 -2.27 1.05 13.01
C ASN A 216 -3.42 0.04 13.26
N PHE A 217 -4.67 0.41 12.93
CA PHE A 217 -5.86 -0.36 13.38
C PHE A 217 -6.59 -1.20 12.33
N ASP A 218 -6.69 -2.50 12.59
CA ASP A 218 -7.33 -3.45 11.71
C ASP A 218 -8.84 -3.67 12.04
N TYR A 219 -9.72 -2.89 11.42
CA TYR A 219 -11.16 -3.01 11.63
C TYR A 219 -11.70 -4.31 11.08
N LYS A 220 -11.16 -4.78 9.97
CA LYS A 220 -11.61 -6.07 9.42
C LYS A 220 -11.40 -7.18 10.41
N ARG A 221 -10.28 -7.14 11.15
CA ARG A 221 -10.01 -8.17 12.12
C ARG A 221 -11.07 -8.07 13.21
N PHE A 222 -11.33 -6.86 13.65
CA PHE A 222 -12.29 -6.66 14.69
C PHE A 222 -13.69 -7.14 14.31
N ILE A 223 -14.09 -6.90 13.08
CA ILE A 223 -15.34 -7.42 12.60
C ILE A 223 -15.39 -8.93 12.62
N LYS A 224 -14.32 -9.62 12.23
CA LYS A 224 -14.31 -11.06 12.36
C LYS A 224 -14.48 -11.58 13.76
N PHE A 225 -13.98 -10.88 14.76
CA PHE A 225 -14.07 -11.41 16.11
C PHE A 225 -15.29 -10.87 16.89
N ALA A 226 -16.12 -10.04 16.27
CA ALA A 226 -17.23 -9.47 16.98
C ALA A 226 -18.39 -10.46 17.09
N ARG A 227 -18.93 -10.58 18.30
CA ARG A 227 -20.13 -11.38 18.56
C ARG A 227 -21.11 -10.56 19.37
N VAL A 228 -22.34 -11.01 19.41
CA VAL A 228 -23.33 -10.40 20.27
C VAL A 228 -23.53 -11.33 21.43
N CYS A 229 -23.59 -10.77 22.65
CA CYS A 229 -23.86 -11.55 23.84
C CYS A 229 -24.84 -10.81 24.70
N GLU A 230 -25.44 -11.52 25.66
CA GLU A 230 -26.26 -10.86 26.63
C GLU A 230 -25.41 -10.18 27.69
N VAL A 231 -25.71 -8.92 27.99
CA VAL A 231 -25.11 -8.18 29.09
C VAL A 231 -26.19 -7.34 29.73
N ASP A 232 -26.44 -7.55 31.03
CA ASP A 232 -27.48 -6.81 31.77
C ASP A 232 -28.81 -6.77 31.03
N ASN A 233 -29.28 -7.93 30.60
CA ASN A 233 -30.57 -8.02 29.89
C ASN A 233 -30.65 -7.17 28.62
N GLU A 234 -29.48 -6.82 28.09
CA GLU A 234 -29.36 -6.24 26.76
C GLU A 234 -28.57 -7.20 25.93
N LEU A 235 -28.76 -7.16 24.62
CA LEU A 235 -27.89 -7.86 23.68
C LEU A 235 -26.89 -6.87 23.10
N ARG A 236 -25.62 -6.99 23.49
CA ARG A 236 -24.59 -6.05 23.09
C ARG A 236 -23.51 -6.71 22.25
N ILE A 237 -22.86 -5.92 21.41
CA ILE A 237 -21.69 -6.37 20.67
C ILE A 237 -20.50 -6.59 21.60
N CYS A 238 -19.90 -7.77 21.51
CA CYS A 238 -18.80 -8.15 22.36
C CYS A 238 -17.59 -8.49 21.52
N ALA A 239 -16.42 -8.20 22.08
CA ALA A 239 -15.16 -8.46 21.41
C ALA A 239 -14.42 -9.63 22.06
N ARG A 240 -13.72 -10.41 21.25
CA ARG A 240 -12.90 -11.50 21.80
C ARG A 240 -11.91 -10.97 22.83
N ASP A 241 -11.76 -11.67 23.93
CA ASP A 241 -10.93 -11.20 25.04
C ASP A 241 -9.55 -10.77 24.60
N LYS A 242 -8.87 -11.60 23.83
CA LYS A 242 -7.47 -11.37 23.50
C LYS A 242 -7.28 -10.18 22.58
N GLU A 243 -8.36 -9.65 22.01
CA GLU A 243 -8.30 -8.48 21.17
C GLU A 243 -8.26 -7.15 21.95
N VAL A 244 -8.20 -7.23 23.26
CA VAL A 244 -8.28 -6.06 24.11
C VAL A 244 -7.13 -5.08 23.90
N GLY A 245 -5.92 -5.60 23.71
CA GLY A 245 -4.79 -4.78 23.33
C GLY A 245 -4.99 -3.97 22.08
N ASN A 246 -5.60 -4.59 21.08
CA ASN A 246 -5.89 -3.91 19.83
C ASN A 246 -6.81 -2.68 20.04
N LEU A 247 -7.67 -2.77 21.04
CA LEU A 247 -8.63 -1.72 21.30
C LEU A 247 -7.98 -0.54 21.96
N TYR A 248 -7.07 -0.84 22.88
CA TYR A 248 -6.28 0.19 23.48
C TYR A 248 -5.47 0.89 22.41
N ASP A 249 -4.92 0.13 21.47
CA ASP A 249 -4.23 0.66 20.33
C ASP A 249 -5.12 1.50 19.44
N MET A 250 -6.38 1.13 19.30
CA MET A 250 -7.28 1.92 18.50
C MET A 250 -7.35 3.33 19.04
N PHE A 251 -7.47 3.48 20.36
CA PHE A 251 -7.55 4.80 20.93
C PHE A 251 -6.25 5.52 20.96
N HIS A 252 -5.17 4.77 21.16
CA HIS A 252 -3.84 5.33 21.04
C HIS A 252 -3.64 5.92 19.64
N THR A 253 -4.04 5.18 18.61
CA THR A 253 -3.99 5.65 17.26
C THR A 253 -4.80 6.95 17.06
N ARG A 254 -5.98 6.97 17.63
CA ARG A 254 -6.85 8.12 17.46
C ARG A 254 -6.18 9.36 18.05
N ASN A 255 -5.57 9.19 19.22
CA ASN A 255 -4.94 10.28 19.88
C ASN A 255 -3.68 10.77 19.13
N SER A 256 -2.95 9.84 18.57
CA SER A 256 -1.81 10.14 17.74
C SER A 256 -2.20 10.85 16.43
N LEU A 257 -3.32 10.49 15.83
CA LEU A 257 -3.82 11.22 14.67
C LEU A 257 -4.20 12.66 15.01
N HIS A 258 -4.76 12.86 16.20
CA HIS A 258 -5.03 14.21 16.63
C HIS A 258 -3.72 15.01 16.89
N ARG A 259 -2.77 14.37 17.56
CA ARG A 259 -1.50 15.03 17.85
C ARG A 259 -0.75 15.42 16.57
N ARG A 260 -0.71 14.54 15.59
CA ARG A 260 0.04 14.81 14.40
C ARG A 260 -0.70 15.64 13.40
N ALA A 261 -2.00 15.42 13.28
CA ALA A 261 -2.70 15.98 12.16
C ALA A 261 -3.89 16.83 12.57
N TYR A 262 -4.84 16.30 13.28
CA TYR A 262 -6.11 17.03 13.41
C TYR A 262 -5.92 18.28 14.25
N GLN A 263 -4.93 18.28 15.11
CA GLN A 263 -4.60 19.40 15.97
C GLN A 263 -3.23 19.99 15.64
N HIS A 264 -2.74 19.78 14.44
CA HIS A 264 -1.55 20.43 14.02
C HIS A 264 -1.66 21.96 14.31
N LYS A 265 -0.61 22.48 14.93
CA LYS A 265 -0.59 23.88 15.39
C LYS A 265 -0.92 24.89 14.28
N VAL A 266 -0.41 24.64 13.11
CA VAL A 266 -0.68 25.51 11.96
C VAL A 266 -2.05 25.24 11.36
N GLY A 267 -2.44 23.96 11.31
CA GLY A 267 -3.78 23.59 10.86
C GLY A 267 -4.80 24.37 11.71
N ASN A 268 -4.58 24.41 13.02
CA ASN A 268 -5.52 25.04 13.90
C ASN A 268 -5.54 26.56 13.70
N ILE A 269 -4.39 27.17 13.44
CA ILE A 269 -4.37 28.61 13.29
C ILE A 269 -5.04 29.00 11.98
N ILE A 270 -4.96 28.14 10.98
CA ILE A 270 -5.65 28.40 9.74
C ILE A 270 -7.17 28.31 9.93
N ASP A 271 -7.61 27.30 10.67
CA ASP A 271 -8.99 27.21 11.08
C ASP A 271 -9.41 28.51 11.77
N THR A 272 -8.56 28.99 12.64
CA THR A 272 -8.86 30.17 13.40
C THR A 272 -8.95 31.40 12.54
N MET A 273 -8.04 31.50 11.59
CA MET A 273 -8.07 32.64 10.67
C MET A 273 -9.31 32.61 9.77
N ILE A 274 -9.68 31.41 9.32
CA ILE A 274 -10.84 31.32 8.49
C ILE A 274 -12.09 31.69 9.32
N THR A 275 -12.12 31.23 10.55
CA THR A 275 -13.21 31.57 11.43
C THR A 275 -13.33 33.10 11.55
N ASP A 276 -12.20 33.75 11.80
CA ASP A 276 -12.20 35.20 11.97
C ASP A 276 -12.74 35.91 10.74
N ALA A 277 -12.35 35.42 9.58
CA ALA A 277 -12.85 35.98 8.32
C ALA A 277 -14.35 35.76 8.17
N PHE A 278 -14.83 34.61 8.62
CA PHE A 278 -16.24 34.35 8.54
C PHE A 278 -16.99 35.29 9.45
N LEU A 279 -16.46 35.57 10.64
CA LEU A 279 -17.11 36.48 11.57
C LEU A 279 -17.26 37.88 10.94
N LYS A 280 -16.20 38.37 10.33
CA LYS A 280 -16.21 39.65 9.65
C LYS A 280 -17.02 39.70 8.36
N ALA A 281 -17.43 38.54 7.84
CA ALA A 281 -18.28 38.50 6.64
C ALA A 281 -19.75 38.25 6.98
N ASP A 282 -20.01 37.84 8.22
CA ASP A 282 -21.28 37.32 8.61
C ASP A 282 -22.43 38.32 8.40
N ASP A 283 -22.16 39.59 8.67
CA ASP A 283 -23.15 40.64 8.51
C ASP A 283 -23.52 40.94 7.04
N TYR A 284 -22.63 40.60 6.10
CA TYR A 284 -22.84 41.00 4.71
C TYR A 284 -23.16 39.86 3.76
N ILE A 285 -22.83 38.64 4.13
CA ILE A 285 -23.13 37.49 3.27
C ILE A 285 -24.56 37.07 3.50
N GLU A 286 -25.30 36.91 2.42
CA GLU A 286 -26.68 36.46 2.51
C GLU A 286 -26.96 35.20 1.67
N ILE A 287 -27.69 34.27 2.28
CA ILE A 287 -27.96 32.97 1.70
C ILE A 287 -29.47 32.75 1.71
N THR A 288 -30.00 32.43 0.54
CA THR A 288 -31.44 32.38 0.37
C THR A 288 -31.99 31.06 0.86
N GLY A 289 -32.83 31.13 1.89
CA GLY A 289 -33.48 29.96 2.44
C GLY A 289 -34.88 29.76 1.90
N ALA A 290 -35.75 29.22 2.76
CA ALA A 290 -37.11 28.88 2.39
C ALA A 290 -37.95 30.10 2.07
N GLY A 291 -38.64 30.04 0.93
CA GLY A 291 -39.54 31.11 0.50
C GLY A 291 -38.85 32.39 0.11
N GLY A 292 -37.62 32.29 -0.40
CA GLY A 292 -36.82 33.48 -0.74
C GLY A 292 -36.24 34.24 0.45
N LYS A 293 -36.57 33.81 1.67
CA LYS A 293 -36.10 34.46 2.87
C LYS A 293 -34.57 34.38 3.00
N LYS A 294 -33.99 35.40 3.62
CA LYS A 294 -32.52 35.53 3.66
C LYS A 294 -31.86 35.31 5.01
N TYR A 295 -30.76 34.57 4.99
CA TYR A 295 -30.07 34.16 6.20
C TYR A 295 -28.62 34.53 6.12
N ARG A 296 -28.00 34.56 7.29
CA ARG A 296 -26.55 34.71 7.40
C ARG A 296 -25.86 33.37 7.54
N ILE A 297 -24.56 33.39 7.37
CA ILE A 297 -23.75 32.22 7.62
C ILE A 297 -24.10 31.65 9.01
N SER A 298 -24.17 32.52 10.00
CA SER A 298 -24.45 32.09 11.37
C SER A 298 -25.92 31.68 11.64
N THR A 299 -26.86 32.03 10.75
CA THR A 299 -28.28 31.70 10.94
C THR A 299 -28.82 30.66 9.96
N ALA A 300 -28.00 30.31 8.97
CA ALA A 300 -28.35 29.25 8.04
C ALA A 300 -28.72 27.95 8.76
N ILE A 301 -28.16 27.73 9.95
CA ILE A 301 -28.48 26.53 10.73
C ILE A 301 -29.94 26.41 11.16
N ASP A 302 -30.69 27.49 11.01
CA ASP A 302 -32.10 27.50 11.38
C ASP A 302 -33.02 27.11 10.24
N ASP A 303 -32.53 27.20 9.00
CA ASP A 303 -33.30 26.74 7.84
C ASP A 303 -32.50 25.79 6.93
N MET A 304 -32.92 24.53 6.87
CA MET A 304 -32.16 23.50 6.17
C MET A 304 -32.01 23.75 4.67
N GLU A 305 -32.96 24.46 4.11
CA GLU A 305 -32.90 24.88 2.72
C GLU A 305 -31.75 25.81 2.47
N ALA A 306 -31.51 26.70 3.43
CA ALA A 306 -30.34 27.57 3.38
C ALA A 306 -29.05 26.82 3.73
N TYR A 307 -29.13 25.92 4.72
CA TYR A 307 -27.98 25.17 5.17
C TYR A 307 -27.40 24.32 4.02
N THR A 308 -28.30 23.73 3.23
CA THR A 308 -27.93 22.98 2.03
C THR A 308 -26.92 23.71 1.14
N LYS A 309 -27.03 25.04 1.09
CA LYS A 309 -26.17 25.88 0.24
C LYS A 309 -24.95 26.42 0.94
N LEU A 310 -24.79 26.07 2.21
CA LEU A 310 -23.65 26.52 3.01
C LEU A 310 -22.53 25.48 3.04
N THR A 311 -21.47 25.77 2.31
CA THR A 311 -20.37 24.84 2.15
C THR A 311 -19.07 25.60 2.10
N ASP A 312 -17.99 24.89 1.80
CA ASP A 312 -16.64 25.48 1.72
C ASP A 312 -16.57 26.60 0.70
N ASN A 313 -17.52 26.61 -0.21
CA ASN A 313 -17.61 27.63 -1.26
C ASN A 313 -17.64 29.06 -0.72
N ILE A 314 -18.20 29.22 0.47
CA ILE A 314 -18.23 30.49 1.16
C ILE A 314 -16.87 31.16 1.24
N PHE A 315 -15.87 30.35 1.47
CA PHE A 315 -14.53 30.81 1.57
C PHE A 315 -14.08 31.54 0.32
N LEU A 316 -14.41 30.99 -0.84
CA LEU A 316 -14.03 31.59 -2.13
C LEU A 316 -14.96 32.72 -2.57
N GLU A 317 -16.21 32.64 -2.14
CA GLU A 317 -17.14 33.73 -2.34
C GLU A 317 -16.54 35.00 -1.70
N ILE A 318 -16.04 34.88 -0.47
CA ILE A 318 -15.39 35.97 0.24
C ILE A 318 -14.07 36.36 -0.38
N LEU A 319 -13.26 35.39 -0.72
CA LEU A 319 -11.95 35.69 -1.27
C LEU A 319 -12.08 36.45 -2.57
N TYR A 320 -13.08 36.10 -3.38
CA TYR A 320 -13.23 36.69 -4.71
C TYR A 320 -14.15 37.88 -4.73
N SER A 321 -14.70 38.26 -3.57
CA SER A 321 -15.64 39.36 -3.52
C SER A 321 -14.99 40.69 -3.90
N THR A 322 -15.80 41.60 -4.43
CA THR A 322 -15.39 43.00 -4.67
C THR A 322 -16.09 44.01 -3.76
N ASP A 323 -17.17 43.58 -3.11
CA ASP A 323 -17.88 44.44 -2.16
C ASP A 323 -16.91 44.99 -1.10
N PRO A 324 -16.79 46.32 -1.00
CA PRO A 324 -15.93 46.92 0.04
C PRO A 324 -16.37 46.64 1.46
N LYS A 325 -17.63 46.25 1.65
CA LYS A 325 -18.09 45.80 2.95
C LYS A 325 -17.21 44.66 3.45
N LEU A 326 -16.82 43.79 2.53
CA LEU A 326 -16.05 42.59 2.88
C LEU A 326 -14.55 42.78 2.82
N LYS A 327 -14.07 44.02 2.75
CA LYS A 327 -12.64 44.24 2.61
C LYS A 327 -11.88 43.54 3.74
N ASP A 328 -12.38 43.60 4.97
CA ASP A 328 -11.61 43.10 6.13
C ASP A 328 -11.52 41.59 6.16
N ALA A 329 -12.66 40.96 5.90
CA ALA A 329 -12.77 39.53 5.81
C ALA A 329 -11.89 39.00 4.68
N ARG A 330 -12.05 39.62 3.51
CA ARG A 330 -11.26 39.28 2.34
C ARG A 330 -9.76 39.44 2.62
N GLU A 331 -9.39 40.44 3.40
CA GLU A 331 -7.98 40.67 3.65
C GLU A 331 -7.36 39.53 4.44
N ILE A 332 -8.14 38.91 5.30
CA ILE A 332 -7.62 37.86 6.14
C ILE A 332 -7.32 36.64 5.31
N LEU A 333 -8.22 36.31 4.39
CA LEU A 333 -8.02 35.16 3.50
C LEU A 333 -6.83 35.38 2.60
N LYS A 334 -6.59 36.62 2.22
CA LYS A 334 -5.44 36.91 1.40
C LYS A 334 -4.15 36.65 2.16
N GLN A 335 -4.13 36.93 3.46
CA GLN A 335 -2.94 36.67 4.24
C GLN A 335 -2.69 35.16 4.37
N ILE A 336 -3.76 34.36 4.33
CA ILE A 336 -3.62 32.92 4.23
C ILE A 336 -2.96 32.49 2.91
N GLU A 337 -3.45 33.02 1.78
CA GLU A 337 -2.83 32.73 0.49
C GLU A 337 -1.37 33.11 0.41
N TYR A 338 -0.97 34.18 1.08
CA TYR A 338 0.42 34.65 1.03
C TYR A 338 1.20 34.01 2.15
N ARG A 339 0.50 33.24 2.97
CA ARG A 339 1.09 32.49 4.06
C ARG A 339 1.69 33.44 5.09
N ASN A 340 1.09 34.62 5.22
CA ASN A 340 1.37 35.49 6.35
C ASN A 340 0.34 35.15 7.41
N LEU A 341 0.67 34.13 8.22
CA LEU A 341 -0.23 33.56 9.21
C LEU A 341 0.10 34.05 10.59
N PHE A 342 -0.86 33.99 11.51
CA PHE A 342 -0.58 34.29 12.90
C PHE A 342 0.50 33.31 13.29
N LYS A 343 1.36 33.70 14.22
CA LYS A 343 2.55 32.92 14.48
C LYS A 343 2.41 32.14 15.76
N TYR A 344 2.70 30.84 15.67
CA TYR A 344 2.75 29.99 16.84
C TYR A 344 3.85 30.44 17.74
N VAL A 345 3.54 30.58 19.03
CA VAL A 345 4.49 30.98 20.03
C VAL A 345 4.97 29.80 20.86
N GLY A 346 4.07 28.92 21.26
CA GLY A 346 4.46 27.72 21.99
C GLY A 346 3.32 26.94 22.58
N GLU A 347 3.68 25.84 23.24
CA GLU A 347 2.72 24.94 23.79
C GLU A 347 3.08 24.63 25.25
N THR A 348 2.07 24.43 26.09
CA THR A 348 2.24 24.07 27.46
C THR A 348 0.97 23.36 27.95
N GLN A 349 1.06 22.78 29.13
CA GLN A 349 -0.07 22.09 29.76
C GLN A 349 -0.25 22.49 31.20
N PRO A 350 -1.49 22.41 31.71
CA PRO A 350 -1.68 22.59 33.14
C PRO A 350 -1.02 21.49 33.93
N THR A 351 -0.89 21.73 35.22
CA THR A 351 -0.16 20.86 36.13
C THR A 351 -1.11 20.31 37.16
N GLY A 352 -0.87 19.07 37.57
CA GLY A 352 -1.64 18.44 38.63
C GLY A 352 -3.13 18.36 38.37
N GLN A 353 -3.91 18.89 39.29
CA GLN A 353 -5.37 18.82 39.21
C GLN A 353 -5.92 19.96 38.36
N ILE A 354 -5.09 20.95 38.07
CA ILE A 354 -5.55 22.17 37.42
C ILE A 354 -6.24 21.85 36.10
N LYS A 355 -7.43 22.39 35.91
CA LYS A 355 -8.17 22.24 34.68
C LYS A 355 -8.76 23.59 34.32
N ILE A 356 -8.93 23.83 33.03
CA ILE A 356 -9.38 25.11 32.53
C ILE A 356 -10.73 25.01 31.89
N LYS A 357 -11.66 25.86 32.36
CA LYS A 357 -13.03 25.80 31.88
C LYS A 357 -13.29 26.74 30.72
N ARG A 358 -14.31 26.43 29.92
CA ARG A 358 -14.63 27.19 28.72
C ARG A 358 -14.90 28.67 28.99
N GLU A 359 -15.53 28.98 30.11
CA GLU A 359 -15.83 30.38 30.44
C GLU A 359 -14.57 31.21 30.64
N ASP A 360 -13.48 30.58 31.07
CA ASP A 360 -12.21 31.27 31.23
C ASP A 360 -11.45 31.53 29.92
N TYR A 361 -11.84 30.91 28.81
CA TYR A 361 -11.08 31.00 27.57
C TYR A 361 -10.89 32.42 27.10
N GLU A 362 -11.94 33.23 27.15
CA GLU A 362 -11.84 34.61 26.68
C GLU A 362 -10.81 35.44 27.47
N SER A 363 -10.55 35.10 28.72
CA SER A 363 -9.70 35.90 29.59
C SER A 363 -8.20 35.57 29.49
N LEU A 364 -7.86 34.51 28.77
CA LEU A 364 -6.47 34.04 28.75
C LEU A 364 -5.52 34.93 27.95
N PRO A 365 -5.95 35.44 26.80
CA PRO A 365 -5.12 36.40 26.11
C PRO A 365 -4.75 37.56 27.03
N LYS A 366 -5.69 37.98 27.88
CA LYS A 366 -5.47 39.09 28.78
C LYS A 366 -4.43 38.68 29.81
N GLU A 367 -4.50 37.44 30.31
CA GLU A 367 -3.50 37.00 31.30
C GLU A 367 -2.08 36.99 30.75
N VAL A 368 -1.93 36.62 29.49
CA VAL A 368 -0.61 36.47 28.88
C VAL A 368 -0.02 37.85 28.68
N ALA A 369 -0.85 38.78 28.24
CA ALA A 369 -0.47 40.18 28.07
C ALA A 369 -0.13 40.88 29.38
N SER A 370 -0.70 40.38 30.47
CA SER A 370 -0.44 40.90 31.82
C SER A 370 0.84 40.39 32.42
N ALA A 371 1.36 39.28 31.92
CA ALA A 371 2.60 38.76 32.47
C ALA A 371 3.69 39.83 32.29
N LYS A 372 4.57 39.96 33.27
CA LYS A 372 5.60 40.99 33.17
C LYS A 372 6.99 40.40 33.33
N PRO A 373 7.53 39.87 32.22
CA PRO A 373 8.83 39.23 32.20
C PRO A 373 9.94 40.24 32.39
N LYS A 374 10.96 39.86 33.17
CA LYS A 374 12.10 40.73 33.46
C LYS A 374 13.06 40.61 32.28
N VAL A 375 12.69 41.21 31.17
CA VAL A 375 13.48 41.15 29.93
C VAL A 375 13.30 42.42 29.10
N LEU A 376 14.31 42.75 28.29
CA LEU A 376 14.33 43.95 27.48
C LEU A 376 13.49 43.80 26.24
N LEU A 377 12.48 44.64 26.10
CA LEU A 377 11.55 44.54 24.99
C LEU A 377 11.40 45.84 24.21
N ASP A 378 11.47 45.73 22.89
CA ASP A 378 11.17 46.84 21.99
C ASP A 378 9.69 47.15 22.05
N VAL A 379 8.89 46.14 21.78
CA VAL A 379 7.44 46.34 21.72
C VAL A 379 6.72 45.75 22.93
N LYS A 380 5.63 46.39 23.28
CA LYS A 380 4.76 45.97 24.35
C LYS A 380 3.53 45.43 23.66
N LEU A 381 3.03 44.28 24.10
CA LEU A 381 1.94 43.60 23.37
C LEU A 381 0.66 43.62 24.17
N LYS A 382 -0.47 43.58 23.48
CA LYS A 382 -1.80 43.69 24.09
C LYS A 382 -2.57 42.40 24.02
N ALA A 383 -3.61 42.29 24.83
CA ALA A 383 -4.45 41.08 24.84
C ALA A 383 -4.91 40.64 23.46
N GLU A 384 -5.40 41.60 22.70
CA GLU A 384 -5.91 41.37 21.36
C GLU A 384 -4.86 40.88 20.35
N ASP A 385 -3.58 41.02 20.67
CA ASP A 385 -2.50 40.48 19.83
C ASP A 385 -2.29 38.97 20.03
N PHE A 386 -2.85 38.42 21.09
CA PHE A 386 -2.63 37.02 21.44
C PHE A 386 -3.85 36.17 21.16
N ILE A 387 -3.59 34.98 20.67
CA ILE A 387 -4.57 33.95 20.57
C ILE A 387 -4.14 32.79 21.42
N VAL A 388 -5.10 32.23 22.17
CA VAL A 388 -4.83 31.09 23.04
C VAL A 388 -5.81 30.01 22.71
N ASP A 389 -5.35 28.91 22.16
CA ASP A 389 -6.21 27.79 21.80
C ASP A 389 -6.07 26.78 22.94
N VAL A 390 -7.18 26.32 23.49
CA VAL A 390 -7.15 25.25 24.48
C VAL A 390 -7.73 23.97 23.90
N ILE A 391 -7.01 22.87 24.00
CA ILE A 391 -7.38 21.66 23.29
C ILE A 391 -7.50 20.55 24.29
N ASN A 392 -8.71 19.97 24.35
CA ASN A 392 -8.95 18.85 25.27
C ASN A 392 -8.69 17.53 24.56
N MET A 393 -7.63 16.83 24.94
CA MET A 393 -7.34 15.55 24.36
C MET A 393 -7.82 14.46 25.30
N ASP A 394 -8.60 13.51 24.81
CA ASP A 394 -9.01 12.36 25.62
C ASP A 394 -9.14 11.11 24.78
N TYR A 395 -9.54 10.03 25.42
CA TYR A 395 -9.93 8.80 24.73
C TYR A 395 -11.45 8.74 24.44
N GLY A 396 -12.08 9.89 24.23
CA GLY A 396 -13.46 9.96 23.84
C GLY A 396 -14.45 10.04 24.97
N MET A 397 -14.03 9.93 26.23
CA MET A 397 -14.98 9.92 27.34
C MET A 397 -14.47 10.72 28.52
N GLN A 398 -14.00 11.92 28.24
CA GLN A 398 -13.33 12.73 29.22
C GLN A 398 -12.30 11.89 29.99
N GLU A 399 -12.38 11.93 31.32
N GLU A 399 -12.38 11.93 31.32
CA GLU A 399 -11.42 11.26 32.19
CA GLU A 399 -11.42 11.28 32.19
C GLU A 399 -11.56 9.75 32.18
C GLU A 399 -11.56 9.75 32.19
N LYS A 400 -12.67 9.24 31.65
CA LYS A 400 -12.94 7.81 31.66
C LYS A 400 -12.23 6.99 30.61
N ASN A 401 -11.90 5.76 31.01
CA ASN A 401 -11.36 4.71 30.16
C ASN A 401 -12.47 3.95 29.43
N PRO A 402 -12.54 4.08 28.12
CA PRO A 402 -13.62 3.42 27.37
C PRO A 402 -13.59 1.90 27.35
N ILE A 403 -12.45 1.30 27.62
CA ILE A 403 -12.35 -0.14 27.67
C ILE A 403 -13.04 -0.74 28.92
N ASP A 404 -13.13 0.05 29.99
CA ASP A 404 -13.99 -0.26 31.11
C ASP A 404 -15.46 -0.36 30.68
N HIS A 405 -15.83 0.19 29.53
CA HIS A 405 -17.21 0.12 29.04
C HIS A 405 -17.41 -0.79 27.84
N VAL A 406 -16.56 -1.82 27.78
CA VAL A 406 -16.55 -2.78 26.68
C VAL A 406 -16.74 -4.16 27.29
N SER A 407 -17.50 -4.98 26.58
CA SER A 407 -17.72 -6.36 26.95
C SER A 407 -16.98 -7.32 26.04
N PHE A 408 -16.44 -8.37 26.64
CA PHE A 408 -15.65 -9.36 25.91
C PHE A 408 -16.22 -10.74 26.02
N TYR A 409 -15.67 -11.66 25.25
CA TYR A 409 -16.00 -13.08 25.40
C TYR A 409 -14.74 -13.90 25.19
N CYS A 410 -14.73 -15.12 25.69
N CYS A 410 -14.74 -15.12 25.67
CA CYS A 410 -13.56 -15.99 25.54
CA CYS A 410 -13.59 -15.99 25.58
C CYS A 410 -13.94 -17.18 24.70
C CYS A 410 -13.96 -17.19 24.71
N LYS A 411 -12.95 -17.88 24.18
CA LYS A 411 -13.21 -18.91 23.19
C LYS A 411 -13.88 -20.15 23.77
N THR A 412 -13.66 -20.40 25.06
CA THR A 412 -14.30 -21.56 25.73
C THR A 412 -15.79 -21.33 26.02
N ALA A 413 -16.23 -20.07 26.11
CA ALA A 413 -17.66 -19.74 26.32
C ALA A 413 -18.08 -18.49 25.53
N PRO A 414 -18.29 -18.65 24.23
CA PRO A 414 -18.50 -17.52 23.33
C PRO A 414 -19.76 -16.72 23.55
N ASN A 415 -20.73 -17.30 24.24
CA ASN A 415 -21.95 -16.58 24.56
C ASN A 415 -21.91 -15.88 25.89
N ARG A 416 -20.86 -16.09 26.64
CA ARG A 416 -20.78 -15.53 27.97
C ARG A 416 -19.87 -14.28 27.99
N ALA A 417 -20.53 -13.14 28.19
CA ALA A 417 -19.89 -11.83 28.26
C ALA A 417 -19.10 -11.68 29.53
N ILE A 418 -18.02 -10.93 29.47
CA ILE A 418 -17.15 -10.66 30.61
C ILE A 418 -16.57 -9.27 30.52
N ARG A 419 -15.92 -8.86 31.60
CA ARG A 419 -15.26 -7.55 31.70
C ARG A 419 -13.78 -7.74 31.91
N ILE A 420 -12.97 -6.83 31.36
CA ILE A 420 -11.54 -6.87 31.57
C ILE A 420 -11.06 -5.50 32.07
N THR A 421 -10.30 -5.51 33.15
CA THR A 421 -9.76 -4.31 33.75
C THR A 421 -8.40 -4.01 33.13
N LYS A 422 -7.93 -2.77 33.30
CA LYS A 422 -6.67 -2.32 32.72
C LYS A 422 -5.50 -3.13 33.27
N ASN A 423 -5.57 -3.43 34.55
CA ASN A 423 -4.50 -4.15 35.23
C ASN A 423 -4.37 -5.58 34.70
N GLN A 424 -5.46 -6.10 34.13
CA GLN A 424 -5.41 -7.41 33.49
C GLN A 424 -4.77 -7.38 32.12
N VAL A 425 -4.44 -6.20 31.61
CA VAL A 425 -3.91 -6.09 30.25
C VAL A 425 -2.42 -5.78 30.23
N SER A 426 -2.03 -4.64 30.78
CA SER A 426 -0.64 -4.19 30.74
C SER A 426 -0.39 -3.04 31.69
N GLN A 427 0.85 -2.94 32.16
CA GLN A 427 1.30 -1.79 32.97
C GLN A 427 1.81 -0.68 32.10
N LEU A 428 2.04 -0.99 30.82
CA LEU A 428 2.54 -0.04 29.87
C LEU A 428 1.44 0.84 29.28
N LEU A 429 0.25 0.81 29.88
CA LEU A 429 -0.84 1.61 29.40
C LEU A 429 -0.86 2.92 30.17
N PRO A 430 -1.56 3.94 29.63
CA PRO A 430 -1.70 5.25 30.30
C PRO A 430 -2.37 5.19 31.66
N GLU A 431 -1.99 6.04 32.58
CA GLU A 431 -2.71 6.12 33.86
C GLU A 431 -3.86 7.10 33.78
N LYS A 432 -3.76 8.07 32.89
CA LYS A 432 -4.82 9.04 32.69
C LYS A 432 -5.32 8.94 31.27
N PHE A 433 -6.56 9.37 31.05
CA PHE A 433 -7.19 9.32 29.73
C PHE A 433 -7.73 10.66 29.23
N ALA A 434 -7.32 11.76 29.87
CA ALA A 434 -7.60 13.10 29.36
C ALA A 434 -6.54 14.11 29.75
N GLU A 435 -6.38 15.13 28.92
CA GLU A 435 -5.44 16.19 29.19
C GLU A 435 -5.82 17.43 28.38
N GLN A 436 -5.23 18.55 28.75
CA GLN A 436 -5.39 19.77 27.97
C GLN A 436 -4.05 20.26 27.45
N LEU A 437 -4.06 20.79 26.23
CA LEU A 437 -2.93 21.47 25.63
C LEU A 437 -3.30 22.93 25.47
N ILE A 438 -2.36 23.82 25.76
CA ILE A 438 -2.53 25.22 25.49
C ILE A 438 -1.54 25.64 24.46
N ARG A 439 -2.05 26.19 23.35
CA ARG A 439 -1.21 26.77 22.30
C ARG A 439 -1.41 28.25 22.36
N VAL A 440 -0.30 28.99 22.26
CA VAL A 440 -0.38 30.44 22.17
C VAL A 440 0.17 30.84 20.81
N TYR A 441 -0.58 31.71 20.14
CA TYR A 441 -0.17 32.33 18.92
C TYR A 441 -0.22 33.87 19.00
N CYS A 442 0.54 34.54 18.14
CA CYS A 442 0.58 36.00 18.11
C CYS A 442 0.15 36.53 16.77
N LYS A 443 -0.72 37.51 16.76
CA LYS A 443 -1.17 38.12 15.50
C LYS A 443 -0.15 39.10 14.90
N LYS A 444 0.80 39.56 15.69
CA LYS A 444 1.87 40.43 15.18
C LYS A 444 3.04 39.52 14.79
N VAL A 445 3.41 39.54 13.52
CA VAL A 445 4.31 38.52 12.98
C VAL A 445 5.80 38.87 12.96
N ASP A 446 6.13 40.14 13.06
CA ASP A 446 7.52 40.56 12.92
C ASP A 446 8.43 39.98 14.00
N ARG A 447 9.74 39.99 13.73
CA ARG A 447 10.74 39.35 14.58
C ARG A 447 10.66 39.84 16.01
N LYS A 448 10.44 41.14 16.17
CA LYS A 448 10.48 41.76 17.46
C LYS A 448 9.24 41.45 18.26
N SER A 449 8.10 41.43 17.59
CA SER A 449 6.82 41.13 18.27
C SER A 449 6.79 39.68 18.68
N LEU A 450 7.33 38.84 17.83
CA LEU A 450 7.44 37.42 18.12
C LEU A 450 8.42 37.13 19.27
N TYR A 451 9.56 37.78 19.23
CA TYR A 451 10.51 37.64 20.30
C TYR A 451 9.83 37.96 21.61
N ALA A 452 9.09 39.06 21.63
CA ALA A 452 8.40 39.55 22.83
C ALA A 452 7.35 38.58 23.30
N ALA A 453 6.56 38.10 22.36
CA ALA A 453 5.48 37.19 22.63
C ALA A 453 5.97 35.95 23.33
N ARG A 454 7.17 35.50 22.97
CA ARG A 454 7.75 34.32 23.63
C ARG A 454 8.06 34.53 25.09
N GLN A 455 8.42 35.76 25.40
CA GLN A 455 8.81 36.10 26.74
C GLN A 455 7.55 36.11 27.63
N TYR A 456 6.49 36.77 27.14
CA TYR A 456 5.21 36.82 27.84
C TYR A 456 4.73 35.40 28.12
N PHE A 457 4.75 34.60 27.05
CA PHE A 457 4.25 33.26 27.08
C PHE A 457 4.95 32.44 28.14
N VAL A 458 6.26 32.43 28.10
CA VAL A 458 7.01 31.60 29.03
C VAL A 458 6.84 32.12 30.45
N GLN A 459 6.77 33.42 30.60
CA GLN A 459 6.58 34.05 31.91
C GLN A 459 5.24 33.64 32.48
N TRP A 460 4.23 33.69 31.63
CA TRP A 460 2.90 33.33 32.01
C TRP A 460 2.81 31.86 32.41
N CYS A 461 3.49 30.97 31.67
CA CYS A 461 3.61 29.55 32.07
C CYS A 461 4.17 29.44 33.47
N ALA A 462 5.23 30.17 33.75
CA ALA A 462 5.85 30.16 35.06
C ALA A 462 4.88 30.70 36.11
N ASP A 463 4.16 31.77 35.80
CA ASP A 463 3.23 32.40 36.76
C ASP A 463 2.12 31.42 37.15
N ARG A 464 1.66 30.65 36.18
CA ARG A 464 0.54 29.76 36.35
C ARG A 464 0.96 28.38 36.73
N ASN A 465 2.26 28.16 36.87
CA ASN A 465 2.79 26.87 37.22
C ASN A 465 2.42 25.79 36.19
N PHE A 466 2.48 26.17 34.92
CA PHE A 466 2.31 25.24 33.84
C PHE A 466 3.60 24.52 33.50
N THR A 467 3.53 23.54 32.61
CA THR A 467 4.70 22.77 32.23
C THR A 467 5.62 23.65 31.39
N LYS A 468 6.91 23.36 31.50
CA LYS A 468 7.94 24.09 30.78
C LYS A 468 7.87 23.79 29.32
N PRO A 469 7.64 24.82 28.49
CA PRO A 469 7.60 24.55 27.07
C PRO A 469 8.90 23.86 26.69
N GLN A 470 8.83 22.99 25.70
CA GLN A 470 9.98 22.19 25.33
C GLN A 470 11.19 23.00 24.95
N ASP A 471 10.95 24.10 24.26
CA ASP A 471 12.04 24.99 23.81
C ASP A 471 12.19 26.20 24.71
N GLY A 472 11.68 26.13 25.93
CA GLY A 472 11.71 27.25 26.87
C GLY A 472 13.06 27.88 27.05
N ASP A 473 14.06 27.04 27.30
CA ASP A 473 15.42 27.55 27.55
C ASP A 473 16.04 28.22 26.34
N VAL A 474 15.66 27.80 25.16
CA VAL A 474 16.15 28.40 23.95
C VAL A 474 15.42 29.70 23.61
N ILE A 475 14.09 29.72 23.68
CA ILE A 475 13.39 30.96 23.31
C ILE A 475 13.38 32.05 24.40
N ALA A 476 13.40 31.64 25.67
CA ALA A 476 13.34 32.59 26.77
C ALA A 476 14.34 32.20 27.86
N PRO A 477 15.62 32.35 27.53
CA PRO A 477 16.66 31.88 28.44
C PRO A 477 16.72 32.70 29.70
N LEU A 478 16.35 33.97 29.62
CA LEU A 478 16.31 34.82 30.81
C LEU A 478 15.14 34.61 31.75
N ILE A 479 14.07 33.93 31.28
CA ILE A 479 12.89 33.65 32.10
C ILE A 479 12.92 32.31 32.83
N THR A 480 13.36 31.26 32.15
CA THR A 480 13.30 29.89 32.64
C THR A 480 14.10 29.59 33.92
N PRO A 481 15.19 30.31 34.15
CA PRO A 481 15.97 30.09 35.36
C PRO A 481 15.22 30.39 36.67
N GLN A 482 14.30 31.35 36.64
CA GLN A 482 13.57 31.76 37.86
C GLN A 482 12.80 30.59 38.50
N LYS A 483 12.32 29.70 37.66
CA LYS A 483 11.54 28.57 38.13
C LYS A 483 12.45 27.38 38.50
N LYS A 484 12.45 27.03 39.79
CA LYS A 484 13.28 25.91 40.29
C LYS A 484 12.98 24.61 39.57
N GLU A 485 11.70 24.23 39.59
CA GLU A 485 11.20 22.96 39.07
C GLU A 485 11.69 22.66 37.66
N TRP A 486 11.76 23.71 36.85
CA TRP A 486 12.18 23.61 35.48
C TRP A 486 13.68 23.38 35.30
N ASN A 487 14.48 23.95 36.19
CA ASN A 487 15.95 24.14 35.99
C ASN A 487 16.21 25.43 35.18
N THR B 2 31.44 -2.46 -11.04
CA THR B 2 30.80 -1.19 -10.56
C THR B 2 29.51 -1.52 -9.81
N MET B 3 28.75 -0.47 -9.47
CA MET B 3 27.65 -0.58 -8.52
C MET B 3 26.45 -1.40 -9.04
N LYS B 4 25.76 -2.11 -8.14
CA LYS B 4 24.53 -2.88 -8.48
C LYS B 4 23.27 -2.27 -7.90
N VAL B 5 22.16 -2.52 -8.58
CA VAL B 5 20.84 -2.15 -8.13
C VAL B 5 20.02 -3.38 -7.75
N ILE B 6 19.41 -3.33 -6.58
CA ILE B 6 18.53 -4.41 -6.13
C ILE B 6 17.16 -3.86 -5.86
N ASN B 7 16.13 -4.53 -6.37
CA ASN B 7 14.75 -4.17 -6.05
C ASN B 7 14.24 -4.84 -4.81
N ASP B 8 13.97 -4.02 -3.79
CA ASP B 8 13.41 -4.46 -2.54
C ASP B 8 12.01 -3.90 -2.40
N PRO B 9 11.06 -4.74 -1.99
CA PRO B 9 9.68 -4.35 -1.88
C PRO B 9 9.50 -3.31 -0.82
N ILE B 10 10.30 -3.31 0.21
CA ILE B 10 10.17 -2.28 1.24
C ILE B 10 10.73 -0.94 0.79
N HIS B 11 11.90 -0.97 0.19
CA HIS B 11 12.68 0.25 -0.04
C HIS B 11 12.78 0.64 -1.49
N GLY B 12 12.33 -0.19 -2.42
CA GLY B 12 12.49 0.11 -3.80
C GLY B 12 13.88 -0.24 -4.25
N HIS B 13 14.35 0.45 -5.28
CA HIS B 13 15.64 0.18 -5.85
C HIS B 13 16.73 0.69 -4.97
N ILE B 14 17.59 -0.22 -4.55
CA ILE B 14 18.70 0.06 -3.70
C ILE B 14 19.99 -0.12 -4.48
N GLU B 15 20.90 0.84 -4.36
CA GLU B 15 22.20 0.79 -5.01
C GLU B 15 23.22 0.22 -4.06
N LEU B 16 24.02 -0.70 -4.56
CA LEU B 16 25.06 -1.32 -3.76
C LEU B 16 26.43 -1.08 -4.35
N HIS B 17 27.30 -0.55 -3.51
CA HIS B 17 28.68 -0.33 -3.84
C HIS B 17 29.40 -1.68 -4.00
N PRO B 18 30.32 -1.75 -4.98
CA PRO B 18 31.00 -3.00 -5.32
C PRO B 18 31.60 -3.74 -4.14
N LEU B 19 32.13 -3.00 -3.21
CA LEU B 19 32.68 -3.58 -2.01
C LEU B 19 31.61 -4.33 -1.24
N LEU B 20 30.41 -3.74 -1.12
CA LEU B 20 29.31 -4.39 -0.38
C LEU B 20 28.85 -5.65 -1.11
N VAL B 21 28.77 -5.57 -2.43
CA VAL B 21 28.45 -6.72 -3.25
C VAL B 21 29.41 -7.89 -2.98
N ARG B 22 30.69 -7.57 -2.95
CA ARG B 22 31.69 -8.57 -2.69
C ARG B 22 31.45 -9.24 -1.35
N ILE B 23 31.12 -8.46 -0.34
CA ILE B 23 30.86 -9.01 0.98
C ILE B 23 29.60 -9.90 0.97
N ILE B 24 28.61 -9.44 0.22
CA ILE B 24 27.32 -10.11 0.15
C ILE B 24 27.43 -11.46 -0.53
N ASP B 25 28.22 -11.52 -1.60
CA ASP B 25 28.41 -12.75 -2.37
C ASP B 25 29.44 -13.72 -1.79
N THR B 26 29.18 -14.14 -0.56
CA THR B 26 30.00 -15.07 0.15
C THR B 26 29.06 -16.07 0.81
N PRO B 27 29.60 -17.25 1.15
CA PRO B 27 28.76 -18.24 1.79
C PRO B 27 28.27 -17.79 3.15
N GLN B 28 29.09 -17.00 3.84
CA GLN B 28 28.79 -16.56 5.18
C GLN B 28 27.59 -15.61 5.16
N PHE B 29 27.50 -14.76 4.14
CA PHE B 29 26.36 -13.85 4.05
C PHE B 29 25.17 -14.56 3.46
N GLN B 30 25.40 -15.36 2.41
CA GLN B 30 24.30 -15.99 1.69
C GLN B 30 23.55 -17.01 2.56
N ARG B 31 24.23 -17.46 3.60
CA ARG B 31 23.63 -18.29 4.65
C ARG B 31 22.36 -17.69 5.24
N LEU B 32 22.32 -16.38 5.35
CA LEU B 32 21.16 -15.69 5.90
C LEU B 32 19.89 -15.87 5.07
N ARG B 33 20.01 -16.33 3.83
CA ARG B 33 18.82 -16.69 3.05
C ARG B 33 18.00 -17.81 3.66
N TYR B 34 18.62 -18.63 4.52
CA TYR B 34 17.97 -19.85 4.99
C TYR B 34 17.73 -19.76 6.48
N ILE B 35 17.49 -18.53 6.93
CA ILE B 35 17.16 -18.23 8.31
C ILE B 35 16.00 -17.25 8.40
N LYS B 36 14.85 -17.74 8.87
CA LYS B 36 13.63 -16.92 8.92
C LYS B 36 13.81 -15.82 9.92
N GLN B 37 13.44 -14.62 9.51
CA GLN B 37 13.50 -13.48 10.38
C GLN B 37 12.76 -13.76 11.68
N LEU B 38 11.56 -14.30 11.55
CA LEU B 38 10.66 -14.44 12.68
C LEU B 38 10.56 -15.84 13.25
N GLY B 39 11.41 -16.76 12.79
CA GLY B 39 11.42 -18.15 13.26
C GLY B 39 10.11 -18.93 13.15
N GLY B 40 9.57 -19.35 14.31
CA GLY B 40 8.26 -20.01 14.37
C GLY B 40 7.06 -19.15 14.03
N GLY B 41 7.23 -17.83 13.92
CA GLY B 41 6.14 -16.95 13.53
C GLY B 41 5.50 -17.25 12.16
N TYR B 42 6.26 -17.79 11.22
CA TYR B 42 5.74 -18.23 9.93
C TYR B 42 4.67 -19.31 10.07
N TYR B 43 4.73 -20.06 11.17
CA TYR B 43 3.75 -21.11 11.47
C TYR B 43 2.44 -20.57 12.01
N VAL B 44 2.42 -19.25 12.26
CA VAL B 44 1.21 -18.56 12.65
C VAL B 44 0.76 -17.51 11.62
N PHE B 45 1.74 -16.85 11.03
CA PHE B 45 1.55 -15.72 10.12
C PHE B 45 2.17 -16.18 8.81
N PRO B 46 1.38 -16.73 7.91
CA PRO B 46 1.93 -17.33 6.69
C PRO B 46 2.58 -16.40 5.69
N GLY B 47 2.38 -15.10 5.83
CA GLY B 47 3.10 -14.12 5.03
C GLY B 47 4.54 -13.98 5.45
N ALA B 48 4.86 -14.35 6.70
CA ALA B 48 6.18 -14.19 7.26
C ALA B 48 7.17 -15.28 6.84
N SER B 49 7.32 -15.40 5.54
CA SER B 49 8.32 -16.24 4.91
C SER B 49 9.72 -15.60 4.83
N HIS B 50 9.81 -14.30 5.03
CA HIS B 50 11.05 -13.58 4.90
C HIS B 50 12.19 -14.00 5.83
N ASN B 51 13.40 -13.87 5.27
CA ASN B 51 14.66 -14.34 5.88
C ASN B 51 15.56 -13.15 6.24
N ARG B 52 16.56 -13.43 7.05
CA ARG B 52 17.46 -12.40 7.58
C ARG B 52 18.23 -11.69 6.46
N PHE B 53 18.45 -12.38 5.35
CA PHE B 53 19.16 -11.85 4.20
C PHE B 53 18.62 -10.49 3.74
N GLU B 54 17.37 -10.46 3.35
CA GLU B 54 16.74 -9.24 2.85
C GLU B 54 16.69 -8.15 3.91
N HIS B 55 16.45 -8.55 5.17
CA HIS B 55 16.45 -7.61 6.27
C HIS B 55 17.81 -6.91 6.34
N SER B 56 18.86 -7.69 6.19
CA SER B 56 20.22 -7.19 6.22
C SER B 56 20.57 -6.20 5.10
N LEU B 57 20.13 -6.48 3.88
CA LEU B 57 20.24 -5.48 2.83
C LEU B 57 19.56 -4.17 3.26
N GLY B 58 18.36 -4.27 3.80
CA GLY B 58 17.58 -3.10 4.13
C GLY B 58 18.27 -2.34 5.22
N VAL B 59 18.92 -3.06 6.13
CA VAL B 59 19.58 -2.34 7.22
C VAL B 59 20.78 -1.58 6.68
N GLY B 60 21.51 -2.24 5.77
CA GLY B 60 22.64 -1.66 5.14
C GLY B 60 22.24 -0.41 4.43
N TYR B 61 21.12 -0.48 3.74
CA TYR B 61 20.69 0.67 2.92
C TYR B 61 20.25 1.85 3.75
N LEU B 62 19.49 1.59 4.80
CA LEU B 62 19.10 2.65 5.69
C LEU B 62 20.29 3.30 6.42
N ALA B 63 21.28 2.49 6.83
CA ALA B 63 22.46 3.05 7.47
C ALA B 63 23.09 4.06 6.53
N GLY B 64 23.19 3.69 5.26
CA GLY B 64 23.70 4.57 4.23
C GLY B 64 22.89 5.84 4.07
N CYS B 65 21.56 5.72 4.11
CA CYS B 65 20.65 6.86 3.93
C CYS B 65 20.87 7.89 4.98
N LEU B 66 21.01 7.43 6.22
CA LEU B 66 21.14 8.35 7.34
C LEU B 66 22.49 9.11 7.37
N VAL B 67 23.57 8.36 7.21
CA VAL B 67 24.91 8.94 7.22
C VAL B 67 25.04 9.91 6.05
N HIS B 68 24.54 9.53 4.87
CA HIS B 68 24.48 10.46 3.72
C HIS B 68 23.71 11.75 4.02
N ALA B 69 22.58 11.62 4.70
CA ALA B 69 21.73 12.77 4.98
C ALA B 69 22.41 13.74 5.94
N LEU B 70 23.09 13.18 6.95
CA LEU B 70 23.85 14.00 7.88
C LEU B 70 24.98 14.75 7.18
N GLY B 71 25.72 14.06 6.32
CA GLY B 71 26.78 14.69 5.56
C GLY B 71 26.30 15.78 4.64
N GLU B 72 25.17 15.57 3.96
CA GLU B 72 24.59 16.60 3.10
C GLU B 72 24.16 17.83 3.91
N LYS B 73 23.50 17.61 5.04
CA LYS B 73 23.00 18.71 5.86
C LYS B 73 24.15 19.45 6.49
N GLN B 74 25.16 18.72 6.97
CA GLN B 74 26.32 19.33 7.58
C GLN B 74 27.65 18.83 7.04
N PRO B 75 28.29 19.59 6.15
CA PRO B 75 29.64 19.30 5.68
C PRO B 75 30.72 19.40 6.77
N GLU B 76 30.52 20.32 7.71
CA GLU B 76 31.44 20.52 8.80
C GLU B 76 31.73 19.25 9.59
N LEU B 77 30.83 18.30 9.51
CA LEU B 77 31.05 17.00 10.10
C LEU B 77 32.23 16.27 9.49
N GLN B 78 32.52 16.57 8.22
CA GLN B 78 33.62 15.94 7.53
C GLN B 78 33.46 14.43 7.38
N ILE B 79 32.27 14.00 7.04
CA ILE B 79 32.01 12.58 6.84
C ILE B 79 32.60 12.17 5.49
N SER B 80 33.39 11.11 5.48
CA SER B 80 34.03 10.62 4.25
C SER B 80 33.32 9.41 3.67
N GLU B 81 33.57 9.15 2.38
CA GLU B 81 33.08 7.93 1.76
C GLU B 81 33.54 6.72 2.60
N ARG B 82 34.73 6.82 3.16
CA ARG B 82 35.25 5.75 3.99
C ARG B 82 34.34 5.49 5.18
N ASP B 83 33.89 6.56 5.81
CA ASP B 83 32.94 6.46 6.93
C ASP B 83 31.65 5.83 6.46
N VAL B 84 31.16 6.29 5.32
CA VAL B 84 29.89 5.82 4.80
C VAL B 84 29.94 4.31 4.61
N LEU B 85 31.01 3.84 3.96
CA LEU B 85 31.07 2.41 3.65
C LEU B 85 31.22 1.56 4.89
N CYS B 86 31.95 2.06 5.87
CA CYS B 86 32.09 1.34 7.13
C CYS B 86 30.74 1.21 7.86
N VAL B 87 29.93 2.25 7.80
CA VAL B 87 28.63 2.25 8.47
C VAL B 87 27.70 1.29 7.73
N GLN B 88 27.75 1.32 6.40
CA GLN B 88 26.94 0.41 5.64
C GLN B 88 27.32 -1.03 5.89
N ILE B 89 28.63 -1.34 5.87
CA ILE B 89 29.05 -2.71 6.08
C ILE B 89 28.57 -3.18 7.43
N ALA B 90 28.69 -2.34 8.45
CA ALA B 90 28.18 -2.68 9.77
C ALA B 90 26.67 -2.97 9.74
N GLY B 91 25.94 -2.19 8.98
CA GLY B 91 24.51 -2.41 8.85
C GLY B 91 24.20 -3.76 8.20
N LEU B 92 24.84 -4.02 7.06
CA LEU B 92 24.71 -5.34 6.41
C LEU B 92 25.08 -6.52 7.26
N CYS B 93 26.04 -6.32 8.16
CA CYS B 93 26.66 -7.43 8.86
C CYS B 93 26.23 -7.67 10.29
N ARG B 94 25.32 -6.85 10.81
CA ARG B 94 24.93 -7.04 12.21
C ARG B 94 24.03 -8.27 12.42
N ASN B 95 23.41 -8.80 11.38
CA ASN B 95 22.61 -10.03 11.53
C ASN B 95 23.36 -11.32 11.22
N LEU B 96 24.65 -11.20 10.90
CA LEU B 96 25.44 -12.37 10.45
C LEU B 96 25.46 -13.50 11.44
N GLY B 97 25.37 -13.16 12.73
CA GLY B 97 25.48 -14.13 13.80
C GLY B 97 24.23 -14.90 14.16
N HIS B 98 23.08 -14.60 13.54
CA HIS B 98 21.82 -15.25 13.94
C HIS B 98 21.85 -16.71 13.59
N GLY B 99 21.14 -17.49 14.37
CA GLY B 99 21.10 -18.96 14.17
C GLY B 99 19.75 -19.41 13.66
N PRO B 100 19.56 -20.73 13.53
CA PRO B 100 18.29 -21.24 13.02
C PRO B 100 17.14 -20.67 13.78
N PHE B 101 16.13 -20.24 13.03
CA PHE B 101 14.92 -19.57 13.56
C PHE B 101 15.22 -18.32 14.40
N SER B 102 16.32 -17.65 14.06
CA SER B 102 16.65 -16.39 14.69
C SER B 102 16.65 -16.46 16.22
N HIS B 103 15.74 -15.71 16.85
CA HIS B 103 15.82 -15.50 18.29
C HIS B 103 15.56 -16.75 19.08
N MET B 104 14.93 -17.72 18.44
CA MET B 104 14.74 -19.02 19.06
C MET B 104 16.09 -19.65 19.45
N PHE B 105 17.08 -19.50 18.57
CA PHE B 105 18.39 -20.04 18.81
C PHE B 105 19.07 -19.45 20.03
N ASP B 106 19.27 -18.14 20.04
CA ASP B 106 19.96 -17.53 21.18
C ASP B 106 19.03 -17.25 22.36
N GLY B 107 17.74 -17.15 22.13
CA GLY B 107 16.78 -16.86 23.22
C GLY B 107 16.35 -18.09 23.97
N ARG B 108 16.28 -19.23 23.29
CA ARG B 108 15.80 -20.45 23.94
C ARG B 108 16.82 -21.58 23.93
N PHE B 109 17.29 -21.98 22.76
CA PHE B 109 18.08 -23.22 22.65
C PHE B 109 19.48 -23.23 23.30
N ILE B 110 20.29 -22.20 23.04
CA ILE B 110 21.59 -22.12 23.60
C ILE B 110 21.53 -21.96 25.12
N PRO B 111 20.67 -21.07 25.63
CA PRO B 111 20.59 -20.96 27.08
C PRO B 111 20.33 -22.28 27.79
N LEU B 112 19.55 -23.16 27.16
CA LEU B 112 19.22 -24.44 27.76
C LEU B 112 20.23 -25.55 27.45
N ALA B 113 20.93 -25.44 26.32
CA ALA B 113 21.86 -26.49 25.91
C ALA B 113 23.23 -26.21 26.44
N ARG B 114 23.60 -24.94 26.55
CA ARG B 114 24.91 -24.55 27.05
C ARG B 114 24.74 -23.43 28.09
N PRO B 115 24.12 -23.76 29.25
CA PRO B 115 23.80 -22.75 30.28
C PRO B 115 24.97 -21.92 30.82
N GLU B 116 26.16 -22.53 30.89
CA GLU B 116 27.34 -21.86 31.43
C GLU B 116 27.81 -20.73 30.51
N VAL B 117 27.76 -20.96 29.20
CA VAL B 117 28.30 -20.02 28.24
C VAL B 117 27.41 -18.80 28.13
N LYS B 118 28.01 -17.64 27.87
CA LYS B 118 27.26 -16.44 27.60
C LYS B 118 27.42 -16.13 26.12
N TRP B 119 26.30 -16.04 25.40
CA TRP B 119 26.34 -15.92 23.96
C TRP B 119 25.16 -15.14 23.45
N THR B 120 25.42 -14.32 22.46
CA THR B 120 24.38 -13.53 21.85
C THR B 120 24.67 -13.55 20.36
N HIS B 121 23.65 -13.28 19.56
CA HIS B 121 23.82 -13.25 18.10
C HIS B 121 24.77 -12.12 17.75
N GLU B 122 24.90 -11.14 18.64
CA GLU B 122 25.84 -10.03 18.40
C GLU B 122 27.29 -10.53 18.41
N GLN B 123 27.62 -11.29 19.45
CA GLN B 123 28.92 -11.97 19.54
C GLN B 123 29.19 -12.70 18.25
N GLY B 124 28.19 -13.45 17.78
CA GLY B 124 28.33 -14.27 16.60
C GLY B 124 28.51 -13.48 15.35
N SER B 125 27.87 -12.32 15.30
CA SER B 125 27.91 -11.48 14.13
C SER B 125 29.36 -11.08 13.92
N VAL B 126 30.02 -10.72 15.01
CA VAL B 126 31.43 -10.31 14.97
C VAL B 126 32.38 -11.44 14.54
N MET B 127 32.20 -12.61 15.11
CA MET B 127 33.05 -13.77 14.75
C MET B 127 32.83 -14.17 13.29
N MET B 128 31.56 -14.15 12.88
CA MET B 128 31.24 -14.50 11.51
C MET B 128 31.81 -13.46 10.56
N PHE B 129 31.82 -12.21 10.99
CA PHE B 129 32.37 -11.14 10.16
C PHE B 129 33.85 -11.37 9.93
N GLU B 130 34.57 -11.60 11.03
CA GLU B 130 36.01 -11.94 11.01
C GLU B 130 36.25 -13.11 10.05
N HIS B 131 35.47 -14.17 10.22
CA HIS B 131 35.58 -15.33 9.37
C HIS B 131 35.33 -14.99 7.91
N LEU B 132 34.33 -14.14 7.67
CA LEU B 132 33.93 -13.81 6.31
C LEU B 132 35.08 -13.11 5.62
N ILE B 133 35.64 -12.14 6.31
CA ILE B 133 36.72 -11.32 5.78
C ILE B 133 37.90 -12.19 5.37
N ASN B 134 38.32 -12.99 6.34
CA ASN B 134 39.51 -13.84 6.17
C ASN B 134 39.34 -14.91 5.12
N SER B 135 38.24 -15.63 5.13
CA SER B 135 37.98 -16.67 4.13
C SER B 135 37.80 -16.17 2.72
N ASN B 136 37.66 -14.87 2.50
CA ASN B 136 37.33 -14.37 1.16
C ASN B 136 38.24 -13.26 0.63
N GLY B 137 39.32 -12.95 1.34
CA GLY B 137 40.28 -11.97 0.90
C GLY B 137 39.63 -10.63 0.67
N ILE B 138 38.84 -10.21 1.64
CA ILE B 138 38.10 -8.97 1.53
C ILE B 138 38.99 -7.79 1.86
N LYS B 139 39.96 -8.00 2.76
CA LYS B 139 40.86 -6.93 3.18
C LYS B 139 41.50 -6.20 2.01
N PRO B 140 42.05 -6.94 1.03
CA PRO B 140 42.62 -6.26 -0.14
C PRO B 140 41.60 -5.35 -0.84
N VAL B 141 40.37 -5.81 -0.94
CA VAL B 141 39.34 -5.05 -1.64
C VAL B 141 38.98 -3.79 -0.85
N MET B 142 38.93 -3.90 0.47
CA MET B 142 38.77 -2.75 1.34
C MET B 142 39.83 -1.66 1.10
N GLU B 143 41.08 -2.09 0.97
CA GLU B 143 42.17 -1.16 0.71
C GLU B 143 41.98 -0.52 -0.65
N GLN B 144 41.66 -1.34 -1.65
CA GLN B 144 41.41 -0.83 -2.99
C GLN B 144 40.37 0.29 -3.04
N TYR B 145 39.42 0.30 -2.10
CA TYR B 145 38.38 1.32 -2.07
C TYR B 145 38.62 2.37 -1.00
N GLY B 146 39.83 2.39 -0.47
CA GLY B 146 40.26 3.46 0.41
C GLY B 146 39.98 3.20 1.87
N LEU B 147 39.66 1.97 2.23
CA LEU B 147 39.53 1.62 3.64
C LEU B 147 40.83 1.14 4.24
N ILE B 148 40.98 1.37 5.54
CA ILE B 148 42.14 0.97 6.33
C ILE B 148 41.73 -0.15 7.29
N PRO B 149 41.85 -1.40 6.84
CA PRO B 149 41.39 -2.56 7.60
C PRO B 149 41.69 -2.57 9.10
N GLU B 150 42.85 -2.07 9.49
CA GLU B 150 43.24 -2.07 10.91
C GLU B 150 42.21 -1.29 11.71
N GLU B 151 42.00 -0.04 11.31
CA GLU B 151 41.07 0.86 11.99
C GLU B 151 39.61 0.50 11.71
N ASP B 152 39.33 0.19 10.45
CA ASP B 152 37.97 0.11 9.97
C ASP B 152 37.27 -1.16 10.37
N ILE B 153 37.99 -2.27 10.34
CA ILE B 153 37.43 -3.52 10.84
C ILE B 153 37.08 -3.37 12.29
N CYS B 154 37.93 -2.70 13.05
CA CYS B 154 37.64 -2.43 14.45
C CYS B 154 36.37 -1.59 14.59
N PHE B 155 36.31 -0.50 13.84
CA PHE B 155 35.15 0.38 13.81
C PHE B 155 33.84 -0.38 13.55
N ILE B 156 33.86 -1.19 12.48
CA ILE B 156 32.72 -1.99 12.10
C ILE B 156 32.27 -2.93 13.21
N LYS B 157 33.22 -3.57 13.89
CA LYS B 157 32.89 -4.48 14.97
C LYS B 157 32.33 -3.76 16.17
N GLU B 158 32.90 -2.60 16.49
CA GLU B 158 32.40 -1.78 17.59
C GLU B 158 30.95 -1.31 17.32
N GLN B 159 30.65 -1.00 16.06
CA GLN B 159 29.29 -0.62 15.71
C GLN B 159 28.29 -1.72 16.05
N ILE B 160 28.73 -2.96 15.87
CA ILE B 160 27.83 -4.10 16.04
C ILE B 160 27.71 -4.49 17.49
N VAL B 161 28.84 -4.50 18.18
CA VAL B 161 28.87 -5.08 19.51
C VAL B 161 29.22 -4.09 20.62
N GLY B 162 29.62 -2.88 20.28
CA GLY B 162 30.05 -1.89 21.28
C GLY B 162 31.55 -1.96 21.47
N PRO B 163 32.07 -1.29 22.52
CA PRO B 163 33.53 -1.34 22.79
C PRO B 163 34.00 -2.77 23.00
N LEU B 164 35.16 -3.09 22.46
CA LEU B 164 35.74 -4.42 22.62
C LEU B 164 36.46 -4.61 23.98
N GLU B 165 36.64 -3.53 24.74
CA GLU B 165 37.25 -3.59 26.07
C GLU B 165 36.14 -3.86 27.08
N LEU B 172 35.56 8.15 29.90
CA LEU B 172 36.54 7.80 28.88
C LEU B 172 35.87 7.62 27.51
N TRP B 173 36.62 7.80 26.42
CA TRP B 173 36.12 7.42 25.09
C TRP B 173 36.56 5.97 24.95
N PRO B 174 35.59 5.03 24.96
CA PRO B 174 35.98 3.61 24.91
C PRO B 174 36.16 3.01 23.50
N TYR B 175 35.92 3.79 22.46
CA TYR B 175 36.02 3.28 21.11
C TYR B 175 37.37 3.63 20.52
N LYS B 176 37.89 2.73 19.70
CA LYS B 176 39.16 2.96 19.00
C LYS B 176 38.97 3.29 17.51
N GLY B 177 38.01 2.64 16.86
CA GLY B 177 37.80 2.75 15.41
C GLY B 177 37.59 4.16 14.86
N ARG B 178 37.00 5.04 15.67
CA ARG B 178 36.84 6.46 15.33
C ARG B 178 36.85 7.29 16.61
N PRO B 179 37.26 8.56 16.50
CA PRO B 179 37.32 9.53 17.61
C PRO B 179 35.98 10.16 18.02
N GLU B 180 35.96 10.83 19.18
CA GLU B 180 34.75 11.49 19.72
C GLU B 180 34.07 12.46 18.78
N ASN B 181 34.83 13.02 17.86
CA ASN B 181 34.27 13.93 16.86
C ASN B 181 33.37 13.20 15.86
N LYS B 182 33.54 11.89 15.75
CA LYS B 182 32.67 11.08 14.90
C LYS B 182 31.82 10.14 15.77
N SER B 183 31.48 10.60 16.98
CA SER B 183 30.75 9.81 17.96
C SER B 183 29.38 9.38 17.41
N PHE B 184 28.76 10.30 16.68
CA PHE B 184 27.46 10.06 16.08
C PHE B 184 27.39 8.91 15.08
N LEU B 185 28.51 8.50 14.51
CA LEU B 185 28.48 7.35 13.61
C LEU B 185 28.14 6.05 14.33
N TYR B 186 28.42 6.01 15.62
CA TYR B 186 28.11 4.84 16.40
C TYR B 186 26.62 4.74 16.70
N GLU B 187 25.90 5.85 16.69
CA GLU B 187 24.45 5.84 16.96
C GLU B 187 23.58 5.25 15.85
N ILE B 188 24.17 4.85 14.74
CA ILE B 188 23.37 4.55 13.52
C ILE B 188 22.88 3.10 13.43
N VAL B 189 23.82 2.16 13.45
CA VAL B 189 23.51 0.75 13.19
C VAL B 189 22.96 0.05 14.41
N SER B 190 23.52 0.35 15.57
CA SER B 190 23.13 -0.33 16.79
C SER B 190 23.38 0.56 17.98
N ASN B 191 22.35 1.33 18.31
CA ASN B 191 22.46 2.44 19.24
C ASN B 191 22.38 1.95 20.65
N LYS B 192 23.51 1.87 21.33
CA LYS B 192 23.56 1.26 22.65
C LYS B 192 23.02 2.23 23.68
N ARG B 193 22.99 3.52 23.35
CA ARG B 193 22.48 4.53 24.27
C ARG B 193 20.95 4.48 24.48
N ASN B 194 20.18 4.35 23.42
CA ASN B 194 18.71 4.45 23.52
C ASN B 194 17.93 3.58 22.54
N GLY B 195 18.62 2.81 21.71
CA GLY B 195 17.96 1.85 20.88
C GLY B 195 17.36 2.39 19.62
N ILE B 196 17.52 3.68 19.37
CA ILE B 196 16.98 4.26 18.15
C ILE B 196 17.97 4.11 17.02
N ASP B 197 17.74 3.09 16.17
CA ASP B 197 18.65 2.78 15.08
C ASP B 197 17.94 2.30 13.86
N VAL B 198 18.68 2.21 12.75
CA VAL B 198 18.11 1.80 11.50
C VAL B 198 17.69 0.32 11.42
N ASP B 199 18.15 -0.53 12.35
CA ASP B 199 17.75 -1.92 12.37
C ASP B 199 16.24 -2.04 12.65
N LYS B 200 15.79 -1.36 13.69
CA LYS B 200 14.38 -1.27 13.98
C LYS B 200 13.63 -0.78 12.80
N TRP B 201 14.12 0.25 12.15
CA TRP B 201 13.34 0.83 11.08
C TRP B 201 13.13 -0.16 9.98
N ASP B 202 14.13 -0.98 9.68
CA ASP B 202 13.90 -1.93 8.65
C ASP B 202 12.89 -2.96 9.07
N TYR B 203 13.05 -3.53 10.27
CA TYR B 203 12.20 -4.63 10.62
C TYR B 203 10.73 -4.22 10.83
N PHE B 204 10.49 -3.03 11.37
CA PHE B 204 9.13 -2.51 11.46
C PHE B 204 8.48 -2.60 10.10
N ALA B 205 9.10 -2.02 9.11
CA ALA B 205 8.50 -1.96 7.82
C ALA B 205 8.41 -3.27 7.17
N ARG B 206 9.45 -4.09 7.32
CA ARG B 206 9.54 -5.32 6.57
C ARG B 206 8.63 -6.35 7.24
N ASP B 207 8.72 -6.46 8.54
CA ASP B 207 7.83 -7.37 9.25
C ASP B 207 6.34 -7.00 9.00
N CYS B 208 6.00 -5.72 9.08
CA CYS B 208 4.60 -5.32 8.84
C CYS B 208 4.09 -5.69 7.45
N HIS B 209 4.88 -5.40 6.44
CA HIS B 209 4.55 -5.77 5.07
C HIS B 209 4.24 -7.27 4.93
N HIS B 210 4.94 -8.12 5.69
CA HIS B 210 4.82 -9.58 5.58
C HIS B 210 3.78 -10.18 6.51
N LEU B 211 3.65 -9.62 7.69
CA LEU B 211 2.69 -10.09 8.67
C LEU B 211 1.30 -9.72 8.24
N GLY B 212 1.21 -8.65 7.47
CA GLY B 212 -0.10 -8.04 7.22
C GLY B 212 -0.62 -7.30 8.41
N ILE B 213 0.26 -6.54 9.02
CA ILE B 213 -0.07 -5.60 10.07
C ILE B 213 0.47 -4.30 9.53
N GLN B 214 -0.05 -3.19 10.00
CA GLN B 214 0.40 -1.95 9.46
C GLN B 214 1.33 -1.12 10.43
N ASN B 215 2.42 -0.60 9.86
CA ASN B 215 3.48 0.06 10.62
C ASN B 215 3.15 1.53 10.89
N ASN B 216 3.18 1.95 12.15
CA ASN B 216 2.84 3.33 12.51
C ASN B 216 4.03 4.35 12.39
N PHE B 217 5.26 3.88 12.14
CA PHE B 217 6.45 4.74 12.26
C PHE B 217 7.14 5.20 10.96
N ASP B 218 7.28 6.52 10.81
CA ASP B 218 7.88 7.13 9.64
C ASP B 218 9.40 7.41 9.80
N TYR B 219 10.24 6.45 9.40
CA TYR B 219 11.70 6.64 9.53
C TYR B 219 12.21 7.65 8.56
N LYS B 220 11.62 7.72 7.40
CA LYS B 220 12.06 8.77 6.47
C LYS B 220 11.90 10.17 7.07
N ARG B 221 10.81 10.39 7.80
CA ARG B 221 10.58 11.70 8.40
C ARG B 221 11.66 11.96 9.40
N PHE B 222 11.97 10.94 10.19
CA PHE B 222 12.97 11.07 11.22
C PHE B 222 14.34 11.40 10.64
N ILE B 223 14.69 10.75 9.55
CA ILE B 223 15.91 11.10 8.88
C ILE B 223 15.94 12.54 8.43
N LYS B 224 14.85 13.06 7.87
CA LYS B 224 14.85 14.49 7.49
C LYS B 224 15.08 15.47 8.62
N PHE B 225 14.66 15.13 9.81
CA PHE B 225 14.84 16.05 10.91
C PHE B 225 16.07 15.79 11.78
N ALA B 226 16.87 14.79 11.45
CA ALA B 226 18.03 14.46 12.30
C ALA B 226 19.20 15.38 12.04
N ARG B 227 19.78 15.88 13.12
CA ARG B 227 20.99 16.73 13.08
C ARG B 227 22.00 16.20 14.07
N VAL B 228 23.23 16.65 13.92
CA VAL B 228 24.27 16.35 14.88
C VAL B 228 24.57 17.60 15.67
N CYS B 229 24.69 17.45 16.99
CA CYS B 229 24.97 18.59 17.88
C CYS B 229 25.95 18.13 18.92
N GLU B 230 26.56 19.10 19.59
CA GLU B 230 27.44 18.79 20.69
C GLU B 230 26.64 18.53 21.94
N VAL B 231 26.97 17.42 22.60
CA VAL B 231 26.37 17.08 23.88
C VAL B 231 27.48 16.47 24.70
N ASP B 232 27.79 17.08 25.85
CA ASP B 232 28.86 16.59 26.74
C ASP B 232 30.16 16.29 26.02
N ASN B 233 30.61 17.25 25.23
CA ASN B 233 31.86 17.10 24.47
C ASN B 233 31.88 15.88 23.54
N GLU B 234 30.70 15.37 23.21
CA GLU B 234 30.54 14.41 22.14
C GLU B 234 29.71 15.08 21.07
N LEU B 235 29.89 14.63 19.83
CA LEU B 235 28.95 14.98 18.77
C LEU B 235 27.92 13.86 18.59
N ARG B 236 26.67 14.11 18.97
CA ARG B 236 25.62 13.09 18.91
C ARG B 236 24.52 13.46 17.95
N ILE B 237 23.84 12.44 17.44
CA ILE B 237 22.64 12.65 16.62
C ILE B 237 21.50 13.19 17.48
N CYS B 238 20.90 14.28 17.03
CA CYS B 238 19.82 14.93 17.72
C CYS B 238 18.59 14.98 16.86
N ALA B 239 17.44 14.89 17.51
CA ALA B 239 16.17 14.93 16.85
C ALA B 239 15.47 16.26 17.10
N ARG B 240 14.72 16.74 16.11
CA ARG B 240 13.88 17.93 16.30
C ARG B 240 12.92 17.77 17.45
N ASP B 241 12.81 18.77 18.30
CA ASP B 241 12.03 18.70 19.52
C ASP B 241 10.63 18.15 19.27
N LYS B 242 9.94 18.68 18.28
CA LYS B 242 8.53 18.37 18.12
C LYS B 242 8.29 16.94 17.64
N GLU B 243 9.37 16.26 17.24
CA GLU B 243 9.28 14.87 16.85
C GLU B 243 9.31 13.89 18.02
N VAL B 244 9.30 14.40 19.24
CA VAL B 244 9.37 13.57 20.43
C VAL B 244 8.18 12.61 20.59
N GLY B 245 6.97 13.04 20.25
CA GLY B 245 5.80 12.14 20.23
C GLY B 245 5.97 10.95 19.31
N ASN B 246 6.58 11.21 18.15
CA ASN B 246 6.78 10.18 17.19
C ASN B 246 7.71 9.11 17.72
N LEU B 247 8.60 9.50 18.61
CA LEU B 247 9.56 8.56 19.17
C LEU B 247 8.95 7.69 20.21
N TYR B 248 8.09 8.29 20.99
CA TYR B 248 7.29 7.51 21.94
C TYR B 248 6.47 6.48 21.18
N ASP B 249 5.91 6.91 20.06
CA ASP B 249 5.13 6.02 19.19
C ASP B 249 5.98 4.95 18.58
N MET B 250 7.20 5.27 18.23
CA MET B 250 8.11 4.25 17.74
C MET B 250 8.20 3.08 18.76
N PHE B 251 8.38 3.37 20.04
CA PHE B 251 8.48 2.31 21.02
C PHE B 251 7.16 1.67 21.33
N HIS B 252 6.09 2.46 21.30
CA HIS B 252 4.76 1.88 21.40
C HIS B 252 4.50 0.85 20.30
N THR B 253 4.87 1.20 19.08
CA THR B 253 4.78 0.32 17.93
C THR B 253 5.59 -0.94 18.14
N ARG B 254 6.81 -0.78 18.64
CA ARG B 254 7.67 -1.92 18.85
C ARG B 254 7.04 -2.90 19.84
N ASN B 255 6.48 -2.36 20.91
CA ASN B 255 5.82 -3.17 21.90
C ASN B 255 4.54 -3.91 21.40
N SER B 256 3.78 -3.20 20.57
CA SER B 256 2.61 -3.72 19.93
C SER B 256 2.96 -4.85 18.92
N LEU B 257 4.04 -4.72 18.18
CA LEU B 257 4.50 -5.78 17.32
C LEU B 257 4.91 -7.03 18.12
N HIS B 258 5.48 -6.84 19.29
CA HIS B 258 5.78 -7.98 20.14
C HIS B 258 4.51 -8.63 20.67
N ARG B 259 3.57 -7.81 21.13
CA ARG B 259 2.31 -8.31 21.67
C ARG B 259 1.56 -9.08 20.61
N ARG B 260 1.50 -8.57 19.40
CA ARG B 260 0.69 -9.20 18.36
C ARG B 260 1.41 -10.30 17.66
N ALA B 261 2.71 -10.13 17.45
CA ALA B 261 3.38 -11.05 16.60
C ALA B 261 4.60 -11.77 17.22
N TYR B 262 5.58 -11.06 17.68
CA TYR B 262 6.81 -11.72 17.99
C TYR B 262 6.63 -12.63 19.21
N GLN B 263 5.66 -12.34 20.05
CA GLN B 263 5.36 -13.13 21.25
C GLN B 263 4.00 -13.79 21.19
N HIS B 264 3.48 -14.00 19.99
CA HIS B 264 2.24 -14.73 19.84
C HIS B 264 2.32 -16.07 20.59
N LYS B 265 1.31 -16.34 21.41
CA LYS B 265 1.31 -17.49 22.33
C LYS B 265 1.60 -18.81 21.61
N VAL B 266 1.01 -18.99 20.46
CA VAL B 266 1.26 -20.17 19.66
C VAL B 266 2.62 -20.09 18.97
N GLY B 267 3.02 -18.88 18.52
CA GLY B 267 4.34 -18.69 17.89
C GLY B 267 5.40 -19.15 18.89
N ASN B 268 5.22 -18.77 20.15
CA ASN B 268 6.16 -19.10 21.16
C ASN B 268 6.21 -20.58 21.48
N ILE B 269 5.05 -21.23 21.46
CA ILE B 269 5.04 -22.65 21.79
C ILE B 269 5.67 -23.45 20.68
N ILE B 270 5.55 -22.97 19.46
CA ILE B 270 6.19 -23.63 18.34
C ILE B 270 7.69 -23.49 18.44
N ASP B 271 8.13 -22.29 18.79
CA ASP B 271 9.56 -22.06 19.07
C ASP B 271 10.04 -23.03 20.14
N THR B 272 9.21 -23.21 21.16
CA THR B 272 9.54 -24.08 22.27
C THR B 272 9.62 -25.53 21.87
N MET B 273 8.67 -25.95 21.05
CA MET B 273 8.69 -27.32 20.57
C MET B 273 9.89 -27.57 19.68
N ILE B 274 10.22 -26.61 18.83
CA ILE B 274 11.37 -26.80 17.97
C ILE B 274 12.63 -26.88 18.81
N THR B 275 12.70 -26.04 19.83
CA THR B 275 13.82 -26.03 20.72
C THR B 275 13.99 -27.43 21.36
N ASP B 276 12.90 -27.96 21.88
CA ASP B 276 12.90 -29.26 22.52
C ASP B 276 13.39 -30.34 21.59
N ALA B 277 12.95 -30.28 20.34
CA ALA B 277 13.41 -31.23 19.33
C ALA B 277 14.91 -31.07 19.07
N PHE B 278 15.40 -29.85 19.10
CA PHE B 278 16.82 -29.62 18.86
C PHE B 278 17.63 -30.18 19.99
N LEU B 279 17.14 -30.03 21.22
CA LEU B 279 17.83 -30.57 22.38
C LEU B 279 17.96 -32.09 22.28
N LYS B 280 16.88 -32.76 21.91
CA LYS B 280 16.87 -34.21 21.71
C LYS B 280 17.65 -34.70 20.49
N ALA B 281 18.03 -33.79 19.59
CA ALA B 281 18.82 -34.16 18.44
C ALA B 281 20.29 -33.81 18.61
N ASP B 282 20.59 -33.01 19.61
CA ASP B 282 21.88 -32.40 19.75
C ASP B 282 23.02 -33.42 19.84
N ASP B 283 22.80 -34.52 20.55
CA ASP B 283 23.80 -35.59 20.68
C ASP B 283 24.11 -36.37 19.40
N TYR B 284 23.18 -36.37 18.45
CA TYR B 284 23.33 -37.22 17.26
C TYR B 284 23.58 -36.45 15.96
N ILE B 285 23.23 -35.16 15.91
CA ILE B 285 23.45 -34.37 14.70
C ILE B 285 24.87 -33.89 14.69
N GLU B 286 25.53 -34.11 13.56
CA GLU B 286 26.89 -33.67 13.39
C GLU B 286 27.06 -32.75 12.16
N ILE B 287 27.81 -31.66 12.38
CA ILE B 287 28.07 -30.66 11.36
C ILE B 287 29.56 -30.46 11.21
N THR B 288 30.02 -30.56 9.97
CA THR B 288 31.44 -30.60 9.70
C THR B 288 32.02 -29.21 9.71
N GLY B 289 32.91 -28.94 10.67
CA GLY B 289 33.59 -27.68 10.77
C GLY B 289 34.97 -27.69 10.13
N ALA B 290 35.88 -26.92 10.72
CA ALA B 290 37.21 -26.72 10.17
C ALA B 290 38.01 -28.00 10.19
N GLY B 291 38.64 -28.32 9.06
CA GLY B 291 39.52 -29.48 8.96
C GLY B 291 38.79 -30.82 9.06
N GLY B 292 37.54 -30.87 8.62
CA GLY B 292 36.73 -32.08 8.74
C GLY B 292 36.18 -32.36 10.13
N LYS B 293 36.60 -31.57 11.10
CA LYS B 293 36.23 -31.80 12.49
C LYS B 293 34.72 -31.67 12.67
N LYS B 294 34.18 -32.39 13.64
CA LYS B 294 32.73 -32.46 13.79
C LYS B 294 32.17 -31.78 15.04
N TYR B 295 31.07 -31.05 14.84
CA TYR B 295 30.45 -30.26 15.88
C TYR B 295 29.00 -30.60 16.02
N ARG B 296 28.45 -30.25 17.18
CA ARG B 296 27.05 -30.38 17.43
C ARG B 296 26.34 -29.06 17.15
N ILE B 297 25.03 -29.14 17.06
CA ILE B 297 24.23 -27.94 16.94
C ILE B 297 24.65 -26.93 18.03
N SER B 298 24.79 -27.41 19.26
CA SER B 298 25.11 -26.54 20.38
C SER B 298 26.59 -26.09 20.43
N THR B 299 27.48 -26.72 19.67
CA THR B 299 28.90 -26.35 19.66
C THR B 299 29.38 -25.72 18.36
N ALA B 300 28.51 -25.73 17.34
CA ALA B 300 28.80 -25.04 16.08
C ALA B 300 29.16 -23.57 16.27
N ILE B 301 28.66 -22.96 17.34
CA ILE B 301 29.03 -21.57 17.65
C ILE B 301 30.50 -21.35 17.94
N ASP B 302 31.25 -22.42 18.15
CA ASP B 302 32.68 -22.33 18.44
C ASP B 302 33.55 -22.37 17.18
N ASP B 303 33.00 -22.85 16.08
CA ASP B 303 33.70 -22.83 14.80
C ASP B 303 32.84 -22.20 13.69
N MET B 304 33.26 -21.06 13.18
CA MET B 304 32.48 -20.32 12.19
C MET B 304 32.27 -21.04 10.87
N GLU B 305 33.21 -21.91 10.53
CA GLU B 305 33.08 -22.76 9.36
C GLU B 305 31.90 -23.73 9.50
N ALA B 306 31.71 -24.25 10.69
CA ALA B 306 30.55 -25.08 11.01
C ALA B 306 29.28 -24.22 11.14
N TYR B 307 29.41 -23.05 11.75
CA TYR B 307 28.26 -22.19 11.99
C TYR B 307 27.64 -21.76 10.66
N THR B 308 28.48 -21.49 9.68
CA THR B 308 28.06 -21.18 8.31
C THR B 308 27.02 -22.14 7.77
N LYS B 309 27.12 -23.41 8.15
CA LYS B 309 26.22 -24.47 7.67
C LYS B 309 25.03 -24.75 8.58
N LEU B 310 24.94 -24.01 9.67
CA LEU B 310 23.86 -24.16 10.62
C LEU B 310 22.77 -23.15 10.32
N THR B 311 21.68 -23.67 9.78
CA THR B 311 20.56 -22.86 9.34
C THR B 311 19.26 -23.58 9.62
N ASP B 312 18.17 -23.00 9.16
CA ASP B 312 16.84 -23.58 9.33
C ASP B 312 16.75 -25.01 8.75
N ASN B 313 17.65 -25.34 7.84
CA ASN B 313 17.72 -26.66 7.25
C ASN B 313 17.78 -27.82 8.25
N ILE B 314 18.39 -27.57 9.39
CA ILE B 314 18.47 -28.52 10.47
C ILE B 314 17.11 -29.11 10.84
N PHE B 315 16.11 -28.25 10.82
CA PHE B 315 14.76 -28.63 11.11
C PHE B 315 14.29 -29.75 10.20
N LEU B 316 14.59 -29.64 8.92
CA LEU B 316 14.19 -30.63 7.95
C LEU B 316 15.10 -31.86 7.92
N GLU B 317 16.37 -31.66 8.25
CA GLU B 317 17.29 -32.76 8.38
C GLU B 317 16.72 -33.73 9.41
N ILE B 318 16.29 -33.18 10.54
CA ILE B 318 15.67 -33.97 11.61
C ILE B 318 14.34 -34.55 11.20
N LEU B 319 13.51 -33.74 10.55
CA LEU B 319 12.18 -34.19 10.17
C LEU B 319 12.27 -35.37 9.20
N TYR B 320 13.25 -35.33 8.30
CA TYR B 320 13.38 -36.33 7.26
C TYR B 320 14.28 -37.48 7.64
N SER B 321 14.85 -37.46 8.84
CA SER B 321 15.81 -38.49 9.24
C SER B 321 15.15 -39.84 9.37
N THR B 322 15.96 -40.87 9.18
CA THR B 322 15.53 -42.26 9.41
C THR B 322 16.29 -42.90 10.60
N ASP B 323 17.39 -42.29 11.02
CA ASP B 323 18.15 -42.77 12.19
C ASP B 323 17.24 -42.91 13.40
N PRO B 324 17.14 -44.13 13.96
CA PRO B 324 16.32 -44.34 15.17
C PRO B 324 16.81 -43.60 16.41
N LYS B 325 18.06 -43.17 16.40
CA LYS B 325 18.54 -42.31 17.47
C LYS B 325 17.68 -41.06 17.57
N LEU B 326 17.24 -40.54 16.43
CA LEU B 326 16.48 -39.28 16.36
C LEU B 326 14.98 -39.47 16.42
N LYS B 327 14.52 -40.65 16.80
CA LYS B 327 13.09 -40.90 16.79
C LYS B 327 12.34 -39.87 17.62
N ASP B 328 12.87 -39.52 18.78
CA ASP B 328 12.14 -38.65 19.74
C ASP B 328 12.04 -37.21 19.25
N ALA B 329 13.16 -36.71 18.76
CA ALA B 329 13.27 -35.42 18.17
C ALA B 329 12.35 -35.31 16.95
N ARG B 330 12.46 -36.28 16.06
CA ARG B 330 11.65 -36.35 14.85
C ARG B 330 10.18 -36.38 15.21
N GLU B 331 9.83 -37.07 16.28
CA GLU B 331 8.43 -37.21 16.62
C GLU B 331 7.84 -35.88 16.98
N ILE B 332 8.65 -35.01 17.58
CA ILE B 332 8.14 -33.74 18.04
C ILE B 332 7.81 -32.85 16.85
N LEU B 333 8.68 -32.84 15.85
CA LEU B 333 8.43 -32.10 14.63
C LEU B 333 7.21 -32.58 13.86
N LYS B 334 6.97 -33.89 13.93
CA LYS B 334 5.80 -34.42 13.31
C LYS B 334 4.54 -33.92 13.98
N GLN B 335 4.57 -33.75 15.29
CA GLN B 335 3.39 -33.25 15.97
C GLN B 335 3.11 -31.81 15.61
N ILE B 336 4.17 -31.08 15.28
CA ILE B 336 4.02 -29.73 14.73
C ILE B 336 3.31 -29.74 13.38
N GLU B 337 3.77 -30.60 12.46
CA GLU B 337 3.12 -30.74 11.16
C GLU B 337 1.66 -31.12 11.26
N TYR B 338 1.29 -31.92 12.25
CA TYR B 338 -0.09 -32.36 12.41
C TYR B 338 -0.84 -31.40 13.28
N ARG B 339 -0.12 -30.42 13.83
CA ARG B 339 -0.71 -29.37 14.62
C ARG B 339 -1.26 -29.92 15.92
N ASN B 340 -0.67 -31.00 16.38
CA ASN B 340 -0.88 -31.45 17.74
C ASN B 340 0.18 -30.76 18.60
N LEU B 341 -0.12 -29.55 19.02
CA LEU B 341 0.79 -28.70 19.79
C LEU B 341 0.48 -28.74 21.27
N PHE B 342 1.48 -28.37 22.07
CA PHE B 342 1.24 -28.18 23.49
C PHE B 342 0.14 -27.14 23.56
N LYS B 343 -0.69 -27.20 24.60
CA LYS B 343 -1.89 -26.37 24.65
C LYS B 343 -1.68 -25.21 25.61
N TYR B 344 -1.94 -24.01 25.10
CA TYR B 344 -1.95 -22.80 25.88
C TYR B 344 -3.04 -22.94 26.94
N VAL B 345 -2.68 -22.63 28.20
CA VAL B 345 -3.61 -22.69 29.31
C VAL B 345 -4.08 -21.28 29.70
N GLY B 346 -3.17 -20.31 29.76
CA GLY B 346 -3.54 -18.94 30.08
C GLY B 346 -2.37 -18.00 30.29
N GLU B 347 -2.71 -16.76 30.56
CA GLU B 347 -1.72 -15.71 30.76
C GLU B 347 -2.02 -14.95 32.04
N THR B 348 -0.98 -14.51 32.72
CA THR B 348 -1.11 -13.68 33.91
C THR B 348 0.17 -12.83 34.09
N GLN B 349 0.11 -11.87 35.00
CA GLN B 349 1.26 -11.02 35.32
C GLN B 349 1.50 -10.91 36.82
N PRO B 350 2.76 -10.69 37.21
CA PRO B 350 3.01 -10.35 38.60
C PRO B 350 2.38 -9.03 39.00
N THR B 351 2.28 -8.82 40.31
CA THR B 351 1.57 -7.71 40.92
C THR B 351 2.57 -6.86 41.68
N GLY B 352 2.34 -5.56 41.65
CA GLY B 352 3.14 -4.61 42.43
C GLY B 352 4.63 -4.65 42.11
N GLN B 353 5.44 -4.84 43.16
CA GLN B 353 6.89 -4.82 43.03
C GLN B 353 7.44 -6.17 42.59
N ILE B 354 6.60 -7.20 42.65
CA ILE B 354 7.05 -8.57 42.41
C ILE B 354 7.69 -8.67 41.01
N LYS B 355 8.89 -9.24 40.97
CA LYS B 355 9.57 -9.51 39.73
C LYS B 355 10.16 -10.91 39.78
N ILE B 356 10.27 -11.56 38.62
CA ILE B 356 10.73 -12.94 38.54
C ILE B 356 12.07 -13.05 37.84
N LYS B 357 13.03 -13.69 38.51
CA LYS B 357 14.37 -13.81 37.97
C LYS B 357 14.58 -15.07 37.16
N ARG B 358 15.58 -15.04 36.28
CA ARG B 358 15.87 -16.16 35.38
C ARG B 358 16.18 -17.47 36.11
N GLU B 359 16.84 -17.40 37.25
CA GLU B 359 17.17 -18.61 38.00
C GLU B 359 15.92 -19.34 38.49
N ASP B 360 14.85 -18.58 38.74
CA ASP B 360 13.60 -19.19 39.21
C ASP B 360 12.79 -19.88 38.09
N TYR B 361 13.13 -19.66 36.82
CA TYR B 361 12.29 -20.16 35.71
C TYR B 361 12.08 -21.66 35.75
N GLU B 362 13.14 -22.42 36.02
CA GLU B 362 13.04 -23.86 36.06
C GLU B 362 12.09 -24.38 37.14
N SER B 363 11.90 -23.63 38.23
CA SER B 363 11.07 -24.08 39.35
C SER B 363 9.57 -23.79 39.22
N LEU B 364 9.17 -23.02 38.20
CA LEU B 364 7.77 -22.58 38.06
C LEU B 364 6.80 -23.68 37.63
N PRO B 365 7.19 -24.53 36.67
CA PRO B 365 6.34 -25.69 36.41
C PRO B 365 6.02 -26.48 37.70
N LYS B 366 7.02 -26.59 38.58
CA LYS B 366 6.85 -27.33 39.81
C LYS B 366 5.85 -26.61 40.71
N GLU B 367 5.90 -25.28 40.75
CA GLU B 367 4.95 -24.53 41.58
C GLU B 367 3.51 -24.72 41.15
N VAL B 368 3.30 -24.80 39.84
CA VAL B 368 1.94 -24.87 39.29
C VAL B 368 1.36 -26.22 39.63
N ALA B 369 2.21 -27.25 39.48
CA ALA B 369 1.84 -28.62 39.79
C ALA B 369 1.57 -28.83 41.28
N SER B 370 2.20 -28.00 42.11
CA SER B 370 2.02 -28.02 43.56
C SER B 370 0.75 -27.33 44.03
N ALA B 371 0.20 -26.43 43.22
CA ALA B 371 -1.04 -25.76 43.59
C ALA B 371 -2.11 -26.83 43.87
N LYS B 372 -2.95 -26.62 44.87
CA LYS B 372 -3.97 -27.61 45.18
C LYS B 372 -5.38 -27.01 45.20
N PRO B 373 -5.99 -26.92 44.01
CA PRO B 373 -7.31 -26.32 43.84
C PRO B 373 -8.40 -27.19 44.44
N LYS B 374 -9.38 -26.55 45.06
CA LYS B 374 -10.47 -27.28 45.72
C LYS B 374 -11.51 -27.62 44.66
N VAL B 375 -11.15 -28.59 43.82
CA VAL B 375 -11.99 -28.97 42.70
C VAL B 375 -11.79 -30.46 42.42
N LEU B 376 -12.83 -31.05 41.86
CA LEU B 376 -12.83 -32.46 41.51
C LEU B 376 -12.09 -32.76 40.19
N LEU B 377 -11.04 -33.56 40.26
CA LEU B 377 -10.19 -33.85 39.09
C LEU B 377 -10.03 -35.33 38.76
N ASP B 378 -10.21 -35.66 37.47
CA ASP B 378 -9.95 -37.01 36.94
C ASP B 378 -8.46 -37.32 37.01
N VAL B 379 -7.67 -36.43 36.41
CA VAL B 379 -6.22 -36.63 36.34
C VAL B 379 -5.48 -35.67 37.26
N LYS B 380 -4.35 -36.15 37.72
CA LYS B 380 -3.44 -35.37 38.53
C LYS B 380 -2.26 -35.08 37.62
N LEU B 381 -1.76 -33.86 37.63
CA LEU B 381 -0.72 -33.45 36.66
C LEU B 381 0.62 -33.21 37.37
N LYS B 382 1.71 -33.40 36.63
CA LYS B 382 3.08 -33.27 37.16
C LYS B 382 3.81 -32.07 36.60
N ALA B 383 4.89 -31.67 37.27
CA ALA B 383 5.68 -30.51 36.85
C ALA B 383 6.09 -30.58 35.39
N GLU B 384 6.56 -31.76 34.97
CA GLU B 384 7.01 -31.98 33.60
C GLU B 384 5.91 -31.85 32.54
N ASP B 385 4.65 -31.87 32.95
CA ASP B 385 3.52 -31.65 32.04
C ASP B 385 3.30 -30.17 31.71
N PHE B 386 3.90 -29.29 32.49
CA PHE B 386 3.67 -27.86 32.37
C PHE B 386 4.85 -27.14 31.78
N ILE B 387 4.55 -26.20 30.90
CA ILE B 387 5.52 -25.28 30.41
C ILE B 387 5.10 -23.89 30.86
N VAL B 388 6.07 -23.11 31.33
CA VAL B 388 5.82 -21.75 31.78
C VAL B 388 6.78 -20.82 31.08
N ASP B 389 6.27 -19.95 30.22
CA ASP B 389 7.13 -19.03 29.46
C ASP B 389 7.04 -17.68 30.15
N VAL B 390 8.17 -17.08 30.46
CA VAL B 390 8.17 -15.76 31.10
C VAL B 390 8.70 -14.77 30.09
N ILE B 391 7.93 -13.72 29.84
CA ILE B 391 8.29 -12.79 28.79
C ILE B 391 8.47 -11.40 29.37
N ASN B 392 9.66 -10.83 29.18
CA ASN B 392 9.96 -9.47 29.68
C ASN B 392 9.66 -8.48 28.60
N MET B 393 8.64 -7.68 28.79
CA MET B 393 8.31 -6.64 27.82
C MET B 393 8.83 -5.33 28.35
N ASP B 394 9.61 -4.61 27.56
CA ASP B 394 10.03 -3.26 27.95
C ASP B 394 10.12 -2.35 26.73
N TYR B 395 10.56 -1.14 26.96
CA TYR B 395 10.94 -0.23 25.89
C TYR B 395 12.46 -0.29 25.57
N GLY B 396 13.06 -1.45 25.74
CA GLY B 396 14.45 -1.66 25.35
C GLY B 396 15.48 -1.38 26.41
N MET B 397 15.09 -0.84 27.57
CA MET B 397 16.08 -0.47 28.58
C MET B 397 15.60 -0.82 29.98
N GLN B 398 15.12 -2.05 30.12
CA GLN B 398 14.45 -2.50 31.35
C GLN B 398 13.44 -1.44 31.83
N GLU B 399 13.57 -1.02 33.09
N GLU B 399 13.56 -1.03 33.09
CA GLU B 399 12.65 -0.09 33.71
CA GLU B 399 12.62 -0.10 33.71
C GLU B 399 12.81 1.34 33.19
C GLU B 399 12.80 1.34 33.19
N LYS B 400 13.90 1.62 32.49
CA LYS B 400 14.19 2.97 32.00
C LYS B 400 13.46 3.40 30.73
N ASN B 401 13.14 4.69 30.70
CA ASN B 401 12.55 5.41 29.56
C ASN B 401 13.62 5.90 28.57
N PRO B 402 13.66 5.33 27.36
CA PRO B 402 14.74 5.65 26.43
C PRO B 402 14.72 7.08 25.91
N ILE B 403 13.58 7.76 26.00
CA ILE B 403 13.51 9.13 25.57
C ILE B 403 14.25 10.07 26.53
N ASP B 404 14.35 9.68 27.79
CA ASP B 404 15.27 10.35 28.74
C ASP B 404 16.71 10.25 28.26
N HIS B 405 17.03 9.38 27.33
CA HIS B 405 18.40 9.28 26.79
C HIS B 405 18.51 9.72 25.35
N VAL B 406 17.65 10.66 24.98
CA VAL B 406 17.62 11.23 23.64
C VAL B 406 17.82 12.74 23.73
N SER B 407 18.59 13.27 22.78
CA SER B 407 18.87 14.68 22.71
C SER B 407 18.10 15.33 21.56
N PHE B 408 17.60 16.52 21.79
CA PHE B 408 16.76 17.20 20.80
C PHE B 408 17.31 18.58 20.49
N TYR B 409 16.73 19.20 19.48
CA TYR B 409 17.05 20.57 19.15
C TYR B 409 15.78 21.28 18.72
N CYS B 410 15.79 22.60 18.82
N CYS B 410 15.81 22.59 18.80
CA CYS B 410 14.63 23.38 18.40
CA CYS B 410 14.67 23.40 18.43
C CYS B 410 14.99 24.24 17.20
C CYS B 410 14.99 24.25 17.22
N LYS B 411 13.97 24.73 16.50
CA LYS B 411 14.19 25.38 15.23
C LYS B 411 14.87 26.73 15.37
N THR B 412 14.70 27.39 16.52
CA THR B 412 15.33 28.68 16.76
C THR B 412 16.83 28.56 17.10
N ALA B 413 17.29 27.39 17.58
CA ALA B 413 18.73 27.16 17.86
C ALA B 413 19.16 25.73 17.50
N PRO B 414 19.33 25.47 16.20
CA PRO B 414 19.50 24.10 15.72
C PRO B 414 20.79 23.41 16.16
N ASN B 415 21.76 24.19 16.61
CA ASN B 415 23.02 23.63 17.06
C ASN B 415 23.03 23.35 18.56
N ARG B 416 21.96 23.75 19.23
CA ARG B 416 21.92 23.65 20.66
C ARG B 416 21.04 22.51 21.11
N ALA B 417 21.70 21.49 21.65
CA ALA B 417 21.05 20.27 22.09
C ALA B 417 20.31 20.52 23.38
N ILE B 418 19.20 19.80 23.57
CA ILE B 418 18.37 19.94 24.78
C ILE B 418 17.75 18.61 25.14
N ARG B 419 17.14 18.56 26.32
CA ARG B 419 16.51 17.35 26.86
C ARG B 419 15.02 17.62 27.05
N ILE B 420 14.20 16.59 26.85
CA ILE B 420 12.77 16.74 27.07
C ILE B 420 12.32 15.63 28.02
N THR B 421 11.59 16.02 29.08
CA THR B 421 11.06 15.09 30.06
C THR B 421 9.68 14.65 29.64
N LYS B 422 9.22 13.55 30.22
CA LYS B 422 7.94 12.95 29.84
C LYS B 422 6.79 13.92 30.13
N ASN B 423 6.92 14.64 31.24
CA ASN B 423 5.89 15.55 31.70
C ASN B 423 5.77 16.74 30.76
N GLN B 424 6.82 16.99 29.96
CA GLN B 424 6.75 18.00 28.92
C GLN B 424 6.06 17.51 27.65
N VAL B 425 5.71 16.25 27.57
CA VAL B 425 5.12 15.70 26.34
C VAL B 425 3.64 15.42 26.47
N SER B 426 3.25 14.57 27.42
CA SER B 426 1.86 14.11 27.56
C SER B 426 1.66 13.35 28.88
N GLN B 427 0.44 13.44 29.41
CA GLN B 427 0.02 12.64 30.54
C GLN B 427 -0.51 11.29 30.10
N LEU B 428 -0.78 11.15 28.80
CA LEU B 428 -1.32 9.90 28.22
C LEU B 428 -0.23 8.91 27.86
N LEU B 429 0.96 9.11 28.37
CA LEU B 429 2.02 8.16 28.15
C LEU B 429 2.04 7.19 29.31
N PRO B 430 2.73 6.04 29.15
CA PRO B 430 2.92 5.04 30.20
C PRO B 430 3.64 5.55 31.45
N GLU B 431 3.29 5.07 32.63
CA GLU B 431 4.04 5.42 33.87
C GLU B 431 5.17 4.45 34.09
N LYS B 432 5.05 3.24 33.55
CA LYS B 432 6.11 2.25 33.64
C LYS B 432 6.53 1.85 32.25
N PHE B 433 7.75 1.37 32.14
CA PHE B 433 8.35 0.98 30.86
C PHE B 433 8.84 -0.46 30.81
N ALA B 434 8.44 -1.28 31.80
CA ALA B 434 8.75 -2.73 31.78
C ALA B 434 7.71 -3.55 32.50
N GLU B 435 7.53 -4.78 32.03
CA GLU B 435 6.58 -5.68 32.65
C GLU B 435 6.93 -7.09 32.30
N GLN B 436 6.34 -8.04 33.02
CA GLN B 436 6.47 -9.44 32.67
C GLN B 436 5.13 -10.06 32.37
N LEU B 437 5.12 -10.97 31.40
CA LEU B 437 3.98 -11.82 31.11
C LEU B 437 4.37 -13.25 31.43
N ILE B 438 3.43 -13.98 32.01
CA ILE B 438 3.60 -15.39 32.23
C ILE B 438 2.57 -16.13 31.40
N ARG B 439 3.03 -17.02 30.53
CA ARG B 439 2.14 -17.91 29.80
C ARG B 439 2.36 -19.32 30.35
N VAL B 440 1.26 -20.04 30.53
CA VAL B 440 1.34 -21.42 30.93
C VAL B 440 0.72 -22.28 29.86
N TYR B 441 1.44 -23.34 29.50
CA TYR B 441 0.99 -24.33 28.54
C TYR B 441 1.06 -25.73 29.15
N CYS B 442 0.28 -26.66 28.59
CA CYS B 442 0.27 -28.05 29.05
C CYS B 442 0.68 -28.98 27.94
N LYS B 443 1.58 -29.90 28.22
CA LYS B 443 1.97 -30.89 27.23
C LYS B 443 0.94 -32.01 27.07
N LYS B 444 0.03 -32.21 28.03
CA LYS B 444 -1.05 -33.21 27.89
C LYS B 444 -2.25 -32.51 27.29
N VAL B 445 -2.67 -32.94 26.11
CA VAL B 445 -3.59 -32.17 25.29
C VAL B 445 -5.08 -32.53 25.50
N ASP B 446 -5.38 -33.70 26.04
CA ASP B 446 -6.77 -34.17 26.12
C ASP B 446 -7.66 -33.29 27.00
N ARG B 447 -8.98 -33.41 26.80
CA ARG B 447 -9.95 -32.51 27.42
C ARG B 447 -9.83 -32.48 28.92
N LYS B 448 -9.57 -33.64 29.49
CA LYS B 448 -9.57 -33.77 30.94
C LYS B 448 -8.29 -33.24 31.54
N SER B 449 -7.17 -33.43 30.85
CA SER B 449 -5.89 -32.89 31.31
C SER B 449 -5.90 -31.39 31.22
N LEU B 450 -6.50 -30.89 30.16
CA LEU B 450 -6.58 -29.48 29.91
C LEU B 450 -7.51 -28.83 30.93
N TYR B 451 -8.65 -29.45 31.16
CA TYR B 451 -9.55 -28.96 32.19
C TYR B 451 -8.84 -28.82 33.54
N ALA B 452 -8.06 -29.84 33.90
CA ALA B 452 -7.30 -29.86 35.15
C ALA B 452 -6.23 -28.79 35.19
N ALA B 453 -5.48 -28.69 34.09
CA ALA B 453 -4.41 -27.70 33.95
C ALA B 453 -4.89 -26.28 34.24
N ARG B 454 -6.11 -25.98 33.84
CA ARG B 454 -6.67 -24.67 34.06
C ARG B 454 -6.91 -24.38 35.52
N GLN B 455 -7.22 -25.42 36.27
CA GLN B 455 -7.56 -25.29 37.67
C GLN B 455 -6.30 -25.04 38.44
N TYR B 456 -5.25 -25.81 38.15
CA TYR B 456 -3.93 -25.56 38.73
C TYR B 456 -3.48 -24.14 38.47
N PHE B 457 -3.53 -23.76 37.20
CA PHE B 457 -3.05 -22.48 36.74
C PHE B 457 -3.72 -21.35 37.51
N VAL B 458 -5.03 -21.35 37.51
CA VAL B 458 -5.75 -20.25 38.10
C VAL B 458 -5.53 -20.25 39.62
N GLN B 459 -5.47 -21.45 40.20
CA GLN B 459 -5.18 -21.57 41.62
C GLN B 459 -3.82 -20.96 41.95
N TRP B 460 -2.84 -21.30 41.12
CA TRP B 460 -1.49 -20.84 41.30
C TRP B 460 -1.42 -19.32 41.20
N CYS B 461 -2.14 -18.74 40.23
CA CYS B 461 -2.26 -17.28 40.13
C CYS B 461 -2.79 -16.67 41.43
N ALA B 462 -3.85 -17.25 41.96
CA ALA B 462 -4.41 -16.81 43.23
C ALA B 462 -3.39 -16.97 44.37
N ASP B 463 -2.67 -18.08 44.40
CA ASP B 463 -1.69 -18.34 45.47
C ASP B 463 -0.58 -17.32 45.47
N ARG B 464 -0.17 -16.92 44.27
CA ARG B 464 0.95 -16.01 44.10
C ARG B 464 0.52 -14.56 43.99
N ASN B 465 -0.78 -14.30 44.11
CA ASN B 465 -1.33 -12.97 44.04
C ASN B 465 -1.01 -12.31 42.71
N PHE B 466 -1.09 -13.10 41.64
CA PHE B 466 -0.94 -12.59 40.29
C PHE B 466 -2.25 -12.04 39.77
N THR B 467 -2.21 -11.41 38.60
CA THR B 467 -3.42 -10.84 38.01
C THR B 467 -4.34 -11.93 37.51
N LYS B 468 -5.64 -11.65 37.58
CA LYS B 468 -6.69 -12.59 37.22
C LYS B 468 -6.64 -12.81 35.73
N PRO B 469 -6.43 -14.06 35.31
CA PRO B 469 -6.50 -14.31 33.88
C PRO B 469 -7.82 -13.80 33.33
N GLN B 470 -7.80 -13.32 32.11
CA GLN B 470 -8.96 -12.66 31.56
C GLN B 470 -10.18 -13.55 31.54
N ASP B 471 -9.96 -14.83 31.23
CA ASP B 471 -11.07 -15.81 31.17
C ASP B 471 -11.22 -16.66 32.46
N GLY B 472 -10.65 -16.17 33.55
CA GLY B 472 -10.61 -16.93 34.80
C GLY B 472 -11.95 -17.48 35.24
N ASP B 473 -12.95 -16.62 35.23
CA ASP B 473 -14.29 -17.01 35.70
C ASP B 473 -14.92 -18.07 34.81
N VAL B 474 -14.59 -18.06 33.54
CA VAL B 474 -15.13 -19.05 32.61
C VAL B 474 -14.41 -20.39 32.72
N ILE B 475 -13.08 -20.39 32.77
CA ILE B 475 -12.37 -21.66 32.82
C ILE B 475 -12.32 -22.31 34.20
N ALA B 476 -12.30 -21.51 35.26
CA ALA B 476 -12.16 -22.02 36.60
C ALA B 476 -13.12 -21.31 37.52
N PRO B 477 -14.42 -21.54 37.31
CA PRO B 477 -15.43 -20.79 38.05
C PRO B 477 -15.45 -21.13 39.51
N LEU B 478 -15.02 -22.34 39.87
CA LEU B 478 -14.93 -22.73 41.27
C LEU B 478 -13.72 -22.19 42.03
N ILE B 479 -12.70 -21.72 41.32
CA ILE B 479 -11.49 -21.16 41.94
C ILE B 479 -11.51 -19.65 42.16
N THR B 480 -12.02 -18.92 41.17
CA THR B 480 -11.95 -17.46 41.15
C THR B 480 -12.70 -16.74 42.28
N PRO B 481 -13.79 -17.34 42.80
CA PRO B 481 -14.53 -16.72 43.89
C PRO B 481 -13.71 -16.54 45.19
N GLN B 482 -12.79 -17.47 45.46
CA GLN B 482 -12.01 -17.42 46.70
C GLN B 482 -11.25 -16.09 46.88
N LYS B 483 -10.80 -15.53 45.75
CA LYS B 483 -10.03 -14.31 45.77
C LYS B 483 -10.97 -13.10 45.76
N LYS B 484 -10.94 -12.32 46.85
CA LYS B 484 -11.76 -11.13 47.01
C LYS B 484 -11.54 -10.14 45.87
N GLU B 485 -10.28 -9.75 45.70
CA GLU B 485 -9.85 -8.71 44.75
C GLU B 485 -10.41 -8.93 43.33
N TRP B 486 -10.46 -10.19 42.94
CA TRP B 486 -10.92 -10.60 41.62
C TRP B 486 -12.45 -10.50 41.47
N ASN B 487 -13.18 -10.71 42.56
CA ASN B 487 -14.65 -10.94 42.55
C ASN B 487 -14.97 -12.42 42.33
N ASP C 1 -13.90 -29.39 16.54
CA ASP C 1 -13.35 -28.43 15.53
C ASP C 1 -14.41 -27.38 15.18
N THR C 2 -14.04 -26.11 15.26
CA THR C 2 -14.77 -25.06 14.51
C THR C 2 -13.77 -24.21 13.71
N MET C 3 -14.28 -23.16 13.08
CA MET C 3 -13.54 -22.47 12.03
C MET C 3 -12.33 -21.66 12.55
N LYS C 4 -11.27 -21.59 11.73
CA LYS C 4 -10.08 -20.78 12.03
C LYS C 4 -9.96 -19.55 11.15
N VAL C 5 -9.29 -18.53 11.69
CA VAL C 5 -8.94 -17.33 10.98
C VAL C 5 -7.43 -17.26 10.78
N ILE C 6 -7.01 -16.98 9.53
CA ILE C 6 -5.63 -16.77 9.22
C ILE C 6 -5.42 -15.37 8.64
N ASN C 7 -4.40 -14.66 9.12
CA ASN C 7 -4.01 -13.38 8.54
C ASN C 7 -3.01 -13.53 7.39
N ASP C 8 -3.47 -13.21 6.18
CA ASP C 8 -2.69 -13.21 5.02
C ASP C 8 -2.48 -11.71 4.63
N PRO C 9 -1.23 -11.32 4.32
CA PRO C 9 -0.94 -9.97 3.86
C PRO C 9 -1.67 -9.60 2.57
N ILE C 10 -1.93 -10.54 1.67
CA ILE C 10 -2.59 -10.21 0.44
C ILE C 10 -4.10 -10.02 0.65
N HIS C 11 -4.71 -10.90 1.43
CA HIS C 11 -6.13 -11.00 1.46
C HIS C 11 -6.72 -10.64 2.81
N GLY C 12 -5.89 -10.38 3.81
CA GLY C 12 -6.39 -10.07 5.13
C GLY C 12 -6.80 -11.36 5.83
N HIS C 13 -7.80 -11.25 6.68
CA HIS C 13 -8.23 -12.32 7.52
C HIS C 13 -9.14 -13.23 6.75
N ILE C 14 -8.66 -14.44 6.61
CA ILE C 14 -9.30 -15.50 5.87
C ILE C 14 -9.85 -16.48 6.88
N GLU C 15 -11.10 -16.89 6.69
CA GLU C 15 -11.71 -17.93 7.49
C GLU C 15 -11.53 -19.29 6.83
N LEU C 16 -11.15 -20.28 7.62
CA LEU C 16 -11.03 -21.61 7.16
C LEU C 16 -12.00 -22.54 7.88
N HIS C 17 -12.76 -23.26 7.09
CA HIS C 17 -13.65 -24.31 7.56
C HIS C 17 -12.83 -25.48 8.11
N PRO C 18 -13.31 -26.11 9.21
CA PRO C 18 -12.57 -27.16 9.92
C PRO C 18 -12.07 -28.25 9.02
N LEU C 19 -12.84 -28.58 8.00
CA LEU C 19 -12.42 -29.59 7.06
C LEU C 19 -11.13 -29.18 6.33
N LEU C 20 -11.07 -27.93 5.91
CA LEU C 20 -9.90 -27.43 5.19
C LEU C 20 -8.69 -27.39 6.12
N VAL C 21 -8.89 -26.99 7.35
CA VAL C 21 -7.84 -27.05 8.36
C VAL C 21 -7.24 -28.45 8.50
N ARG C 22 -8.13 -29.44 8.55
CA ARG C 22 -7.72 -30.81 8.65
C ARG C 22 -6.86 -31.23 7.49
N ILE C 23 -7.24 -30.81 6.30
CA ILE C 23 -6.44 -31.10 5.10
C ILE C 23 -5.08 -30.38 5.13
N ILE C 24 -5.12 -29.15 5.64
CA ILE C 24 -3.94 -28.32 5.70
C ILE C 24 -2.91 -28.83 6.67
N ASP C 25 -3.37 -29.30 7.81
CA ASP C 25 -2.48 -29.84 8.86
C ASP C 25 -2.06 -31.30 8.63
N THR C 26 -1.42 -31.51 7.49
CA THR C 26 -0.88 -32.80 7.13
C THR C 26 0.51 -32.56 6.61
N PRO C 27 1.36 -33.58 6.65
CA PRO C 27 2.71 -33.45 6.11
C PRO C 27 2.72 -33.12 4.63
N GLN C 28 1.72 -33.62 3.91
CA GLN C 28 1.67 -33.52 2.46
C GLN C 28 1.37 -32.08 2.05
N PHE C 29 0.58 -31.40 2.86
CA PHE C 29 0.31 -29.99 2.61
C PHE C 29 1.38 -29.07 3.21
N GLN C 30 1.82 -29.36 4.43
CA GLN C 30 2.78 -28.54 5.10
C GLN C 30 4.14 -28.54 4.35
N ARG C 31 4.36 -29.58 3.59
CA ARG C 31 5.50 -29.66 2.67
C ARG C 31 5.67 -28.44 1.77
N LEU C 32 4.56 -27.85 1.36
CA LEU C 32 4.59 -26.66 0.54
C LEU C 32 5.25 -25.43 1.18
N ARG C 33 5.42 -25.43 2.49
CA ARG C 33 6.19 -24.38 3.17
C ARG C 33 7.65 -24.38 2.81
N TYR C 34 8.14 -25.42 2.18
CA TYR C 34 9.57 -25.50 1.89
C TYR C 34 9.81 -25.60 0.39
N ILE C 35 8.94 -24.94 -0.37
CA ILE C 35 9.04 -24.86 -1.82
C ILE C 35 8.74 -23.42 -2.30
N LYS C 36 9.76 -22.73 -2.81
CA LYS C 36 9.62 -21.35 -3.20
C LYS C 36 8.71 -21.22 -4.39
N GLN C 37 7.76 -20.30 -4.31
CA GLN C 37 6.87 -20.03 -5.40
C GLN C 37 7.62 -19.77 -6.69
N LEU C 38 8.65 -18.92 -6.60
CA LEU C 38 9.36 -18.46 -7.76
C LEU C 38 10.72 -19.13 -8.00
N GLY C 39 11.04 -20.18 -7.24
CA GLY C 39 12.30 -20.92 -7.39
C GLY C 39 13.56 -20.05 -7.30
N GLY C 40 14.35 -20.02 -8.38
CA GLY C 40 15.56 -19.19 -8.45
C GLY C 40 15.34 -17.67 -8.48
N GLY C 41 14.11 -17.22 -8.66
CA GLY C 41 13.80 -15.78 -8.64
C GLY C 41 14.18 -15.05 -7.35
N TYR C 42 14.15 -15.75 -6.22
CA TYR C 42 14.59 -15.19 -4.94
C TYR C 42 16.06 -14.75 -4.96
N TYR C 43 16.85 -15.40 -5.83
CA TYR C 43 18.27 -15.09 -5.96
C TYR C 43 18.48 -13.82 -6.79
N VAL C 44 17.40 -13.31 -7.39
CA VAL C 44 17.39 -12.02 -8.09
C VAL C 44 16.53 -10.93 -7.44
N PHE C 45 15.40 -11.36 -6.88
CA PHE C 45 14.43 -10.51 -6.26
C PHE C 45 14.35 -10.97 -4.82
N PRO C 46 15.06 -10.32 -3.92
CA PRO C 46 15.14 -10.75 -2.54
C PRO C 46 13.88 -10.68 -1.69
N GLY C 47 12.87 -9.97 -2.16
CA GLY C 47 11.54 -9.98 -1.50
C GLY C 47 10.82 -11.29 -1.78
N ALA C 48 11.16 -12.00 -2.86
CA ALA C 48 10.46 -13.23 -3.24
C ALA C 48 10.83 -14.49 -2.45
N SER C 49 10.68 -14.40 -1.14
CA SER C 49 10.93 -15.48 -0.21
C SER C 49 9.73 -16.40 -0.07
N HIS C 50 8.58 -15.95 -0.54
CA HIS C 50 7.36 -16.70 -0.41
C HIS C 50 7.33 -18.09 -1.06
N ASN C 51 6.56 -18.95 -0.40
CA ASN C 51 6.46 -20.36 -0.73
C ASN C 51 5.06 -20.73 -1.19
N ARG C 52 4.92 -21.93 -1.75
CA ARG C 52 3.68 -22.41 -2.35
C ARG C 52 2.57 -22.53 -1.36
N PHE C 53 2.94 -22.77 -0.11
CA PHE C 53 1.99 -22.89 0.98
C PHE C 53 0.99 -21.71 1.06
N GLU C 54 1.51 -20.51 1.23
CA GLU C 54 0.68 -19.33 1.40
C GLU C 54 -0.10 -19.04 0.09
N HIS C 55 0.51 -19.32 -1.05
CA HIS C 55 -0.17 -19.14 -2.35
C HIS C 55 -1.39 -20.04 -2.40
N SER C 56 -1.23 -21.25 -1.93
CA SER C 56 -2.32 -22.20 -1.86
C SER C 56 -3.49 -21.77 -0.97
N LEU C 57 -3.20 -21.22 0.21
CA LEU C 57 -4.27 -20.70 1.03
C LEU C 57 -5.03 -19.64 0.26
N GLY C 58 -4.30 -18.75 -0.40
CA GLY C 58 -4.91 -17.64 -1.12
C GLY C 58 -5.75 -18.13 -2.26
N VAL C 59 -5.30 -19.21 -2.91
CA VAL C 59 -6.10 -19.73 -4.01
C VAL C 59 -7.40 -20.32 -3.45
N GLY C 60 -7.28 -21.06 -2.35
CA GLY C 60 -8.42 -21.68 -1.71
C GLY C 60 -9.44 -20.62 -1.33
N TYR C 61 -8.96 -19.51 -0.83
CA TYR C 61 -9.84 -18.46 -0.36
C TYR C 61 -10.57 -17.76 -1.50
N LEU C 62 -9.87 -17.45 -2.55
CA LEU C 62 -10.49 -16.85 -3.70
C LEU C 62 -11.47 -17.75 -4.38
N ALA C 63 -11.17 -19.04 -4.45
CA ALA C 63 -12.13 -20.00 -4.98
C ALA C 63 -13.43 -19.91 -4.23
N GLY C 64 -13.32 -19.90 -2.90
CA GLY C 64 -14.47 -19.72 -2.02
C GLY C 64 -15.23 -18.42 -2.26
N CYS C 65 -14.50 -17.33 -2.47
CA CYS C 65 -15.10 -16.03 -2.69
C CYS C 65 -15.99 -16.03 -3.89
N LEU C 66 -15.48 -16.59 -4.98
CA LEU C 66 -16.18 -16.52 -6.24
C LEU C 66 -17.44 -17.39 -6.24
N VAL C 67 -17.29 -18.61 -5.78
CA VAL C 67 -18.43 -19.52 -5.73
C VAL C 67 -19.52 -18.93 -4.79
N HIS C 68 -19.13 -18.39 -3.65
CA HIS C 68 -20.04 -17.70 -2.75
C HIS C 68 -20.77 -16.56 -3.41
N ALA C 69 -20.05 -15.79 -4.20
CA ALA C 69 -20.61 -14.61 -4.83
C ALA C 69 -21.64 -14.98 -5.89
N LEU C 70 -21.35 -16.04 -6.65
CA LEU C 70 -22.30 -16.57 -7.62
C LEU C 70 -23.58 -17.08 -6.95
N GLY C 71 -23.43 -17.80 -5.85
CA GLY C 71 -24.57 -18.31 -5.12
C GLY C 71 -25.41 -17.21 -4.51
N GLU C 72 -24.79 -16.14 -4.01
CA GLU C 72 -25.54 -15.00 -3.46
C GLU C 72 -26.32 -14.28 -4.55
N LYS C 73 -25.68 -14.05 -5.69
CA LYS C 73 -26.32 -13.34 -6.78
C LYS C 73 -27.44 -14.17 -7.43
N GLN C 74 -27.19 -15.46 -7.60
CA GLN C 74 -28.19 -16.35 -8.17
C GLN C 74 -28.42 -17.62 -7.35
N PRO C 75 -29.49 -17.64 -6.54
CA PRO C 75 -29.91 -18.83 -5.83
C PRO C 75 -30.36 -19.95 -6.75
N GLU C 76 -30.95 -19.60 -7.89
CA GLU C 76 -31.44 -20.56 -8.86
C GLU C 76 -30.36 -21.54 -9.31
N LEU C 77 -29.11 -21.16 -9.16
CA LEU C 77 -27.99 -22.06 -9.42
C LEU C 77 -27.99 -23.27 -8.51
N GLN C 78 -28.57 -23.13 -7.32
CA GLN C 78 -28.67 -24.22 -6.35
C GLN C 78 -27.26 -24.67 -5.89
N ILE C 79 -26.37 -23.73 -5.63
CA ILE C 79 -25.02 -24.06 -5.17
C ILE C 79 -25.09 -24.42 -3.70
N SER C 80 -24.52 -25.57 -3.34
CA SER C 80 -24.57 -26.06 -1.98
C SER C 80 -23.27 -25.86 -1.24
N GLU C 81 -23.33 -25.90 0.09
CA GLU C 81 -22.13 -25.84 0.90
C GLU C 81 -21.19 -26.93 0.43
N ARG C 82 -21.76 -28.06 0.05
CA ARG C 82 -20.96 -29.15 -0.44
C ARG C 82 -20.13 -28.72 -1.65
N ASP C 83 -20.76 -28.00 -2.58
CA ASP C 83 -20.10 -27.51 -3.77
C ASP C 83 -19.01 -26.53 -3.36
N VAL C 84 -19.34 -25.64 -2.44
CA VAL C 84 -18.38 -24.64 -1.98
C VAL C 84 -17.13 -25.29 -1.43
N LEU C 85 -17.30 -26.26 -0.53
CA LEU C 85 -16.13 -26.88 0.07
C LEU C 85 -15.28 -27.64 -0.96
N CYS C 86 -15.93 -28.28 -1.92
CA CYS C 86 -15.20 -29.01 -2.94
C CYS C 86 -14.35 -28.09 -3.78
N VAL C 87 -14.89 -26.92 -4.09
CA VAL C 87 -14.19 -25.95 -4.92
C VAL C 87 -13.03 -25.39 -4.12
N GLN C 88 -13.26 -25.11 -2.86
CA GLN C 88 -12.17 -24.63 -2.01
C GLN C 88 -11.05 -25.66 -1.88
N ILE C 89 -11.40 -26.92 -1.63
CA ILE C 89 -10.39 -27.94 -1.48
C ILE C 89 -9.55 -28.07 -2.75
N ALA C 90 -10.21 -28.02 -3.90
CA ALA C 90 -9.50 -28.03 -5.17
C ALA C 90 -8.53 -26.82 -5.28
N GLY C 91 -8.98 -25.64 -4.81
CA GLY C 91 -8.15 -24.50 -4.83
C GLY C 91 -6.93 -24.68 -3.97
N LEU C 92 -7.14 -25.10 -2.73
CA LEU C 92 -6.02 -25.39 -1.81
C LEU C 92 -5.05 -26.43 -2.32
N CYS C 93 -5.56 -27.38 -3.06
CA CYS C 93 -4.78 -28.58 -3.41
C CYS C 93 -4.16 -28.62 -4.81
N ARG C 94 -4.39 -27.60 -5.64
CA ARG C 94 -3.85 -27.64 -6.98
C ARG C 94 -2.35 -27.40 -7.07
N ASN C 95 -1.73 -26.90 -6.01
CA ASN C 95 -0.26 -26.77 -5.99
C ASN C 95 0.49 -27.90 -5.25
N LEU C 96 -0.23 -28.92 -4.81
CA LEU C 96 0.32 -29.99 -4.04
C LEU C 96 1.43 -30.74 -4.74
N GLY C 97 1.34 -30.83 -6.06
CA GLY C 97 2.28 -31.59 -6.86
C GLY C 97 3.61 -30.92 -7.21
N HIS C 98 3.80 -29.65 -6.81
CA HIS C 98 5.00 -28.92 -7.19
C HIS C 98 6.22 -29.47 -6.50
N GLY C 99 7.36 -29.37 -7.17
CA GLY C 99 8.60 -29.94 -6.67
C GLY C 99 9.54 -28.84 -6.24
N PRO C 100 10.76 -29.22 -5.83
CA PRO C 100 11.74 -28.24 -5.46
C PRO C 100 11.87 -27.15 -6.51
N PHE C 101 11.87 -25.91 -6.03
CA PHE C 101 11.96 -24.72 -6.87
C PHE C 101 10.84 -24.65 -7.94
N SER C 102 9.69 -25.23 -7.61
CA SER C 102 8.50 -25.11 -8.44
C SER C 102 8.75 -25.48 -9.88
N HIS C 103 8.58 -24.54 -10.81
CA HIS C 103 8.61 -24.82 -12.22
C HIS C 103 9.95 -25.31 -12.73
N MET C 104 11.01 -25.02 -11.98
CA MET C 104 12.31 -25.55 -12.32
C MET C 104 12.27 -27.08 -12.36
N PHE C 105 11.58 -27.68 -11.40
CA PHE C 105 11.49 -29.13 -11.32
C PHE C 105 10.81 -29.79 -12.52
N ASP C 106 9.59 -29.38 -12.83
CA ASP C 106 8.91 -29.97 -13.97
C ASP C 106 9.24 -29.32 -15.30
N GLY C 107 9.69 -28.07 -15.28
CA GLY C 107 10.08 -27.37 -16.52
C GLY C 107 11.47 -27.73 -17.03
N ARG C 108 12.40 -28.02 -16.13
CA ARG C 108 13.78 -28.25 -16.53
C ARG C 108 14.28 -29.63 -16.11
N PHE C 109 14.25 -29.95 -14.82
CA PHE C 109 14.96 -31.11 -14.29
C PHE C 109 14.43 -32.47 -14.70
N ILE C 110 13.12 -32.67 -14.58
CA ILE C 110 12.51 -33.93 -14.99
C ILE C 110 12.65 -34.19 -16.51
N PRO C 111 12.31 -33.20 -17.34
CA PRO C 111 12.48 -33.41 -18.76
C PRO C 111 13.87 -33.88 -19.16
N LEU C 112 14.90 -33.41 -18.45
CA LEU C 112 16.27 -33.82 -18.75
C LEU C 112 16.75 -35.09 -18.04
N ALA C 113 16.17 -35.39 -16.88
CA ALA C 113 16.57 -36.55 -16.09
C ALA C 113 15.80 -37.78 -16.46
N ARG C 114 14.53 -37.61 -16.85
CA ARG C 114 13.67 -38.73 -17.24
C ARG C 114 12.95 -38.39 -18.54
N PRO C 115 13.70 -38.26 -19.65
CA PRO C 115 13.12 -37.77 -20.91
C PRO C 115 11.95 -38.59 -21.49
N GLU C 116 11.93 -39.88 -21.23
CA GLU C 116 10.87 -40.76 -21.74
C GLU C 116 9.52 -40.48 -21.07
N VAL C 117 9.55 -40.21 -19.77
CA VAL C 117 8.32 -40.01 -19.01
C VAL C 117 7.65 -38.68 -19.35
N LYS C 118 6.32 -38.63 -19.28
CA LYS C 118 5.60 -37.38 -19.39
C LYS C 118 5.02 -37.05 -18.01
N TRP C 119 5.34 -35.87 -17.48
CA TRP C 119 4.98 -35.51 -16.10
C TRP C 119 4.77 -34.03 -15.93
N THR C 120 3.78 -33.68 -15.14
CA THR C 120 3.47 -32.30 -14.87
C THR C 120 3.15 -32.18 -13.39
N HIS C 121 3.28 -30.99 -12.83
CA HIS C 121 2.94 -30.77 -11.42
C HIS C 121 1.44 -31.04 -11.22
N GLU C 122 0.63 -30.94 -12.27
CA GLU C 122 -0.81 -31.21 -12.18
C GLU C 122 -1.06 -32.66 -11.87
N GLN C 123 -0.40 -33.53 -12.65
CA GLN C 123 -0.38 -34.95 -12.40
C GLN C 123 -0.05 -35.22 -10.95
N GLY C 124 1.01 -34.60 -10.47
CA GLY C 124 1.48 -34.78 -9.12
C GLY C 124 0.54 -34.28 -8.07
N SER C 125 -0.18 -33.21 -8.39
CA SER C 125 -1.11 -32.62 -7.42
C SER C 125 -2.20 -33.65 -7.12
N VAL C 126 -2.68 -34.30 -8.15
CA VAL C 126 -3.67 -35.36 -8.01
C VAL C 126 -3.20 -36.57 -7.21
N MET C 127 -2.02 -37.10 -7.53
CA MET C 127 -1.47 -38.24 -6.81
C MET C 127 -1.20 -37.88 -5.37
N MET C 128 -0.66 -36.68 -5.13
CA MET C 128 -0.39 -36.22 -3.77
C MET C 128 -1.71 -36.04 -3.00
N PHE C 129 -2.76 -35.61 -3.69
CA PHE C 129 -4.06 -35.45 -3.06
C PHE C 129 -4.63 -36.79 -2.59
N GLU C 130 -4.63 -37.75 -3.48
CA GLU C 130 -4.99 -39.12 -3.19
C GLU C 130 -4.19 -39.61 -1.98
N HIS C 131 -2.88 -39.42 -2.02
CA HIS C 131 -2.03 -39.87 -0.93
C HIS C 131 -2.39 -39.19 0.37
N LEU C 132 -2.72 -37.90 0.29
CA LEU C 132 -2.99 -37.08 1.46
C LEU C 132 -4.24 -37.57 2.13
N ILE C 133 -5.26 -37.81 1.33
CA ILE C 133 -6.55 -38.28 1.82
C ILE C 133 -6.38 -39.60 2.56
N ASN C 134 -5.76 -40.55 1.88
CA ASN C 134 -5.61 -41.91 2.37
C ASN C 134 -4.76 -41.98 3.60
N SER C 135 -3.60 -41.32 3.59
CA SER C 135 -2.69 -41.35 4.73
C SER C 135 -3.23 -40.66 5.98
N ASN C 136 -4.32 -39.89 5.88
CA ASN C 136 -4.77 -39.10 7.02
C ASN C 136 -6.24 -39.27 7.43
N GLY C 137 -6.92 -40.25 6.85
CA GLY C 137 -8.29 -40.53 7.19
C GLY C 137 -9.17 -39.32 7.02
N ILE C 138 -9.03 -38.67 5.87
CA ILE C 138 -9.80 -37.49 5.61
C ILE C 138 -11.19 -37.83 5.14
N LYS C 139 -11.34 -38.97 4.45
CA LYS C 139 -12.66 -39.39 3.95
C LYS C 139 -13.76 -39.36 5.02
N PRO C 140 -13.50 -39.93 6.20
CA PRO C 140 -14.51 -39.88 7.25
C PRO C 140 -14.94 -38.45 7.59
N VAL C 141 -13.98 -37.55 7.62
CA VAL C 141 -14.23 -36.16 7.96
C VAL C 141 -15.05 -35.48 6.88
N MET C 142 -14.74 -35.77 5.62
CA MET C 142 -15.58 -35.32 4.50
C MET C 142 -17.05 -35.70 4.66
N GLU C 143 -17.28 -36.95 5.05
CA GLU C 143 -18.64 -37.44 5.24
C GLU C 143 -19.26 -36.66 6.38
N GLN C 144 -18.54 -36.53 7.49
CA GLN C 144 -19.03 -35.78 8.63
C GLN C 144 -19.52 -34.38 8.30
N TYR C 145 -18.95 -33.76 7.26
CA TYR C 145 -19.37 -32.43 6.84
C TYR C 145 -20.29 -32.43 5.62
N GLY C 146 -20.79 -33.60 5.26
CA GLY C 146 -21.79 -33.71 4.22
C GLY C 146 -21.23 -33.88 2.83
N LEU C 147 -19.96 -34.22 2.72
CA LEU C 147 -19.41 -34.58 1.41
C LEU C 147 -19.53 -36.07 1.12
N ILE C 148 -19.65 -36.38 -0.17
CA ILE C 148 -19.76 -37.74 -0.67
C ILE C 148 -18.47 -38.12 -1.40
N PRO C 149 -17.50 -38.73 -0.67
CA PRO C 149 -16.15 -38.99 -1.21
C PRO C 149 -16.08 -39.59 -2.60
N GLU C 150 -17.02 -40.45 -2.94
CA GLU C 150 -17.01 -41.09 -4.25
C GLU C 150 -17.08 -40.02 -5.31
N GLU C 151 -18.12 -39.19 -5.24
CA GLU C 151 -18.38 -38.15 -6.24
C GLU C 151 -17.42 -36.97 -6.10
N ASP C 152 -17.19 -36.58 -4.86
CA ASP C 152 -16.54 -35.32 -4.58
C ASP C 152 -15.04 -35.38 -4.76
N ILE C 153 -14.42 -36.50 -4.39
CA ILE C 153 -12.99 -36.70 -4.68
C ILE C 153 -12.75 -36.66 -6.18
N CYS C 154 -13.65 -37.26 -6.92
CA CYS C 154 -13.56 -37.20 -8.38
C CYS C 154 -13.67 -35.76 -8.87
N PHE C 155 -14.70 -35.05 -8.41
CA PHE C 155 -14.91 -33.63 -8.74
C PHE C 155 -13.67 -32.78 -8.50
N ILE C 156 -13.11 -32.91 -7.32
CA ILE C 156 -11.93 -32.16 -6.93
C ILE C 156 -10.74 -32.46 -7.84
N LYS C 157 -10.54 -33.72 -8.20
CA LYS C 157 -9.47 -34.08 -9.10
C LYS C 157 -9.68 -33.54 -10.51
N GLU C 158 -10.91 -33.58 -10.98
CA GLU C 158 -11.26 -33.02 -12.28
C GLU C 158 -11.02 -31.49 -12.35
N GLN C 159 -11.31 -30.81 -11.25
CA GLN C 159 -11.03 -29.38 -11.18
C GLN C 159 -9.55 -29.08 -11.41
N ILE C 160 -8.69 -29.96 -10.91
CA ILE C 160 -7.27 -29.74 -10.94
C ILE C 160 -6.67 -30.12 -12.27
N VAL C 161 -7.10 -31.25 -12.79
CA VAL C 161 -6.41 -31.85 -13.93
C VAL C 161 -7.29 -31.95 -15.17
N GLY C 162 -8.59 -31.68 -15.06
CA GLY C 162 -9.53 -31.85 -16.17
C GLY C 162 -10.16 -33.24 -16.13
N PRO C 163 -10.85 -33.64 -17.22
CA PRO C 163 -11.45 -34.98 -17.27
C PRO C 163 -10.41 -36.06 -17.11
N LEU C 164 -10.75 -37.10 -16.37
CA LEU C 164 -9.85 -38.23 -16.15
C LEU C 164 -9.81 -39.21 -17.33
N GLU C 165 -10.69 -39.04 -18.33
CA GLU C 165 -10.56 -39.76 -19.60
C GLU C 165 -9.61 -38.99 -20.51
N LEU C 172 -20.22 -34.22 -25.93
CA LEU C 172 -20.43 -35.05 -24.75
C LEU C 172 -19.90 -34.37 -23.47
N TRP C 173 -20.52 -34.59 -22.32
CA TRP C 173 -20.05 -33.99 -21.06
C TRP C 173 -18.99 -34.97 -20.53
N PRO C 174 -17.70 -34.57 -20.50
CA PRO C 174 -16.66 -35.49 -20.08
C PRO C 174 -16.39 -35.57 -18.57
N TYR C 175 -17.11 -34.80 -17.76
CA TYR C 175 -16.89 -34.80 -16.32
C TYR C 175 -17.91 -35.70 -15.64
N LYS C 176 -17.48 -36.37 -14.57
CA LYS C 176 -18.36 -37.23 -13.76
C LYS C 176 -18.76 -36.59 -12.43
N GLY C 177 -17.83 -35.87 -11.80
CA GLY C 177 -18.03 -35.29 -10.44
C GLY C 177 -19.23 -34.38 -10.25
N ARG C 178 -19.63 -33.70 -11.32
CA ARG C 178 -20.84 -32.87 -11.33
C ARG C 178 -21.41 -32.80 -12.75
N PRO C 179 -22.72 -32.56 -12.88
CA PRO C 179 -23.42 -32.43 -14.16
C PRO C 179 -23.30 -31.07 -14.88
N GLU C 180 -23.72 -31.03 -16.14
CA GLU C 180 -23.66 -29.81 -16.98
C GLU C 180 -24.30 -28.58 -16.38
N ASN C 181 -25.29 -28.78 -15.51
CA ASN C 181 -25.94 -27.67 -14.82
C ASN C 181 -25.02 -26.98 -13.81
N LYS C 182 -23.97 -27.67 -13.38
CA LYS C 182 -22.95 -27.09 -12.52
C LYS C 182 -21.63 -26.95 -13.28
N SER C 183 -21.70 -26.72 -14.59
CA SER C 183 -20.54 -26.63 -15.45
C SER C 183 -19.60 -25.51 -15.01
N PHE C 184 -20.19 -24.41 -14.60
CA PHE C 184 -19.45 -23.24 -14.18
C PHE C 184 -18.55 -23.47 -12.99
N LEU C 185 -18.82 -24.49 -12.18
CA LEU C 185 -17.92 -24.76 -11.04
C LEU C 185 -16.52 -25.21 -11.50
N TYR C 186 -16.44 -25.76 -12.68
CA TYR C 186 -15.16 -26.16 -13.21
C TYR C 186 -14.34 -24.98 -13.70
N GLU C 187 -14.95 -23.86 -14.03
CA GLU C 187 -14.23 -22.66 -14.50
C GLU C 187 -13.44 -21.92 -13.44
N ILE C 188 -13.49 -22.35 -12.19
CA ILE C 188 -13.03 -21.49 -11.07
C ILE C 188 -11.57 -21.69 -10.71
N VAL C 189 -11.19 -22.93 -10.40
CA VAL C 189 -9.89 -23.20 -9.86
C VAL C 189 -8.87 -23.29 -10.98
N SER C 190 -9.25 -23.90 -12.08
CA SER C 190 -8.30 -24.15 -13.16
C SER C 190 -9.06 -24.25 -14.46
N ASN C 191 -9.18 -23.09 -15.11
CA ASN C 191 -10.04 -22.91 -16.24
C ASN C 191 -9.33 -23.37 -17.49
N LYS C 192 -9.70 -24.55 -17.98
CA LYS C 192 -9.03 -25.13 -19.14
C LYS C 192 -9.50 -24.46 -20.42
N ARG C 193 -10.65 -23.82 -20.40
CA ARG C 193 -11.20 -23.13 -21.57
C ARG C 193 -10.44 -21.84 -21.96
N ASN C 194 -10.08 -21.00 -21.01
CA ASN C 194 -9.46 -19.71 -21.33
C ASN C 194 -8.43 -19.22 -20.31
N GLY C 195 -8.20 -19.97 -19.25
CA GLY C 195 -7.16 -19.62 -18.29
C GLY C 195 -7.53 -18.56 -17.26
N ILE C 196 -8.76 -18.09 -17.30
CA ILE C 196 -9.18 -17.09 -16.33
C ILE C 196 -9.68 -17.81 -15.09
N ASP C 197 -8.82 -17.86 -14.08
CA ASP C 197 -9.12 -18.53 -12.83
C ASP C 197 -8.45 -17.86 -11.63
N VAL C 198 -8.87 -18.30 -10.44
CA VAL C 198 -8.44 -17.68 -9.21
C VAL C 198 -6.96 -17.92 -8.86
N ASP C 199 -6.32 -18.88 -9.52
CA ASP C 199 -4.92 -19.17 -9.29
C ASP C 199 -4.07 -17.97 -9.77
N LYS C 200 -4.30 -17.52 -10.99
CA LYS C 200 -3.72 -16.29 -11.48
C LYS C 200 -3.95 -15.14 -10.54
N TRP C 201 -5.17 -14.98 -10.08
CA TRP C 201 -5.43 -13.81 -9.28
C TRP C 201 -4.64 -13.82 -8.04
N ASP C 202 -4.44 -14.98 -7.42
CA ASP C 202 -3.63 -14.96 -6.25
C ASP C 202 -2.21 -14.62 -6.60
N TYR C 203 -1.63 -15.29 -7.61
CA TYR C 203 -0.21 -15.08 -7.82
C TYR C 203 0.15 -13.69 -8.28
N PHE C 204 -0.71 -13.07 -9.10
CA PHE C 204 -0.53 -11.66 -9.49
C PHE C 204 -0.32 -10.80 -8.26
N ALA C 205 -1.26 -10.87 -7.35
CA ALA C 205 -1.23 -10.04 -6.19
C ALA C 205 -0.12 -10.44 -5.25
N ARG C 206 0.12 -11.72 -5.08
CA ARG C 206 1.09 -12.16 -4.11
C ARG C 206 2.51 -11.93 -4.66
N ASP C 207 2.76 -12.34 -5.89
CA ASP C 207 4.07 -12.13 -6.47
C ASP C 207 4.43 -10.64 -6.52
N CYS C 208 3.49 -9.80 -6.93
CA CYS C 208 3.73 -8.36 -6.97
C CYS C 208 4.08 -7.77 -5.64
N HIS C 209 3.31 -8.11 -4.65
CA HIS C 209 3.62 -7.70 -3.27
C HIS C 209 5.07 -8.01 -2.84
N HIS C 210 5.59 -9.16 -3.28
CA HIS C 210 6.89 -9.65 -2.84
C HIS C 210 8.04 -9.17 -3.76
N LEU C 211 7.77 -9.09 -5.04
CA LEU C 211 8.76 -8.70 -5.98
C LEU C 211 9.00 -7.22 -5.87
N GLY C 212 8.01 -6.50 -5.37
CA GLY C 212 8.07 -5.04 -5.42
C GLY C 212 7.83 -4.52 -6.82
N ILE C 213 6.85 -5.09 -7.47
CA ILE C 213 6.30 -4.62 -8.72
C ILE C 213 4.83 -4.42 -8.40
N GLN C 214 4.15 -3.60 -9.15
CA GLN C 214 2.79 -3.33 -8.84
C GLN C 214 1.77 -3.97 -9.83
N ASN C 215 0.73 -4.58 -9.25
CA ASN C 215 -0.25 -5.42 -9.99
C ASN C 215 -1.34 -4.55 -10.58
N ASN C 216 -1.55 -4.67 -11.87
CA ASN C 216 -2.54 -3.85 -12.58
C ASN C 216 -4.00 -4.40 -12.53
N PHE C 217 -4.20 -5.63 -12.04
CA PHE C 217 -5.51 -6.35 -12.21
C PHE C 217 -6.42 -6.51 -10.97
N ASP C 218 -7.66 -6.02 -11.09
CA ASP C 218 -8.62 -6.00 -10.00
C ASP C 218 -9.57 -7.21 -10.00
N TYR C 219 -9.17 -8.28 -9.32
CA TYR C 219 -9.98 -9.50 -9.28
C TYR C 219 -11.27 -9.27 -8.48
N LYS C 220 -11.22 -8.46 -7.43
CA LYS C 220 -12.43 -8.18 -6.69
C LYS C 220 -13.50 -7.59 -7.59
N ARG C 221 -13.08 -6.73 -8.51
CA ARG C 221 -14.03 -6.11 -9.39
C ARG C 221 -14.62 -7.16 -10.24
N PHE C 222 -13.78 -8.01 -10.75
CA PHE C 222 -14.23 -9.06 -11.66
C PHE C 222 -15.25 -9.99 -10.98
N ILE C 223 -14.99 -10.32 -9.73
CA ILE C 223 -15.93 -11.10 -9.00
C ILE C 223 -17.28 -10.42 -8.83
N LYS C 224 -17.30 -9.13 -8.53
CA LYS C 224 -18.58 -8.44 -8.51
C LYS C 224 -19.37 -8.49 -9.80
N PHE C 225 -18.70 -8.48 -10.93
CA PHE C 225 -19.44 -8.47 -12.19
C PHE C 225 -19.66 -9.85 -12.83
N ALA C 226 -19.22 -10.90 -12.17
CA ALA C 226 -19.37 -12.23 -12.72
C ALA C 226 -20.80 -12.76 -12.54
N ARG C 227 -21.36 -13.30 -13.62
CA ARG C 227 -22.65 -14.00 -13.60
C ARG C 227 -22.54 -15.32 -14.31
N VAL C 228 -23.53 -16.18 -14.10
CA VAL C 228 -23.62 -17.45 -14.83
C VAL C 228 -24.72 -17.30 -15.82
N CYS C 229 -24.48 -17.74 -17.05
CA CYS C 229 -25.49 -17.71 -18.10
C CYS C 229 -25.43 -19.00 -18.87
N GLU C 230 -26.47 -19.26 -19.64
CA GLU C 230 -26.48 -20.41 -20.50
C GLU C 230 -25.70 -20.11 -21.77
N VAL C 231 -24.79 -21.02 -22.12
CA VAL C 231 -24.05 -20.94 -23.37
C VAL C 231 -23.95 -22.36 -23.89
N ASP C 232 -24.48 -22.61 -25.09
CA ASP C 232 -24.46 -23.94 -25.72
C ASP C 232 -24.92 -25.05 -24.78
N ASN C 233 -26.07 -24.86 -24.14
CA ASN C 233 -26.61 -25.84 -23.20
C ASN C 233 -25.69 -26.20 -22.00
N GLU C 234 -24.74 -25.32 -21.74
CA GLU C 234 -23.93 -25.36 -20.54
C GLU C 234 -24.24 -24.10 -19.76
N LEU C 235 -24.07 -24.17 -18.45
CA LEU C 235 -24.09 -22.98 -17.62
C LEU C 235 -22.66 -22.54 -17.34
N ARG C 236 -22.25 -21.42 -17.94
CA ARG C 236 -20.89 -20.93 -17.82
C ARG C 236 -20.80 -19.57 -17.13
N ILE C 237 -19.65 -19.30 -16.52
CA ILE C 237 -19.39 -18.00 -15.93
C ILE C 237 -19.22 -16.97 -17.03
N CYS C 238 -19.94 -15.86 -16.90
CA CYS C 238 -19.91 -14.78 -17.85
C CYS C 238 -19.50 -13.49 -17.19
N ALA C 239 -18.80 -12.66 -17.95
CA ALA C 239 -18.29 -11.38 -17.48
C ALA C 239 -19.10 -10.24 -18.11
N ARG C 240 -19.31 -9.18 -17.36
CA ARG C 240 -19.98 -7.99 -17.92
C ARG C 240 -19.23 -7.49 -19.16
N ASP C 241 -19.96 -7.13 -20.19
CA ASP C 241 -19.35 -6.73 -21.47
C ASP C 241 -18.23 -5.71 -21.32
N LYS C 242 -18.50 -4.66 -20.58
CA LYS C 242 -17.58 -3.52 -20.55
C LYS C 242 -16.30 -3.84 -19.81
N GLU C 243 -16.25 -4.97 -19.13
CA GLU C 243 -15.04 -5.40 -18.43
C GLU C 243 -14.03 -6.08 -19.33
N VAL C 244 -14.30 -6.11 -20.62
CA VAL C 244 -13.45 -6.82 -21.57
C VAL C 244 -12.02 -6.27 -21.65
N GLY C 245 -11.89 -4.94 -21.60
CA GLY C 245 -10.57 -4.31 -21.53
C GLY C 245 -9.75 -4.78 -20.35
N ASN C 246 -10.41 -4.91 -19.21
CA ASN C 246 -9.73 -5.38 -18.00
C ASN C 246 -9.16 -6.79 -18.18
N LEU C 247 -9.81 -7.58 -19.00
CA LEU C 247 -9.37 -8.94 -19.25
C LEU C 247 -8.14 -8.99 -20.13
N TYR C 248 -8.14 -8.13 -21.13
CA TYR C 248 -6.97 -8.01 -21.98
C TYR C 248 -5.80 -7.58 -21.14
N ASP C 249 -6.07 -6.64 -20.23
CA ASP C 249 -5.05 -6.17 -19.29
C ASP C 249 -4.59 -7.23 -18.33
N MET C 250 -5.49 -8.11 -17.94
CA MET C 250 -5.07 -9.23 -17.13
C MET C 250 -3.96 -10.03 -17.82
N PHE C 251 -4.12 -10.34 -19.10
CA PHE C 251 -3.11 -11.11 -19.79
C PHE C 251 -1.87 -10.32 -20.11
N HIS C 252 -2.05 -9.03 -20.40
CA HIS C 252 -0.91 -8.16 -20.59
C HIS C 252 -0.05 -8.15 -19.33
N THR C 253 -0.71 -8.02 -18.18
CA THR C 253 -0.05 -8.04 -16.88
C THR C 253 0.70 -9.36 -16.67
N ARG C 254 0.07 -10.47 -17.02
CA ARG C 254 0.71 -11.76 -16.87
C ARG C 254 1.99 -11.85 -17.70
N ASN C 255 1.93 -11.34 -18.92
CA ASN C 255 3.09 -11.37 -19.78
C ASN C 255 4.25 -10.48 -19.31
N SER C 256 3.88 -9.32 -18.80
CA SER C 256 4.82 -8.39 -18.25
C SER C 256 5.48 -8.93 -16.98
N LEU C 257 4.75 -9.66 -16.16
CA LEU C 257 5.36 -10.34 -15.01
C LEU C 257 6.38 -11.38 -15.45
N HIS C 258 6.10 -12.06 -16.54
CA HIS C 258 7.06 -13.04 -17.05
C HIS C 258 8.30 -12.35 -17.60
N ARG C 259 8.08 -11.27 -18.35
CA ARG C 259 9.18 -10.47 -18.93
C ARG C 259 10.09 -9.87 -17.87
N ARG C 260 9.51 -9.30 -16.83
CA ARG C 260 10.29 -8.71 -15.79
C ARG C 260 10.85 -9.69 -14.79
N ALA C 261 10.07 -10.70 -14.43
CA ALA C 261 10.43 -11.50 -13.25
C ALA C 261 10.55 -13.00 -13.50
N TYR C 262 9.50 -13.64 -14.00
CA TYR C 262 9.53 -15.07 -13.99
C TYR C 262 10.56 -15.58 -14.98
N GLN C 263 10.88 -14.78 -16.00
CA GLN C 263 11.90 -15.15 -16.99
C GLN C 263 13.12 -14.23 -16.96
N HIS C 264 13.36 -13.56 -15.85
CA HIS C 264 14.58 -12.82 -15.71
C HIS C 264 15.81 -13.67 -16.12
N LYS C 265 16.65 -13.10 -16.97
CA LYS C 265 17.77 -13.82 -17.59
C LYS C 265 18.66 -14.50 -16.53
N VAL C 266 18.92 -13.79 -15.46
CA VAL C 266 19.75 -14.33 -14.39
C VAL C 266 18.94 -15.34 -13.54
N GLY C 267 17.66 -15.04 -13.31
CA GLY C 267 16.78 -15.98 -12.60
C GLY C 267 16.81 -17.32 -13.31
N ASN C 268 16.71 -17.28 -14.63
CA ASN C 268 16.70 -18.47 -15.40
C ASN C 268 18.05 -19.25 -15.39
N ILE C 269 19.16 -18.52 -15.39
CA ILE C 269 20.45 -19.19 -15.37
C ILE C 269 20.68 -19.84 -14.02
N ILE C 270 20.15 -19.24 -12.97
CA ILE C 270 20.26 -19.85 -11.66
C ILE C 270 19.45 -21.12 -11.59
N ASP C 271 18.25 -21.10 -12.16
CA ASP C 271 17.42 -22.31 -12.30
C ASP C 271 18.21 -23.38 -13.02
N THR C 272 18.91 -22.96 -14.07
CA THR C 272 19.67 -23.88 -14.90
C THR C 272 20.83 -24.49 -14.15
N MET C 273 21.52 -23.66 -13.39
CA MET C 273 22.63 -24.14 -12.60
C MET C 273 22.16 -25.09 -11.52
N ILE C 274 21.03 -24.78 -10.90
CA ILE C 274 20.53 -25.68 -9.87
C ILE C 274 20.14 -27.01 -10.49
N THR C 275 19.51 -26.94 -11.66
CA THR C 275 19.13 -28.12 -12.37
C THR C 275 20.36 -29.00 -12.60
N ASP C 276 21.40 -28.39 -13.13
CA ASP C 276 22.63 -29.10 -13.46
C ASP C 276 23.19 -29.78 -12.24
N ALA C 277 23.17 -29.09 -11.11
CA ALA C 277 23.64 -29.66 -9.87
C ALA C 277 22.76 -30.84 -9.42
N PHE C 278 21.47 -30.75 -9.68
CA PHE C 278 20.59 -31.84 -9.32
C PHE C 278 20.87 -33.04 -10.18
N LEU C 279 21.17 -32.84 -11.46
CA LEU C 279 21.48 -33.94 -12.35
C LEU C 279 22.72 -34.70 -11.87
N LYS C 280 23.76 -33.96 -11.52
CA LYS C 280 24.97 -34.54 -11.00
C LYS C 280 24.85 -35.17 -9.62
N ALA C 281 23.76 -34.91 -8.92
CA ALA C 281 23.56 -35.48 -7.60
C ALA C 281 22.61 -36.65 -7.65
N ASP C 282 21.90 -36.80 -8.76
CA ASP C 282 20.78 -37.69 -8.85
C ASP C 282 21.14 -39.14 -8.55
N ASP C 283 22.32 -39.56 -9.00
CA ASP C 283 22.79 -40.92 -8.78
C ASP C 283 23.17 -41.24 -7.33
N TYR C 284 23.45 -40.23 -6.52
CA TYR C 284 23.95 -40.46 -5.16
C TYR C 284 22.99 -40.07 -4.06
N ILE C 285 22.02 -39.21 -4.33
CA ILE C 285 21.05 -38.82 -3.31
C ILE C 285 19.96 -39.87 -3.24
N GLU C 286 19.67 -40.31 -2.03
CA GLU C 286 18.60 -41.29 -1.83
C GLU C 286 17.54 -40.78 -0.84
N ILE C 287 16.29 -41.01 -1.19
CA ILE C 287 15.14 -40.58 -0.41
C ILE C 287 14.27 -41.78 -0.10
N THR C 288 13.96 -41.95 1.18
CA THR C 288 13.25 -43.15 1.62
C THR C 288 11.76 -43.03 1.38
N GLY C 289 11.24 -43.89 0.51
CA GLY C 289 9.82 -43.92 0.21
C GLY C 289 9.09 -44.98 1.00
N ALA C 290 8.05 -45.53 0.38
CA ALA C 290 7.17 -46.48 1.05
C ALA C 290 7.90 -47.78 1.38
N GLY C 291 7.73 -48.23 2.63
CA GLY C 291 8.28 -49.49 3.10
C GLY C 291 9.80 -49.48 3.21
N GLY C 292 10.39 -48.32 3.49
CA GLY C 292 11.85 -48.19 3.54
C GLY C 292 12.56 -48.17 2.19
N LYS C 293 11.80 -48.39 1.11
CA LYS C 293 12.36 -48.44 -0.24
C LYS C 293 12.99 -47.11 -0.64
N LYS C 294 14.01 -47.17 -1.48
CA LYS C 294 14.80 -45.98 -1.77
C LYS C 294 14.68 -45.45 -3.18
N TYR C 295 14.56 -44.13 -3.27
CA TYR C 295 14.32 -43.45 -4.54
C TYR C 295 15.36 -42.39 -4.78
N ARG C 296 15.47 -42.00 -6.05
CA ARG C 296 16.24 -40.86 -6.43
C ARG C 296 15.38 -39.59 -6.55
N ILE C 297 16.05 -38.45 -6.61
CA ILE C 297 15.37 -37.18 -6.86
C ILE C 297 14.46 -37.36 -8.08
N SER C 298 15.00 -37.98 -9.13
CA SER C 298 14.25 -38.15 -10.37
C SER C 298 13.16 -39.24 -10.32
N THR C 299 13.18 -40.12 -9.31
CA THR C 299 12.20 -41.22 -9.21
C THR C 299 11.24 -41.05 -8.05
N ALA C 300 11.50 -40.06 -7.19
CA ALA C 300 10.59 -39.74 -6.09
C ALA C 300 9.18 -39.48 -6.58
N ILE C 301 9.03 -39.01 -7.82
CA ILE C 301 7.70 -38.77 -8.39
C ILE C 301 6.85 -40.02 -8.54
N ASP C 302 7.46 -41.19 -8.40
CA ASP C 302 6.72 -42.45 -8.52
C ASP C 302 6.14 -42.93 -7.18
N ASP C 303 6.65 -42.41 -6.07
CA ASP C 303 6.12 -42.73 -4.74
C ASP C 303 5.84 -41.46 -3.91
N MET C 304 4.57 -41.21 -3.62
CA MET C 304 4.16 -39.97 -2.94
C MET C 304 4.70 -39.82 -1.54
N GLU C 305 4.95 -40.95 -0.89
CA GLU C 305 5.61 -40.96 0.41
C GLU C 305 7.03 -40.39 0.33
N ALA C 306 7.75 -40.72 -0.73
CA ALA C 306 9.05 -40.14 -0.98
C ALA C 306 8.94 -38.71 -1.47
N TYR C 307 7.94 -38.45 -2.31
CA TYR C 307 7.78 -37.11 -2.88
C TYR C 307 7.52 -36.07 -1.78
N THR C 308 6.72 -36.47 -0.79
CA THR C 308 6.46 -35.67 0.40
C THR C 308 7.73 -35.06 1.04
N LYS C 309 8.85 -35.80 0.97
CA LYS C 309 10.11 -35.38 1.53
C LYS C 309 11.03 -34.64 0.55
N LEU C 310 10.59 -34.47 -0.69
CA LEU C 310 11.36 -33.82 -1.72
C LEU C 310 10.96 -32.35 -1.79
N THR C 311 11.84 -31.51 -1.30
CA THR C 311 11.59 -30.07 -1.23
C THR C 311 12.86 -29.30 -1.53
N ASP C 312 12.80 -27.98 -1.34
CA ASP C 312 13.96 -27.11 -1.58
C ASP C 312 15.15 -27.53 -0.72
N ASN C 313 14.88 -28.28 0.35
CA ASN C 313 15.90 -28.76 1.25
C ASN C 313 17.05 -29.53 0.57
N ILE C 314 16.70 -30.20 -0.52
CA ILE C 314 17.66 -30.92 -1.32
C ILE C 314 18.85 -30.09 -1.70
N PHE C 315 18.56 -28.84 -2.03
CA PHE C 315 19.56 -27.87 -2.41
C PHE C 315 20.64 -27.71 -1.34
N LEU C 316 20.21 -27.62 -0.09
CA LEU C 316 21.14 -27.49 1.05
C LEU C 316 21.78 -28.81 1.48
N GLU C 317 21.05 -29.91 1.31
CA GLU C 317 21.58 -31.23 1.55
C GLU C 317 22.85 -31.40 0.70
N ILE C 318 22.74 -31.03 -0.58
CA ILE C 318 23.87 -31.08 -1.51
C ILE C 318 24.95 -30.07 -1.16
N LEU C 319 24.55 -28.85 -0.84
CA LEU C 319 25.50 -27.80 -0.56
C LEU C 319 26.32 -28.14 0.67
N TYR C 320 25.70 -28.77 1.66
CA TYR C 320 26.37 -29.08 2.91
C TYR C 320 27.00 -30.46 2.94
N SER C 321 26.87 -31.22 1.86
CA SER C 321 27.36 -32.60 1.83
C SER C 321 28.87 -32.66 1.94
N THR C 322 29.38 -33.76 2.50
CA THR C 322 30.82 -34.05 2.53
C THR C 322 31.21 -35.23 1.64
N ASP C 323 30.21 -36.02 1.24
CA ASP C 323 30.45 -37.14 0.32
C ASP C 323 31.19 -36.67 -0.93
N PRO C 324 32.38 -37.25 -1.21
CA PRO C 324 33.13 -36.90 -2.43
C PRO C 324 32.45 -37.30 -3.73
N LYS C 325 31.49 -38.21 -3.66
CA LYS C 325 30.66 -38.51 -4.82
C LYS C 325 30.00 -37.24 -5.33
N LEU C 326 29.57 -36.38 -4.40
CA LEU C 326 28.82 -35.17 -4.73
C LEU C 326 29.69 -33.94 -4.94
N LYS C 327 30.99 -34.13 -5.10
CA LYS C 327 31.87 -32.99 -5.23
C LYS C 327 31.44 -32.08 -6.37
N ASP C 328 31.05 -32.66 -7.50
CA ASP C 328 30.76 -31.88 -8.71
C ASP C 328 29.49 -31.07 -8.59
N ALA C 329 28.47 -31.73 -8.07
CA ALA C 329 27.18 -31.13 -7.79
C ALA C 329 27.33 -29.99 -6.78
N ARG C 330 28.00 -30.30 -5.67
CA ARG C 330 28.27 -29.34 -4.61
C ARG C 330 29.05 -28.15 -5.16
N GLU C 331 29.98 -28.40 -6.08
CA GLU C 331 30.81 -27.31 -6.57
C GLU C 331 29.98 -26.30 -7.32
N ILE C 332 28.91 -26.77 -7.95
CA ILE C 332 28.10 -25.87 -8.76
C ILE C 332 27.34 -24.92 -7.87
N LEU C 333 26.80 -25.43 -6.79
CA LEU C 333 26.05 -24.62 -5.84
C LEU C 333 26.95 -23.62 -5.16
N LYS C 334 28.20 -23.99 -4.95
CA LYS C 334 29.14 -23.06 -4.37
C LYS C 334 29.41 -21.89 -5.30
N GLN C 335 29.42 -22.14 -6.62
CA GLN C 335 29.64 -21.04 -7.56
C GLN C 335 28.45 -20.09 -7.55
N ILE C 336 27.26 -20.62 -7.25
CA ILE C 336 26.09 -19.80 -7.07
C ILE C 336 26.27 -18.89 -5.86
N GLU C 337 26.66 -19.47 -4.72
CA GLU C 337 26.91 -18.67 -3.50
C GLU C 337 27.96 -17.57 -3.69
N TYR C 338 28.98 -17.83 -4.50
CA TYR C 338 30.04 -16.84 -4.72
C TYR C 338 29.61 -15.93 -5.86
N ARG C 339 28.51 -16.27 -6.52
CA ARG C 339 27.97 -15.48 -7.62
C ARG C 339 28.91 -15.51 -8.82
N ASN C 340 29.64 -16.60 -8.94
CA ASN C 340 30.31 -16.93 -10.19
C ASN C 340 29.32 -17.76 -11.01
N LEU C 341 28.47 -17.04 -11.74
CA LEU C 341 27.43 -17.63 -12.55
C LEU C 341 27.83 -17.71 -14.00
N PHE C 342 27.16 -18.57 -14.74
CA PHE C 342 27.31 -18.60 -16.18
C PHE C 342 26.93 -17.21 -16.61
N LYS C 343 27.52 -16.73 -17.70
CA LYS C 343 27.35 -15.35 -18.11
C LYS C 343 26.39 -15.24 -19.26
N TYR C 344 25.39 -14.39 -19.09
CA TYR C 344 24.48 -14.03 -20.13
C TYR C 344 25.22 -13.37 -21.24
N VAL C 345 24.97 -13.83 -22.46
CA VAL C 345 25.62 -13.28 -23.64
C VAL C 345 24.68 -12.35 -24.40
N GLY C 346 23.44 -12.76 -24.58
CA GLY C 346 22.46 -11.94 -25.28
C GLY C 346 21.13 -12.60 -25.56
N GLU C 347 20.23 -11.82 -26.15
CA GLU C 347 18.89 -12.27 -26.45
C GLU C 347 18.55 -11.96 -27.89
N THR C 348 17.75 -12.83 -28.51
CA THR C 348 17.27 -12.63 -29.88
C THR C 348 15.96 -13.42 -30.05
N GLN C 349 15.28 -13.17 -31.17
CA GLN C 349 14.07 -13.89 -31.53
C GLN C 349 14.10 -14.41 -32.96
N PRO C 350 13.38 -15.51 -33.23
CA PRO C 350 13.16 -15.90 -34.62
C PRO C 350 12.35 -14.87 -35.40
N THR C 351 12.42 -15.00 -36.72
CA THR C 351 11.87 -14.03 -37.65
C THR C 351 10.76 -14.70 -38.46
N GLY C 352 9.74 -13.92 -38.78
CA GLY C 352 8.63 -14.38 -39.63
C GLY C 352 7.89 -15.59 -39.09
N GLN C 353 7.81 -16.64 -39.92
CA GLN C 353 7.11 -17.87 -39.58
C GLN C 353 7.99 -18.83 -38.77
N ILE C 354 9.29 -18.56 -38.71
CA ILE C 354 10.25 -19.50 -38.12
C ILE C 354 9.85 -19.80 -36.68
N LYS C 355 9.79 -21.09 -36.35
CA LYS C 355 9.54 -21.53 -34.99
C LYS C 355 10.49 -22.66 -34.65
N ILE C 356 10.85 -22.77 -33.37
CA ILE C 356 11.84 -23.74 -32.94
C ILE C 356 11.21 -24.80 -32.07
N LYS C 357 11.42 -26.07 -32.44
CA LYS C 357 10.83 -27.18 -31.74
C LYS C 357 11.74 -27.74 -30.63
N ARG C 358 11.12 -28.39 -29.66
CA ARG C 358 11.83 -28.90 -28.48
C ARG C 358 12.94 -29.88 -28.83
N GLU C 359 12.73 -30.70 -29.85
CA GLU C 359 13.76 -31.67 -30.26
C GLU C 359 15.04 -31.00 -30.73
N ASP C 360 14.93 -29.79 -31.28
CA ASP C 360 16.11 -29.05 -31.75
C ASP C 360 16.91 -28.38 -30.63
N TYR C 361 16.36 -28.29 -29.42
CA TYR C 361 17.02 -27.56 -28.35
C TYR C 361 18.44 -28.03 -28.06
N GLU C 362 18.65 -29.34 -28.01
CA GLU C 362 19.97 -29.90 -27.70
C GLU C 362 21.04 -29.50 -28.73
N SER C 363 20.62 -29.24 -29.96
CA SER C 363 21.57 -28.97 -31.05
C SER C 363 22.00 -27.50 -31.18
N LEU C 364 21.36 -26.60 -30.43
CA LEU C 364 21.60 -25.16 -30.60
C LEU C 364 22.94 -24.70 -30.06
N PRO C 365 23.37 -25.20 -28.89
CA PRO C 365 24.74 -24.88 -28.46
C PRO C 365 25.78 -25.22 -29.54
N LYS C 366 25.54 -26.31 -30.24
CA LYS C 366 26.46 -26.77 -31.27
C LYS C 366 26.41 -25.77 -32.43
N GLU C 367 25.23 -25.27 -32.78
CA GLU C 367 25.13 -24.30 -33.88
C GLU C 367 25.88 -23.01 -33.60
N VAL C 368 25.87 -22.57 -32.35
CA VAL C 368 26.47 -21.31 -31.97
C VAL C 368 27.98 -21.45 -32.05
N ALA C 369 28.46 -22.59 -31.55
CA ALA C 369 29.88 -22.94 -31.59
C ALA C 369 30.41 -23.13 -33.01
N SER C 370 29.51 -23.50 -33.93
CA SER C 370 29.84 -23.68 -35.36
C SER C 370 29.90 -22.40 -36.13
N ALA C 371 29.25 -21.35 -35.64
CA ALA C 371 29.32 -20.06 -36.31
C ALA C 371 30.80 -19.63 -36.44
N LYS C 372 31.16 -19.05 -37.57
CA LYS C 372 32.54 -18.62 -37.74
C LYS C 372 32.65 -17.15 -38.11
N PRO C 373 32.65 -16.30 -37.08
CA PRO C 373 32.72 -14.86 -37.25
C PRO C 373 34.08 -14.42 -37.78
N LYS C 374 34.08 -13.43 -38.68
CA LYS C 374 35.31 -12.91 -39.28
C LYS C 374 35.93 -11.92 -38.32
N VAL C 375 36.48 -12.44 -37.23
CA VAL C 375 37.02 -11.61 -36.15
C VAL C 375 38.17 -12.36 -35.49
N LEU C 376 39.08 -11.57 -34.95
CA LEU C 376 40.26 -12.09 -34.29
C LEU C 376 39.97 -12.57 -32.87
N LEU C 377 40.21 -13.86 -32.60
CA LEU C 377 39.90 -14.44 -31.30
C LEU C 377 41.09 -15.11 -30.62
N ASP C 378 41.27 -14.80 -29.34
CA ASP C 378 42.24 -15.47 -28.47
C ASP C 378 41.83 -16.92 -28.25
N VAL C 379 40.60 -17.11 -27.76
CA VAL C 379 40.11 -18.46 -27.45
C VAL C 379 39.07 -18.92 -28.47
N LYS C 380 39.04 -20.22 -28.67
CA LYS C 380 38.06 -20.88 -29.51
C LYS C 380 37.12 -21.58 -28.54
N LEU C 381 35.81 -21.51 -28.76
CA LEU C 381 34.83 -22.03 -27.80
C LEU C 381 34.10 -23.24 -28.35
N LYS C 382 33.66 -24.12 -27.46
CA LYS C 382 33.00 -25.38 -27.82
C LYS C 382 31.52 -25.40 -27.47
N ALA C 383 30.77 -26.31 -28.07
CA ALA C 383 29.33 -26.44 -27.83
C ALA C 383 28.97 -26.49 -26.35
N GLU C 384 29.74 -27.30 -25.61
CA GLU C 384 29.52 -27.49 -24.18
C GLU C 384 29.75 -26.24 -23.34
N ASP C 385 30.42 -25.22 -23.90
CA ASP C 385 30.62 -23.95 -23.22
C ASP C 385 29.39 -23.04 -23.29
N PHE C 386 28.46 -23.36 -24.18
CA PHE C 386 27.28 -22.53 -24.42
C PHE C 386 26.02 -23.15 -23.83
N ILE C 387 25.19 -22.28 -23.26
CA ILE C 387 23.84 -22.63 -22.91
C ILE C 387 22.87 -21.78 -23.72
N VAL C 388 21.81 -22.40 -24.23
CA VAL C 388 20.81 -21.70 -25.00
C VAL C 388 19.45 -22.00 -24.41
N ASP C 389 18.80 -21.00 -23.86
CA ASP C 389 17.47 -21.16 -23.25
C ASP C 389 16.44 -20.65 -24.25
N VAL C 390 15.42 -21.43 -24.53
CA VAL C 390 14.39 -20.98 -25.43
C VAL C 390 13.13 -20.79 -24.62
N ILE C 391 12.50 -19.64 -24.75
CA ILE C 391 11.36 -19.31 -23.91
C ILE C 391 10.14 -18.98 -24.78
N ASN C 392 9.07 -19.74 -24.59
CA ASN C 392 7.82 -19.54 -25.32
C ASN C 392 6.89 -18.62 -24.54
N MET C 393 6.69 -17.41 -25.04
CA MET C 393 5.80 -16.46 -24.38
C MET C 393 4.47 -16.43 -25.10
N ASP C 394 3.36 -16.60 -24.38
CA ASP C 394 2.04 -16.47 -24.98
C ASP C 394 1.03 -15.89 -23.99
N TYR C 395 -0.23 -15.79 -24.43
CA TYR C 395 -1.34 -15.48 -23.54
C TYR C 395 -2.04 -16.74 -22.99
N GLY C 396 -1.29 -17.81 -22.84
CA GLY C 396 -1.81 -19.03 -22.24
C GLY C 396 -2.42 -20.04 -23.18
N MET C 397 -2.55 -19.74 -24.46
CA MET C 397 -3.20 -20.69 -25.39
C MET C 397 -2.47 -20.75 -26.72
N GLN C 398 -1.15 -20.88 -26.65
CA GLN C 398 -0.27 -20.77 -27.81
C GLN C 398 -0.65 -19.53 -28.65
N GLU C 399 -0.90 -19.74 -29.95
N GLU C 399 -0.89 -19.73 -29.95
CA GLU C 399 -1.21 -18.67 -30.88
CA GLU C 399 -1.19 -18.63 -30.88
C GLU C 399 -2.61 -18.06 -30.69
C GLU C 399 -2.60 -18.06 -30.69
N LYS C 400 -3.46 -18.74 -29.92
CA LYS C 400 -4.85 -18.29 -29.72
C LYS C 400 -5.04 -17.18 -28.69
N ASN C 401 -6.04 -16.35 -28.99
CA ASN C 401 -6.54 -15.27 -28.13
C ASN C 401 -7.60 -15.78 -27.15
N PRO C 402 -7.30 -15.74 -25.86
CA PRO C 402 -8.23 -16.33 -24.89
C PRO C 402 -9.54 -15.58 -24.71
N ILE C 403 -9.59 -14.32 -25.11
CA ILE C 403 -10.82 -13.54 -25.02
C ILE C 403 -11.85 -13.96 -26.05
N ASP C 404 -11.38 -14.51 -27.17
CA ASP C 404 -12.26 -15.23 -28.10
C ASP C 404 -12.95 -16.43 -27.42
N HIS C 405 -12.44 -16.91 -26.28
CA HIS C 405 -13.08 -18.04 -25.57
C HIS C 405 -13.74 -17.63 -24.25
N VAL C 406 -14.21 -16.38 -24.21
CA VAL C 406 -14.87 -15.81 -23.05
C VAL C 406 -16.26 -15.35 -23.45
N SER C 407 -17.21 -15.57 -22.55
CA SER C 407 -18.58 -15.15 -22.73
C SER C 407 -18.93 -13.96 -21.86
N PHE C 408 -19.71 -13.04 -22.42
CA PHE C 408 -20.06 -11.80 -21.74
C PHE C 408 -21.53 -11.63 -21.61
N TYR C 409 -21.95 -10.65 -20.82
CA TYR C 409 -23.36 -10.26 -20.76
C TYR C 409 -23.48 -8.77 -20.65
N CYS C 410 -24.66 -8.25 -20.92
CA CYS C 410 -24.90 -6.82 -20.83
C CYS C 410 -26.02 -6.53 -19.83
N LYS C 411 -26.05 -5.30 -19.34
CA LYS C 411 -26.98 -4.95 -18.27
C LYS C 411 -28.41 -5.00 -18.74
N THR C 412 -28.61 -4.63 -19.99
CA THR C 412 -29.94 -4.67 -20.55
C THR C 412 -30.47 -6.10 -20.59
N ALA C 413 -29.58 -7.06 -20.88
CA ALA C 413 -29.97 -8.48 -20.88
C ALA C 413 -28.93 -9.33 -20.18
N PRO C 414 -29.02 -9.33 -18.85
CA PRO C 414 -28.07 -10.05 -18.00
C PRO C 414 -28.02 -11.55 -18.18
N ASN C 415 -29.15 -12.18 -18.48
CA ASN C 415 -29.17 -13.65 -18.64
C ASN C 415 -28.73 -14.10 -20.02
N ARG C 416 -28.47 -13.15 -20.90
CA ARG C 416 -28.15 -13.47 -22.28
C ARG C 416 -26.68 -13.31 -22.57
N ALA C 417 -26.04 -14.44 -22.79
CA ALA C 417 -24.60 -14.49 -23.06
C ALA C 417 -24.33 -13.98 -24.45
N ILE C 418 -23.15 -13.39 -24.66
CA ILE C 418 -22.71 -12.88 -25.96
C ILE C 418 -21.19 -12.99 -26.10
N ARG C 419 -20.71 -12.73 -27.31
CA ARG C 419 -19.29 -12.84 -27.64
C ARG C 419 -18.80 -11.49 -28.09
N ILE C 420 -17.53 -11.18 -27.82
CA ILE C 420 -16.94 -9.93 -28.23
C ILE C 420 -15.62 -10.20 -28.94
N THR C 421 -15.46 -9.64 -30.13
CA THR C 421 -14.26 -9.82 -30.95
C THR C 421 -13.27 -8.73 -30.60
N LYS C 422 -12.02 -8.94 -30.99
CA LYS C 422 -10.93 -8.01 -30.69
C LYS C 422 -11.20 -6.67 -31.35
N ASN C 423 -11.73 -6.71 -32.55
CA ASN C 423 -12.00 -5.49 -33.33
C ASN C 423 -13.07 -4.64 -32.67
N GLN C 424 -13.93 -5.28 -31.87
CA GLN C 424 -14.92 -4.54 -31.10
C GLN C 424 -14.34 -3.87 -29.85
N VAL C 425 -13.07 -4.11 -29.55
CA VAL C 425 -12.49 -3.57 -28.35
C VAL C 425 -11.53 -2.42 -28.62
N SER C 426 -10.47 -2.68 -29.38
CA SER C 426 -9.42 -1.70 -29.62
C SER C 426 -8.48 -2.15 -30.73
N GLN C 427 -7.89 -1.19 -31.43
CA GLN C 427 -6.83 -1.45 -32.40
C GLN C 427 -5.48 -1.47 -31.74
N LEU C 428 -5.41 -1.00 -30.49
CA LEU C 428 -4.16 -0.92 -29.75
C LEU C 428 -3.81 -2.23 -29.04
N LEU C 429 -4.51 -3.30 -29.40
CA LEU C 429 -4.23 -4.59 -28.83
C LEU C 429 -3.22 -5.30 -29.74
N PRO C 430 -2.57 -6.35 -29.21
CA PRO C 430 -1.59 -7.16 -29.97
C PRO C 430 -2.21 -7.84 -31.19
N GLU C 431 -1.45 -7.99 -32.27
CA GLU C 431 -1.93 -8.79 -33.41
C GLU C 431 -1.57 -10.25 -33.25
N LYS C 432 -0.52 -10.54 -32.51
CA LYS C 432 -0.13 -11.93 -32.23
C LYS C 432 -0.19 -12.17 -30.74
N PHE C 433 -0.35 -13.44 -30.36
CA PHE C 433 -0.47 -13.82 -28.97
C PHE C 433 0.54 -14.86 -28.53
N ALA C 434 1.59 -15.08 -29.34
CA ALA C 434 2.69 -15.96 -28.94
C ALA C 434 4.02 -15.59 -29.60
N GLU C 435 5.12 -15.89 -28.93
CA GLU C 435 6.46 -15.64 -29.48
C GLU C 435 7.52 -16.46 -28.77
N GLN C 436 8.73 -16.53 -29.34
CA GLN C 436 9.85 -17.18 -28.66
C GLN C 436 10.99 -16.21 -28.41
N LEU C 437 11.66 -16.39 -27.28
CA LEU C 437 12.87 -15.68 -26.95
C LEU C 437 14.00 -16.67 -26.86
N ILE C 438 15.17 -16.30 -27.38
CA ILE C 438 16.35 -17.11 -27.23
C ILE C 438 17.37 -16.35 -26.44
N ARG C 439 17.81 -16.95 -25.33
CA ARG C 439 18.90 -16.39 -24.51
C ARG C 439 20.09 -17.31 -24.66
N VAL C 440 21.27 -16.70 -24.82
CA VAL C 440 22.49 -17.45 -24.86
C VAL C 440 23.37 -17.04 -23.72
N TYR C 441 23.89 -18.04 -23.03
CA TYR C 441 24.84 -17.85 -21.94
C TYR C 441 26.13 -18.64 -22.18
N CYS C 442 27.22 -18.22 -21.55
CA CYS C 442 28.50 -18.91 -21.66
C CYS C 442 28.97 -19.40 -20.30
N LYS C 443 29.41 -20.63 -20.24
CA LYS C 443 29.94 -21.20 -19.00
C LYS C 443 31.36 -20.71 -18.69
N LYS C 444 32.09 -20.20 -19.68
CA LYS C 444 33.44 -19.65 -19.46
C LYS C 444 33.28 -18.17 -19.22
N VAL C 445 33.68 -17.73 -18.02
CA VAL C 445 33.32 -16.41 -17.54
C VAL C 445 34.36 -15.31 -17.83
N ASP C 446 35.61 -15.66 -18.09
CA ASP C 446 36.67 -14.65 -18.25
C ASP C 446 36.45 -13.70 -19.43
N ARG C 447 37.12 -12.55 -19.39
CA ARG C 447 36.88 -11.45 -20.33
C ARG C 447 37.03 -11.89 -21.77
N LYS C 448 38.02 -12.73 -22.02
CA LYS C 448 38.35 -13.11 -23.38
C LYS C 448 37.38 -14.14 -23.92
N SER C 449 36.94 -15.06 -23.06
CA SER C 449 35.94 -16.04 -23.46
C SER C 449 34.61 -15.37 -23.72
N LEU C 450 34.29 -14.41 -22.89
CA LEU C 450 33.05 -13.67 -23.02
C LEU C 450 33.06 -12.82 -24.28
N TYR C 451 34.18 -12.16 -24.52
CA TYR C 451 34.33 -11.36 -25.74
C TYR C 451 34.08 -12.22 -26.96
N ALA C 452 34.67 -13.40 -26.97
CA ALA C 452 34.52 -14.38 -28.04
C ALA C 452 33.07 -14.85 -28.19
N ALA C 453 32.48 -15.21 -27.06
CA ALA C 453 31.10 -15.73 -27.03
C ALA C 453 30.12 -14.77 -27.70
N ARG C 454 30.37 -13.47 -27.53
CA ARG C 454 29.50 -12.46 -28.14
C ARG C 454 29.57 -12.43 -29.64
N GLN C 455 30.75 -12.76 -30.16
CA GLN C 455 31.01 -12.77 -31.58
C GLN C 455 30.31 -13.96 -32.22
N TYR C 456 30.48 -15.13 -31.62
CA TYR C 456 29.73 -16.32 -32.05
C TYR C 456 28.24 -16.06 -32.07
N PHE C 457 27.73 -15.54 -30.96
CA PHE C 457 26.32 -15.32 -30.76
C PHE C 457 25.74 -14.45 -31.85
N VAL C 458 26.37 -13.31 -32.04
CA VAL C 458 25.83 -12.36 -33.00
C VAL C 458 25.95 -12.88 -34.41
N GLN C 459 27.05 -13.58 -34.68
CA GLN C 459 27.26 -14.21 -35.98
C GLN C 459 26.16 -15.23 -36.25
N TRP C 460 25.87 -16.03 -35.24
CA TRP C 460 24.85 -17.05 -35.33
C TRP C 460 23.49 -16.45 -35.61
N CYS C 461 23.17 -15.35 -34.92
CA CYS C 461 21.92 -14.62 -35.17
C CYS C 461 21.82 -14.23 -36.64
N ALA C 462 22.91 -13.66 -37.17
CA ALA C 462 22.97 -13.27 -38.56
C ALA C 462 22.81 -14.48 -39.48
N ASP C 463 23.48 -15.58 -39.15
CA ASP C 463 23.41 -16.81 -39.98
C ASP C 463 21.98 -17.33 -40.06
N ARG C 464 21.25 -17.24 -38.96
CA ARG C 464 19.91 -17.81 -38.84
C ARG C 464 18.82 -16.80 -39.16
N ASN C 465 19.22 -15.58 -39.50
CA ASN C 465 18.28 -14.54 -39.82
C ASN C 465 17.36 -14.24 -38.64
N PHE C 466 17.93 -14.23 -37.44
CA PHE C 466 17.22 -13.82 -36.25
C PHE C 466 17.26 -12.32 -36.09
N THR C 467 16.51 -11.81 -35.11
CA THR C 467 16.48 -10.39 -34.87
C THR C 467 17.81 -9.93 -34.28
N LYS C 468 18.15 -8.69 -34.58
CA LYS C 468 19.41 -8.11 -34.15
C LYS C 468 19.35 -7.89 -32.66
N PRO C 469 20.29 -8.50 -31.92
CA PRO C 469 20.31 -8.21 -30.49
C PRO C 469 20.40 -6.70 -30.26
N GLN C 470 19.77 -6.23 -29.20
CA GLN C 470 19.62 -4.81 -28.97
C GLN C 470 20.96 -4.11 -28.86
N ASP C 471 21.92 -4.77 -28.23
CA ASP C 471 23.28 -4.24 -28.09
C ASP C 471 24.28 -4.77 -29.14
N GLY C 472 23.77 -5.30 -30.25
CA GLY C 472 24.61 -5.94 -31.27
C GLY C 472 25.77 -5.08 -31.73
N ASP C 473 25.46 -3.82 -32.06
CA ASP C 473 26.46 -2.91 -32.57
C ASP C 473 27.55 -2.58 -31.57
N VAL C 474 27.20 -2.56 -30.30
CA VAL C 474 28.18 -2.30 -29.28
C VAL C 474 29.02 -3.56 -28.99
N ILE C 475 28.36 -4.70 -28.87
CA ILE C 475 29.02 -5.96 -28.50
C ILE C 475 29.85 -6.58 -29.62
N ALA C 476 29.35 -6.52 -30.85
CA ALA C 476 30.01 -7.13 -32.02
C ALA C 476 29.91 -6.18 -33.23
N PRO C 477 30.72 -5.11 -33.19
CA PRO C 477 30.61 -4.06 -34.19
C PRO C 477 31.02 -4.55 -35.55
N LEU C 478 32.05 -5.42 -35.59
CA LEU C 478 32.53 -5.98 -36.86
C LEU C 478 31.46 -6.85 -37.52
N ILE C 479 30.74 -7.64 -36.73
CA ILE C 479 29.83 -8.63 -37.24
C ILE C 479 28.58 -7.95 -37.80
N THR C 480 28.11 -6.94 -37.09
CA THR C 480 26.80 -6.37 -37.29
C THR C 480 26.62 -5.74 -38.66
N PRO C 481 27.70 -5.13 -39.16
CA PRO C 481 27.61 -4.46 -40.46
C PRO C 481 27.26 -5.36 -41.67
N GLN C 482 27.71 -6.61 -41.69
CA GLN C 482 27.46 -7.53 -42.84
C GLN C 482 25.98 -7.70 -43.19
N LYS C 483 25.12 -7.69 -42.18
CA LYS C 483 23.72 -7.91 -42.44
C LYS C 483 23.10 -6.59 -42.89
N LYS C 484 22.55 -6.56 -44.11
CA LYS C 484 21.86 -5.35 -44.63
C LYS C 484 20.73 -4.87 -43.73
N GLU C 485 19.79 -5.77 -43.47
CA GLU C 485 18.54 -5.51 -42.73
C GLU C 485 18.77 -4.77 -41.42
N TRP C 486 19.84 -5.15 -40.74
CA TRP C 486 20.26 -4.59 -39.47
C TRP C 486 20.90 -3.20 -39.70
N ASP D 1 14.21 33.10 5.52
CA ASP D 1 13.65 31.87 4.88
C ASP D 1 14.72 30.77 4.89
N THR D 2 14.37 29.58 5.38
CA THR D 2 15.09 28.35 5.01
C THR D 2 14.09 27.27 4.54
N MET D 3 14.60 26.09 4.27
CA MET D 3 13.86 25.10 3.49
C MET D 3 12.68 24.49 4.27
N LYS D 4 11.59 24.16 3.55
CA LYS D 4 10.43 23.50 4.16
C LYS D 4 10.27 22.07 3.72
N VAL D 5 9.66 21.29 4.60
CA VAL D 5 9.30 19.91 4.35
C VAL D 5 7.78 19.79 4.26
N ILE D 6 7.31 19.11 3.22
CA ILE D 6 5.92 18.83 3.05
C ILE D 6 5.69 17.32 2.97
N ASN D 7 4.70 16.82 3.70
CA ASN D 7 4.33 15.42 3.59
C ASN D 7 3.27 15.21 2.50
N ASP D 8 3.67 14.51 1.44
CA ASP D 8 2.80 14.10 0.39
C ASP D 8 2.59 12.57 0.51
N PRO D 9 1.34 12.11 0.41
CA PRO D 9 1.02 10.71 0.41
C PRO D 9 1.68 9.93 -0.70
N ILE D 10 1.88 10.49 -1.85
CA ILE D 10 2.52 9.76 -2.94
C ILE D 10 4.03 9.64 -2.75
N HIS D 11 4.67 10.72 -2.36
CA HIS D 11 6.13 10.80 -2.38
C HIS D 11 6.78 10.90 -1.01
N GLY D 12 6.02 11.02 0.05
CA GLY D 12 6.58 11.19 1.35
C GLY D 12 7.00 12.62 1.55
N HIS D 13 8.03 12.79 2.39
CA HIS D 13 8.51 14.07 2.80
C HIS D 13 9.38 14.70 1.74
N ILE D 14 8.89 15.81 1.23
CA ILE D 14 9.46 16.54 0.16
C ILE D 14 10.06 17.78 0.76
N GLU D 15 11.29 18.10 0.38
CA GLU D 15 11.94 19.35 0.77
C GLU D 15 11.73 20.39 -0.28
N LEU D 16 11.38 21.57 0.16
CA LEU D 16 11.23 22.69 -0.73
C LEU D 16 12.22 23.80 -0.38
N HIS D 17 12.95 24.21 -1.39
CA HIS D 17 13.83 25.35 -1.32
C HIS D 17 13.01 26.63 -1.14
N PRO D 18 13.50 27.56 -0.30
CA PRO D 18 12.79 28.81 -0.02
C PRO D 18 12.25 29.56 -1.21
N LEU D 19 12.98 29.53 -2.30
CA LEU D 19 12.54 30.19 -3.50
C LEU D 19 11.26 29.58 -4.01
N LEU D 20 11.18 28.26 -3.98
CA LEU D 20 9.97 27.56 -4.43
C LEU D 20 8.79 27.89 -3.52
N VAL D 21 9.04 27.92 -2.22
CA VAL D 21 8.04 28.29 -1.25
C VAL D 21 7.43 29.64 -1.55
N ARG D 22 8.30 30.59 -1.85
CA ARG D 22 7.88 31.94 -2.16
C ARG D 22 6.97 31.94 -3.37
N ILE D 23 7.31 31.15 -4.37
CA ILE D 23 6.48 31.03 -5.57
C ILE D 23 5.13 30.40 -5.22
N ILE D 24 5.20 29.42 -4.35
CA ILE D 24 4.03 28.64 -4.00
C ILE D 24 3.03 29.48 -3.24
N ASP D 25 3.53 30.31 -2.35
CA ASP D 25 2.68 31.12 -1.51
C ASP D 25 2.22 32.42 -2.17
N THR D 26 1.52 32.24 -3.27
CA THR D 26 0.98 33.34 -4.01
C THR D 26 -0.44 32.96 -4.37
N PRO D 27 -1.28 33.95 -4.65
CA PRO D 27 -2.64 33.66 -5.06
C PRO D 27 -2.73 32.88 -6.35
N GLN D 28 -1.75 33.07 -7.23
CA GLN D 28 -1.75 32.48 -8.54
C GLN D 28 -1.48 31.00 -8.47
N PHE D 29 -0.65 30.61 -7.52
CA PHE D 29 -0.37 29.20 -7.31
C PHE D 29 -1.42 28.55 -6.43
N GLN D 30 -1.82 29.23 -5.36
CA GLN D 30 -2.77 28.67 -4.40
C GLN D 30 -4.11 28.45 -5.02
N ARG D 31 -4.37 29.18 -6.08
CA ARG D 31 -5.53 28.95 -6.94
C ARG D 31 -5.73 27.49 -7.36
N LEU D 32 -4.64 26.78 -7.58
CA LEU D 32 -4.70 25.37 -7.99
C LEU D 32 -5.30 24.43 -6.94
N ARG D 33 -5.44 24.88 -5.71
CA ARG D 33 -6.19 24.15 -4.72
C ARG D 33 -7.65 24.01 -4.99
N TYR D 34 -8.21 24.79 -5.93
CA TYR D 34 -9.64 24.79 -6.16
C TYR D 34 -9.93 24.43 -7.61
N ILE D 35 -9.08 23.57 -8.15
CA ILE D 35 -9.25 22.98 -9.44
C ILE D 35 -8.97 21.46 -9.40
N LYS D 36 -10.01 20.66 -9.60
CA LYS D 36 -9.90 19.22 -9.54
C LYS D 36 -9.03 18.71 -10.69
N GLN D 37 -8.09 17.85 -10.35
CA GLN D 37 -7.25 17.26 -11.32
C GLN D 37 -8.06 16.59 -12.43
N LEU D 38 -9.08 15.82 -12.04
CA LEU D 38 -9.82 14.97 -12.95
C LEU D 38 -11.20 15.50 -13.30
N GLY D 39 -11.49 16.75 -12.93
CA GLY D 39 -12.77 17.41 -13.28
C GLY D 39 -14.03 16.63 -12.84
N GLY D 40 -14.85 16.27 -13.82
CA GLY D 40 -16.05 15.47 -13.57
C GLY D 40 -15.83 14.01 -13.13
N GLY D 41 -14.60 13.52 -13.21
CA GLY D 41 -14.28 12.18 -12.71
C GLY D 41 -14.61 11.92 -11.24
N TYR D 42 -14.57 12.97 -10.40
CA TYR D 42 -14.95 12.88 -8.99
C TYR D 42 -16.38 12.42 -8.80
N TYR D 43 -17.20 12.73 -9.80
CA TYR D 43 -18.62 12.35 -9.80
C TYR D 43 -18.85 10.89 -10.16
N VAL D 44 -17.78 10.21 -10.56
CA VAL D 44 -17.83 8.78 -10.82
C VAL D 44 -16.94 7.98 -9.84
N PHE D 45 -15.78 8.55 -9.54
CA PHE D 45 -14.76 7.95 -8.70
C PHE D 45 -14.61 8.87 -7.48
N PRO D 46 -15.28 8.55 -6.39
CA PRO D 46 -15.32 9.44 -5.24
C PRO D 46 -14.03 9.68 -4.48
N GLY D 47 -13.01 8.86 -4.72
CA GLY D 47 -11.69 9.07 -4.17
C GLY D 47 -10.98 10.20 -4.89
N ALA D 48 -11.39 10.50 -6.12
CA ALA D 48 -10.73 11.54 -6.93
C ALA D 48 -11.11 13.00 -6.57
N SER D 49 -10.89 13.33 -5.31
CA SER D 49 -11.10 14.68 -4.78
C SER D 49 -9.89 15.59 -5.04
N HIS D 50 -8.76 15.00 -5.43
CA HIS D 50 -7.51 15.73 -5.59
C HIS D 50 -7.50 16.83 -6.64
N ASN D 51 -6.71 17.87 -6.32
CA ASN D 51 -6.63 19.10 -7.07
C ASN D 51 -5.25 19.27 -7.68
N ARG D 52 -5.14 20.22 -8.59
CA ARG D 52 -3.92 20.43 -9.37
C ARG D 52 -2.76 20.84 -8.51
N PHE D 53 -3.08 21.44 -7.37
CA PHE D 53 -2.06 21.94 -6.43
C PHE D 53 -1.07 20.84 -6.03
N GLU D 54 -1.58 19.77 -5.45
CA GLU D 54 -0.74 18.70 -4.94
C GLU D 54 -0.01 18.01 -6.10
N HIS D 55 -0.67 17.91 -7.26
CA HIS D 55 -0.04 17.33 -8.42
C HIS D 55 1.19 18.14 -8.81
N SER D 56 1.04 19.45 -8.74
CA SER D 56 2.11 20.38 -9.05
C SER D 56 3.30 20.28 -8.11
N LEU D 57 3.06 20.11 -6.82
CA LEU D 57 4.18 19.87 -5.90
C LEU D 57 4.91 18.61 -6.35
N GLY D 58 4.16 17.55 -6.64
CA GLY D 58 4.75 16.29 -6.97
C GLY D 58 5.58 16.39 -8.23
N VAL D 59 5.11 17.17 -9.18
CA VAL D 59 5.85 17.29 -10.44
C VAL D 59 7.15 18.02 -10.16
N GLY D 60 7.08 19.05 -9.34
CA GLY D 60 8.24 19.83 -8.97
C GLY D 60 9.27 18.95 -8.32
N TYR D 61 8.81 18.10 -7.44
CA TYR D 61 9.72 17.25 -6.70
C TYR D 61 10.40 16.22 -7.59
N LEU D 62 9.62 15.58 -8.46
CA LEU D 62 10.20 14.60 -9.35
C LEU D 62 11.20 15.21 -10.33
N ALA D 63 10.91 16.42 -10.80
CA ALA D 63 11.84 17.14 -11.67
C ALA D 63 13.16 17.30 -10.97
N GLY D 64 13.10 17.73 -9.72
CA GLY D 64 14.29 17.80 -8.87
C GLY D 64 15.04 16.47 -8.70
N CYS D 65 14.30 15.39 -8.51
CA CYS D 65 14.88 14.07 -8.31
C CYS D 65 15.70 13.61 -9.47
N LEU D 66 15.17 13.81 -10.66
CA LEU D 66 15.83 13.36 -11.86
C LEU D 66 17.10 14.17 -12.19
N VAL D 67 16.98 15.49 -12.15
CA VAL D 67 18.10 16.36 -12.43
C VAL D 67 19.22 16.09 -11.41
N HIS D 68 18.87 15.95 -10.13
CA HIS D 68 19.84 15.56 -9.10
C HIS D 68 20.53 14.25 -9.39
N ALA D 69 19.77 13.26 -9.85
CA ALA D 69 20.31 11.93 -10.10
C ALA D 69 21.32 11.93 -11.26
N LEU D 70 21.01 12.70 -12.30
CA LEU D 70 21.93 12.88 -13.41
C LEU D 70 23.23 13.55 -13.00
N GLY D 71 23.11 14.60 -12.20
CA GLY D 71 24.29 15.31 -11.69
C GLY D 71 25.14 14.45 -10.80
N GLU D 72 24.54 13.62 -9.97
CA GLU D 72 25.32 12.72 -9.10
C GLU D 72 26.04 11.67 -9.94
N LYS D 73 25.36 11.09 -10.91
CA LYS D 73 25.94 10.04 -11.76
C LYS D 73 27.04 10.60 -12.67
N GLN D 74 26.81 11.77 -13.24
CA GLN D 74 27.78 12.41 -14.11
C GLN D 74 28.08 13.87 -13.76
N PRO D 75 29.19 14.12 -13.06
CA PRO D 75 29.61 15.49 -12.76
C PRO D 75 30.03 16.27 -14.00
N GLU D 76 30.57 15.56 -14.99
CA GLU D 76 31.01 16.16 -16.24
C GLU D 76 29.91 16.96 -16.94
N LEU D 77 28.66 16.67 -16.63
CA LEU D 77 27.53 17.44 -17.11
C LEU D 77 27.56 18.89 -16.63
N GLN D 78 28.17 19.14 -15.47
CA GLN D 78 28.31 20.48 -14.92
C GLN D 78 26.94 21.07 -14.57
N ILE D 79 26.07 20.27 -13.97
CA ILE D 79 24.74 20.75 -13.60
C ILE D 79 24.86 21.60 -12.35
N SER D 80 24.30 22.80 -12.37
CA SER D 80 24.40 23.72 -11.23
C SER D 80 23.11 23.75 -10.42
N GLU D 81 23.20 24.21 -9.16
CA GLU D 81 22.02 24.47 -8.36
C GLU D 81 21.06 25.37 -9.14
N ARG D 82 21.60 26.29 -9.89
CA ARG D 82 20.79 27.18 -10.68
C ARG D 82 19.92 26.38 -11.66
N ASP D 83 20.53 25.41 -12.31
CA ASP D 83 19.82 24.56 -13.25
C ASP D 83 18.74 23.78 -12.50
N VAL D 84 19.11 23.24 -11.35
CA VAL D 84 18.18 22.44 -10.56
C VAL D 84 16.95 23.25 -10.22
N LEU D 85 17.15 24.47 -9.72
CA LEU D 85 16.01 25.27 -9.34
C LEU D 85 15.12 25.67 -10.50
N CYS D 86 15.72 25.95 -11.65
CA CYS D 86 14.94 26.29 -12.82
C CYS D 86 14.09 25.17 -13.28
N VAL D 87 14.63 23.95 -13.20
CA VAL D 87 13.88 22.78 -13.62
C VAL D 87 12.73 22.52 -12.63
N GLN D 88 13.00 22.68 -11.35
CA GLN D 88 11.96 22.48 -10.36
C GLN D 88 10.84 23.51 -10.50
N ILE D 89 11.19 24.79 -10.69
CA ILE D 89 10.18 25.83 -10.86
C ILE D 89 9.29 25.53 -12.07
N ALA D 90 9.90 25.09 -13.17
CA ALA D 90 9.13 24.70 -14.34
C ALA D 90 8.18 23.53 -13.99
N GLY D 91 8.67 22.59 -13.20
CA GLY D 91 7.81 21.47 -12.82
C GLY D 91 6.60 21.90 -11.99
N LEU D 92 6.88 22.69 -10.95
CA LEU D 92 5.80 23.31 -10.18
C LEU D 92 4.80 24.11 -10.99
N CYS D 93 5.28 24.75 -12.04
CA CYS D 93 4.48 25.78 -12.71
C CYS D 93 3.82 25.37 -14.01
N ARG D 94 4.02 24.14 -14.45
CA ARG D 94 3.41 23.76 -15.71
C ARG D 94 1.88 23.55 -15.67
N ASN D 95 1.29 23.45 -14.50
CA ASN D 95 -0.17 23.32 -14.39
C ASN D 95 -0.86 24.62 -14.02
N LEU D 96 -0.10 25.71 -13.93
CA LEU D 96 -0.63 27.00 -13.55
C LEU D 96 -1.78 27.48 -14.43
N GLY D 97 -1.76 27.12 -15.72
CA GLY D 97 -2.73 27.59 -16.68
C GLY D 97 -4.06 26.85 -16.75
N HIS D 98 -4.23 25.80 -15.96
CA HIS D 98 -5.45 24.99 -16.04
C HIS D 98 -6.66 25.77 -15.54
N GLY D 99 -7.82 25.48 -16.10
CA GLY D 99 -9.04 26.17 -15.75
C GLY D 99 -9.97 25.28 -14.94
N PRO D 100 -11.17 25.77 -14.63
CA PRO D 100 -12.12 24.96 -13.89
C PRO D 100 -12.30 23.58 -14.51
N PHE D 101 -12.27 22.56 -13.65
CA PHE D 101 -12.38 21.15 -14.03
C PHE D 101 -11.32 20.73 -15.04
N SER D 102 -10.16 21.39 -14.97
CA SER D 102 -9.01 21.01 -15.78
C SER D 102 -9.33 20.90 -17.27
N HIS D 103 -9.20 19.70 -17.83
CA HIS D 103 -9.27 19.50 -19.27
C HIS D 103 -10.65 19.79 -19.86
N MET D 104 -11.67 19.79 -19.01
CA MET D 104 -12.99 20.18 -19.42
C MET D 104 -12.97 21.62 -19.96
N PHE D 105 -12.23 22.49 -19.30
CA PHE D 105 -12.16 23.90 -19.71
C PHE D 105 -11.53 24.10 -21.08
N ASP D 106 -10.31 23.62 -21.28
CA ASP D 106 -9.65 23.82 -22.59
C ASP D 106 -10.05 22.76 -23.62
N GLY D 107 -10.52 21.61 -23.18
CA GLY D 107 -10.93 20.55 -24.09
C GLY D 107 -12.34 20.73 -24.63
N ARG D 108 -13.23 21.28 -23.81
CA ARG D 108 -14.64 21.39 -24.20
C ARG D 108 -15.15 22.82 -24.25
N PHE D 109 -15.07 23.53 -23.14
CA PHE D 109 -15.75 24.82 -23.02
C PHE D 109 -15.24 25.98 -23.87
N ILE D 110 -13.93 26.21 -23.88
CA ILE D 110 -13.35 27.26 -24.70
C ILE D 110 -13.54 27.01 -26.19
N PRO D 111 -13.24 25.78 -26.66
CA PRO D 111 -13.48 25.54 -28.07
C PRO D 111 -14.88 25.89 -28.53
N LEU D 112 -15.88 25.70 -27.66
CA LEU D 112 -17.27 25.96 -28.02
C LEU D 112 -17.72 27.37 -27.76
N ALA D 113 -17.08 28.04 -26.80
CA ALA D 113 -17.46 29.40 -26.44
C ALA D 113 -16.71 30.44 -27.25
N ARG D 114 -15.47 30.14 -27.61
CA ARG D 114 -14.62 31.07 -28.37
C ARG D 114 -13.94 30.31 -29.51
N PRO D 115 -14.74 29.86 -30.49
CA PRO D 115 -14.22 28.95 -31.53
C PRO D 115 -13.06 29.51 -32.37
N GLU D 116 -13.02 30.83 -32.55
CA GLU D 116 -11.99 31.46 -33.37
C GLU D 116 -10.62 31.39 -32.70
N VAL D 117 -10.60 31.58 -31.38
CA VAL D 117 -9.33 31.63 -30.66
C VAL D 117 -8.67 30.25 -30.55
N LYS D 118 -7.34 30.22 -30.54
CA LYS D 118 -6.60 28.99 -30.24
C LYS D 118 -5.98 29.13 -28.87
N TRP D 119 -6.26 28.19 -27.98
CA TRP D 119 -5.81 28.30 -26.58
C TRP D 119 -5.59 26.94 -25.94
N THR D 120 -4.55 26.85 -25.13
CA THR D 120 -4.24 25.63 -24.44
C THR D 120 -3.85 26.01 -23.01
N HIS D 121 -3.95 25.07 -22.08
CA HIS D 121 -3.57 25.32 -20.70
C HIS D 121 -2.07 25.63 -20.65
N GLU D 122 -1.30 25.14 -21.63
CA GLU D 122 0.14 25.41 -21.67
C GLU D 122 0.43 26.91 -21.88
N GLN D 123 -0.27 27.48 -22.87
CA GLN D 123 -0.27 28.89 -23.11
C GLN D 123 -0.53 29.61 -21.81
N GLY D 124 -1.60 29.20 -21.12
CA GLY D 124 -2.02 29.84 -19.91
C GLY D 124 -1.02 29.72 -18.80
N SER D 125 -0.31 28.59 -18.76
CA SER D 125 0.63 28.34 -17.69
C SER D 125 1.72 29.40 -17.78
N VAL D 126 2.17 29.66 -19.00
CA VAL D 126 3.17 30.70 -19.24
C VAL D 126 2.72 32.11 -18.85
N MET D 127 1.52 32.49 -19.26
CA MET D 127 1.00 33.82 -18.97
C MET D 127 0.81 33.97 -17.48
N MET D 128 0.27 32.92 -16.84
CA MET D 128 0.06 32.95 -15.40
C MET D 128 1.40 33.00 -14.67
N PHE D 129 2.42 32.35 -15.22
CA PHE D 129 3.76 32.40 -14.62
C PHE D 129 4.32 33.80 -14.65
N GLU D 130 4.28 34.43 -15.83
CA GLU D 130 4.64 35.83 -16.01
C GLU D 130 3.91 36.71 -14.98
N HIS D 131 2.60 36.55 -14.91
CA HIS D 131 1.79 37.33 -14.01
C HIS D 131 2.22 37.10 -12.58
N LEU D 132 2.53 35.84 -12.22
CA LEU D 132 2.85 35.48 -10.86
C LEU D 132 4.14 36.15 -10.44
N ILE D 133 5.13 36.08 -11.31
CA ILE D 133 6.43 36.70 -11.06
C ILE D 133 6.29 38.20 -10.80
N ASN D 134 5.62 38.87 -11.73
CA ASN D 134 5.50 40.32 -11.72
C ASN D 134 4.67 40.82 -10.56
N SER D 135 3.52 40.22 -10.32
CA SER D 135 2.67 40.61 -9.21
C SER D 135 3.25 40.37 -7.82
N ASN D 136 4.34 39.62 -7.69
CA ASN D 136 4.85 39.25 -6.36
C ASN D 136 6.33 39.53 -6.12
N GLY D 137 6.99 40.25 -7.02
CA GLY D 137 8.39 40.65 -6.87
C GLY D 137 9.27 39.45 -6.67
N ILE D 138 9.09 38.45 -7.50
CA ILE D 138 9.83 37.22 -7.38
C ILE D 138 11.22 37.40 -7.98
N LYS D 139 11.34 38.25 -9.01
CA LYS D 139 12.62 38.43 -9.69
C LYS D 139 13.77 38.76 -8.76
N PRO D 140 13.58 39.75 -7.87
CA PRO D 140 14.60 40.01 -6.85
C PRO D 140 15.03 38.75 -6.06
N VAL D 141 14.07 37.94 -5.68
CA VAL D 141 14.35 36.72 -4.90
C VAL D 141 15.15 35.72 -5.72
N MET D 142 14.82 35.58 -6.99
CA MET D 142 15.60 34.76 -7.91
C MET D 142 17.06 35.16 -7.97
N GLU D 143 17.30 36.47 -8.01
CA GLU D 143 18.66 36.98 -8.02
C GLU D 143 19.35 36.65 -6.72
N GLN D 144 18.66 36.88 -5.61
CA GLN D 144 19.17 36.54 -4.30
C GLN D 144 19.66 35.09 -4.17
N TYR D 145 19.07 34.17 -4.93
CA TYR D 145 19.45 32.76 -4.87
C TYR D 145 20.32 32.33 -6.05
N GLY D 146 20.82 33.32 -6.79
CA GLY D 146 21.79 33.06 -7.83
C GLY D 146 21.20 32.79 -9.19
N LEU D 147 19.91 33.08 -9.36
CA LEU D 147 19.32 32.98 -10.69
C LEU D 147 19.43 34.29 -11.47
N ILE D 148 19.47 34.16 -12.80
CA ILE D 148 19.55 35.28 -13.72
C ILE D 148 18.22 35.38 -14.49
N PRO D 149 17.28 36.17 -13.96
CA PRO D 149 15.91 36.26 -14.51
C PRO D 149 15.79 36.36 -16.02
N GLU D 150 16.71 37.06 -16.66
CA GLU D 150 16.65 37.23 -18.11
C GLU D 150 16.69 35.87 -18.78
N GLU D 151 17.75 35.11 -18.47
CA GLU D 151 17.96 33.79 -19.06
C GLU D 151 17.03 32.74 -18.50
N ASP D 152 16.85 32.77 -17.20
CA ASP D 152 16.21 31.68 -16.48
C ASP D 152 14.71 31.70 -16.66
N ILE D 153 14.09 32.87 -16.65
CA ILE D 153 12.65 32.96 -16.91
C ILE D 153 12.36 32.44 -18.27
N CYS D 154 13.23 32.75 -19.21
CA CYS D 154 13.07 32.23 -20.56
C CYS D 154 13.16 30.69 -20.54
N PHE D 155 14.20 30.18 -19.90
CA PHE D 155 14.42 28.73 -19.75
C PHE D 155 13.19 28.01 -19.20
N ILE D 156 12.68 28.53 -18.11
CA ILE D 156 11.50 27.97 -17.47
C ILE D 156 10.28 27.95 -18.37
N LYS D 157 10.06 29.03 -19.11
CA LYS D 157 8.93 29.08 -20.04
C LYS D 157 9.11 28.10 -21.20
N GLU D 158 10.33 27.97 -21.70
CA GLU D 158 10.60 27.02 -22.76
C GLU D 158 10.36 25.56 -22.30
N GLN D 159 10.67 25.27 -21.04
CA GLN D 159 10.43 23.95 -20.48
C GLN D 159 8.95 23.62 -20.51
N ILE D 160 8.11 24.63 -20.31
CA ILE D 160 6.66 24.42 -20.25
C ILE D 160 6.02 24.36 -21.60
N VAL D 161 6.43 25.25 -22.48
CA VAL D 161 5.71 25.42 -23.73
C VAL D 161 6.55 25.07 -24.97
N GLY D 162 7.86 24.85 -24.83
CA GLY D 162 8.76 24.64 -25.96
C GLY D 162 9.39 25.94 -26.41
N PRO D 163 10.02 25.95 -27.59
CA PRO D 163 10.62 27.18 -28.10
C PRO D 163 9.59 28.28 -28.26
N LEU D 164 9.97 29.51 -27.92
CA LEU D 164 9.07 30.64 -28.07
C LEU D 164 8.98 31.16 -29.51
N GLU D 165 9.81 30.65 -30.42
CA GLU D 165 9.65 30.93 -31.85
C GLU D 165 8.69 29.89 -32.40
N LEU D 172 18.23 23.32 -36.13
CA LEU D 172 18.63 24.49 -35.37
C LEU D 172 18.62 24.14 -33.90
N TRP D 173 19.33 24.90 -33.07
CA TRP D 173 19.04 24.88 -31.62
C TRP D 173 18.01 25.99 -31.43
N PRO D 174 16.72 25.63 -31.20
CA PRO D 174 15.70 26.67 -31.11
C PRO D 174 15.52 27.28 -29.71
N TYR D 175 16.27 26.82 -28.72
CA TYR D 175 16.11 27.31 -27.35
C TYR D 175 17.15 28.37 -27.06
N LYS D 176 16.75 29.37 -26.27
CA LYS D 176 17.66 30.42 -25.84
C LYS D 176 18.13 30.23 -24.38
N GLY D 177 17.23 29.76 -23.50
CA GLY D 177 17.48 29.69 -22.05
C GLY D 177 18.70 28.90 -21.62
N ARG D 178 19.05 27.88 -22.41
CA ARG D 178 20.25 27.08 -22.16
C ARG D 178 20.75 26.55 -23.49
N PRO D 179 22.05 26.23 -23.56
CA PRO D 179 22.74 25.73 -24.77
C PRO D 179 22.60 24.23 -25.00
N GLU D 180 22.96 23.77 -26.20
CA GLU D 180 22.86 22.37 -26.58
C GLU D 180 23.54 21.39 -25.62
N ASN D 181 24.57 21.86 -24.92
CA ASN D 181 25.25 21.02 -23.93
C ASN D 181 24.37 20.72 -22.73
N LYS D 182 23.33 21.52 -22.51
CA LYS D 182 22.34 21.24 -21.46
C LYS D 182 21.00 20.87 -22.07
N SER D 183 21.02 20.24 -23.24
CA SER D 183 19.81 19.89 -23.99
C SER D 183 18.90 18.99 -23.16
N PHE D 184 19.51 18.08 -22.43
CA PHE D 184 18.80 17.10 -21.63
C PHE D 184 17.93 17.70 -20.53
N LEU D 185 18.21 18.93 -20.12
CA LEU D 185 17.35 19.55 -19.12
C LEU D 185 15.96 19.82 -19.64
N TYR D 186 15.84 19.96 -20.95
CA TYR D 186 14.53 20.18 -21.54
C TYR D 186 13.68 18.93 -21.60
N GLU D 187 14.30 17.76 -21.56
CA GLU D 187 13.56 16.50 -21.58
C GLU D 187 12.80 16.16 -20.30
N ILE D 188 12.91 16.97 -19.25
CA ILE D 188 12.49 16.54 -17.91
C ILE D 188 11.04 16.85 -17.57
N VAL D 189 10.67 18.13 -17.66
CA VAL D 189 9.36 18.56 -17.21
C VAL D 189 8.29 18.33 -18.25
N SER D 190 8.62 18.55 -19.50
CA SER D 190 7.64 18.43 -20.56
C SER D 190 8.36 18.09 -21.85
N ASN D 191 8.47 16.80 -22.09
CA ASN D 191 9.30 16.22 -23.13
C ASN D 191 8.56 16.25 -24.44
N LYS D 192 8.89 17.19 -25.30
CA LYS D 192 8.16 17.37 -26.53
C LYS D 192 8.57 16.31 -27.56
N ARG D 193 9.74 15.71 -27.37
CA ARG D 193 10.26 14.69 -28.27
C ARG D 193 9.49 13.37 -28.20
N ASN D 194 9.20 12.85 -27.01
CA ASN D 194 8.55 11.54 -26.87
C ASN D 194 7.58 11.39 -25.71
N GLY D 195 7.38 12.46 -24.95
CA GLY D 195 6.37 12.46 -23.90
C GLY D 195 6.77 11.79 -22.61
N ILE D 196 8.01 11.34 -22.52
CA ILE D 196 8.46 10.71 -21.30
C ILE D 196 9.01 11.77 -20.36
N ASP D 197 8.16 12.15 -19.40
CA ASP D 197 8.50 13.21 -18.47
C ASP D 197 7.90 12.97 -17.08
N VAL D 198 8.37 13.76 -16.12
CA VAL D 198 7.98 13.56 -14.74
C VAL D 198 6.53 13.92 -14.44
N ASP D 199 5.86 14.64 -15.34
CA ASP D 199 4.45 14.99 -15.16
C ASP D 199 3.61 13.71 -15.17
N LYS D 200 3.80 12.88 -16.19
CA LYS D 200 3.17 11.59 -16.25
C LYS D 200 3.43 10.80 -14.99
N TRP D 201 4.67 10.78 -14.56
CA TRP D 201 4.98 9.94 -13.43
C TRP D 201 4.22 10.37 -12.23
N ASP D 202 4.03 11.68 -12.03
CA ASP D 202 3.28 12.06 -10.86
C ASP D 202 1.83 11.64 -11.02
N TYR D 203 1.20 11.97 -12.16
CA TYR D 203 -0.23 11.71 -12.24
C TYR D 203 -0.59 10.22 -12.24
N PHE D 204 0.22 9.37 -12.86
CA PHE D 204 0.03 7.92 -12.75
C PHE D 204 -0.12 7.52 -11.31
N ALA D 205 0.87 7.87 -10.51
CA ALA D 205 0.87 7.44 -9.12
C ALA D 205 -0.23 8.11 -8.33
N ARG D 206 -0.46 9.37 -8.57
CA ARG D 206 -1.37 10.14 -7.74
C ARG D 206 -2.79 9.80 -8.13
N ASP D 207 -3.08 9.80 -9.42
CA ASP D 207 -4.42 9.41 -9.86
C ASP D 207 -4.78 7.96 -9.41
N CYS D 208 -3.84 7.04 -9.54
CA CYS D 208 -4.10 5.66 -9.07
C CYS D 208 -4.41 5.53 -7.62
N HIS D 209 -3.60 6.16 -6.81
CA HIS D 209 -3.83 6.24 -5.38
C HIS D 209 -5.25 6.72 -5.03
N HIS D 210 -5.79 7.66 -5.82
CA HIS D 210 -7.09 8.28 -5.53
C HIS D 210 -8.27 7.57 -6.16
N LEU D 211 -8.07 7.09 -7.37
CA LEU D 211 -9.10 6.38 -8.07
C LEU D 211 -9.32 5.01 -7.47
N GLY D 212 -8.30 4.47 -6.82
CA GLY D 212 -8.38 3.09 -6.39
C GLY D 212 -8.18 2.14 -7.55
N ILE D 213 -7.21 2.46 -8.37
CA ILE D 213 -6.72 1.61 -9.43
C ILE D 213 -5.23 1.52 -9.13
N GLN D 214 -4.57 0.49 -9.62
CA GLN D 214 -3.20 0.31 -9.28
C GLN D 214 -2.25 0.58 -10.49
N ASN D 215 -1.19 1.34 -10.19
CA ASN D 215 -0.26 1.85 -11.21
C ASN D 215 0.81 0.82 -11.55
N ASN D 216 0.96 0.51 -12.84
CA ASN D 216 1.93 -0.49 -13.28
C ASN D 216 3.39 0.03 -13.44
N PHE D 217 3.62 1.35 -13.34
CA PHE D 217 4.92 1.94 -13.76
C PHE D 217 5.87 2.48 -12.69
N ASP D 218 7.11 1.97 -12.70
CA ASP D 218 8.12 2.30 -11.71
C ASP D 218 9.06 3.44 -12.14
N TYR D 219 8.70 4.68 -11.83
CA TYR D 219 9.51 5.83 -12.23
C TYR D 219 10.81 5.86 -11.45
N LYS D 220 10.81 5.39 -10.20
CA LYS D 220 12.07 5.36 -9.45
C LYS D 220 13.11 4.50 -10.11
N ARG D 221 12.66 3.38 -10.69
CA ARG D 221 13.57 2.50 -11.39
C ARG D 221 14.14 3.22 -12.62
N PHE D 222 13.28 3.90 -13.34
CA PHE D 222 13.68 4.59 -14.54
C PHE D 222 14.73 5.67 -14.24
N ILE D 223 14.54 6.39 -13.13
CA ILE D 223 15.51 7.36 -12.73
C ILE D 223 16.87 6.76 -12.43
N LYS D 224 16.90 5.62 -11.75
CA LYS D 224 18.21 4.95 -11.53
C LYS D 224 18.98 4.58 -12.80
N PHE D 225 18.25 4.18 -13.83
CA PHE D 225 18.90 3.74 -15.06
C PHE D 225 19.25 4.88 -16.01
N ALA D 226 18.67 6.07 -15.80
CA ALA D 226 18.80 7.15 -16.78
C ALA D 226 20.21 7.70 -16.83
N ARG D 227 20.74 7.88 -18.04
CA ARG D 227 22.04 8.52 -18.27
C ARG D 227 21.91 9.56 -19.37
N VAL D 228 22.92 10.42 -19.49
CA VAL D 228 22.97 11.38 -20.57
C VAL D 228 24.04 10.90 -21.52
N CYS D 229 23.73 10.92 -22.81
CA CYS D 229 24.70 10.54 -23.83
C CYS D 229 24.61 11.54 -24.96
N GLU D 230 25.62 11.53 -25.82
CA GLU D 230 25.57 12.33 -27.01
C GLU D 230 24.73 11.66 -28.08
N VAL D 231 23.81 12.41 -28.66
CA VAL D 231 23.03 11.97 -29.80
C VAL D 231 22.89 13.15 -30.74
N ASP D 232 23.37 13.01 -31.97
CA ASP D 232 23.30 14.08 -32.98
C ASP D 232 23.79 15.42 -32.45
N ASN D 233 24.97 15.43 -31.83
CA ASN D 233 25.58 16.65 -31.28
C ASN D 233 24.69 17.35 -30.24
N GLU D 234 23.74 16.60 -29.68
CA GLU D 234 22.99 17.03 -28.52
C GLU D 234 23.36 16.10 -27.40
N LEU D 235 23.27 16.60 -26.18
CA LEU D 235 23.31 15.74 -25.00
C LEU D 235 21.88 15.42 -24.54
N ARG D 236 21.45 14.16 -24.73
CA ARG D 236 20.09 13.74 -24.41
C ARG D 236 20.06 12.70 -23.31
N ILE D 237 18.93 12.65 -22.60
CA ILE D 237 18.69 11.60 -21.63
C ILE D 237 18.48 10.26 -22.34
N CYS D 238 19.22 9.25 -21.91
CA CYS D 238 19.15 7.92 -22.47
C CYS D 238 18.77 6.90 -21.41
N ALA D 239 18.05 5.88 -21.85
CA ALA D 239 17.56 4.81 -20.98
C ALA D 239 18.32 3.53 -21.24
N ARG D 240 18.56 2.76 -20.19
CA ARG D 240 19.22 1.44 -20.34
C ARG D 240 18.42 0.58 -21.30
N ASP D 241 19.12 -0.10 -22.21
CA ASP D 241 18.46 -0.88 -23.27
C ASP D 241 17.34 -1.78 -22.75
N LYS D 242 17.64 -2.53 -21.71
CA LYS D 242 16.73 -3.58 -21.27
C LYS D 242 15.46 -3.03 -20.62
N GLU D 243 15.44 -1.73 -20.36
CA GLU D 243 14.28 -1.08 -19.80
C GLU D 243 13.24 -0.69 -20.84
N VAL D 244 13.46 -1.09 -22.08
CA VAL D 244 12.56 -0.72 -23.17
C VAL D 244 11.14 -1.25 -23.01
N GLY D 245 11.01 -2.50 -22.53
CA GLY D 245 9.68 -3.05 -22.23
C GLY D 245 8.90 -2.23 -21.23
N ASN D 246 9.59 -1.74 -20.22
CA ASN D 246 8.97 -0.93 -19.20
C ASN D 246 8.36 0.35 -19.78
N LEU D 247 8.98 0.84 -20.84
CA LEU D 247 8.53 2.07 -21.48
C LEU D 247 7.30 1.86 -22.31
N TYR D 248 7.26 0.72 -22.99
CA TYR D 248 6.06 0.35 -23.69
C TYR D 248 4.92 0.19 -22.72
N ASP D 249 5.21 -0.40 -21.57
CA ASP D 249 4.24 -0.54 -20.48
C ASP D 249 3.81 0.78 -19.93
N MET D 250 4.72 1.74 -19.88
CA MET D 250 4.33 3.08 -19.41
C MET D 250 3.18 3.61 -20.26
N PHE D 251 3.29 3.47 -21.57
CA PHE D 251 2.25 3.99 -22.45
C PHE D 251 1.02 3.17 -22.44
N HIS D 252 1.20 1.87 -22.31
CA HIS D 252 0.06 0.98 -22.16
C HIS D 252 -0.76 1.37 -20.93
N THR D 253 -0.06 1.63 -19.84
CA THR D 253 -0.70 2.09 -18.60
C THR D 253 -1.45 3.39 -18.79
N ARG D 254 -0.82 4.32 -19.48
CA ARG D 254 -1.44 5.62 -19.73
C ARG D 254 -2.76 5.46 -20.49
N ASN D 255 -2.74 4.60 -21.49
CA ASN D 255 -3.93 4.34 -22.28
C ASN D 255 -5.05 3.65 -21.49
N SER D 256 -4.65 2.72 -20.63
CA SER D 256 -5.57 2.03 -19.75
C SER D 256 -6.21 2.96 -18.73
N LEU D 257 -5.44 3.90 -18.19
CA LEU D 257 -6.00 4.91 -17.30
C LEU D 257 -7.04 5.79 -18.00
N HIS D 258 -6.80 6.07 -19.27
CA HIS D 258 -7.81 6.83 -20.02
C HIS D 258 -9.05 5.98 -20.23
N ARG D 259 -8.84 4.73 -20.61
CA ARG D 259 -9.96 3.83 -20.87
C ARG D 259 -10.83 3.63 -19.65
N ARG D 260 -10.21 3.40 -18.50
CA ARG D 260 -10.97 3.12 -17.28
C ARG D 260 -11.48 4.37 -16.60
N ALA D 261 -10.69 5.44 -16.63
CA ALA D 261 -11.03 6.57 -15.81
C ALA D 261 -11.18 7.90 -16.56
N TYR D 262 -10.15 8.38 -17.24
CA TYR D 262 -10.20 9.76 -17.69
C TYR D 262 -11.27 9.94 -18.76
N GLN D 263 -11.62 8.84 -19.44
CA GLN D 263 -12.66 8.84 -20.45
C GLN D 263 -13.87 8.01 -20.09
N HIS D 264 -14.09 7.77 -18.83
CA HIS D 264 -15.29 7.06 -18.40
C HIS D 264 -16.53 7.73 -19.02
N LYS D 265 -17.39 6.91 -19.59
CA LYS D 265 -18.53 7.40 -20.36
C LYS D 265 -19.39 8.38 -19.57
N VAL D 266 -19.64 8.06 -18.32
CA VAL D 266 -20.43 8.92 -17.46
C VAL D 266 -19.59 10.14 -17.01
N GLY D 267 -18.29 9.93 -16.76
CA GLY D 267 -17.40 11.03 -16.41
C GLY D 267 -17.47 12.07 -17.50
N ASN D 268 -17.43 11.60 -18.74
CA ASN D 268 -17.44 12.50 -19.87
C ASN D 268 -18.77 13.23 -20.04
N ILE D 269 -19.88 12.55 -19.77
CA ILE D 269 -21.17 13.20 -19.94
C ILE D 269 -21.37 14.27 -18.89
N ILE D 270 -20.80 14.06 -17.72
CA ILE D 270 -20.87 15.07 -16.68
C ILE D 270 -20.07 16.29 -17.05
N ASP D 271 -18.88 16.08 -17.59
CA ASP D 271 -18.06 17.16 -18.15
C ASP D 271 -18.88 17.93 -19.17
N THR D 272 -19.60 17.20 -20.00
CA THR D 272 -20.40 17.79 -21.05
C THR D 272 -21.56 18.61 -20.51
N MET D 273 -22.22 18.08 -19.50
CA MET D 273 -23.30 18.80 -18.86
C MET D 273 -22.80 20.04 -18.15
N ILE D 274 -21.64 19.96 -17.51
CA ILE D 274 -21.11 21.14 -16.85
C ILE D 274 -20.75 22.20 -17.89
N THR D 275 -20.16 21.75 -19.00
CA THR D 275 -19.78 22.64 -20.05
C THR D 275 -21.04 23.41 -20.55
N ASP D 276 -22.11 22.66 -20.81
CA ASP D 276 -23.35 23.23 -21.28
C ASP D 276 -23.89 24.27 -20.32
N ALA D 277 -23.82 23.99 -19.02
CA ALA D 277 -24.22 24.94 -18.01
C ALA D 277 -23.34 26.19 -18.02
N PHE D 278 -22.05 26.01 -18.28
CA PHE D 278 -21.15 27.17 -18.33
C PHE D 278 -21.47 28.04 -19.51
N LEU D 279 -21.83 27.43 -20.64
CA LEU D 279 -22.18 28.19 -21.83
C LEU D 279 -23.40 29.06 -21.55
N LYS D 280 -24.41 28.46 -20.92
CA LYS D 280 -25.64 29.18 -20.58
C LYS D 280 -25.48 30.22 -19.47
N ALA D 281 -24.35 30.21 -18.77
CA ALA D 281 -24.08 31.18 -17.72
C ALA D 281 -23.12 32.27 -18.18
N ASP D 282 -22.47 32.04 -19.31
CA ASP D 282 -21.35 32.85 -19.73
C ASP D 282 -21.71 34.32 -19.90
N ASP D 283 -22.90 34.60 -20.44
CA ASP D 283 -23.37 35.96 -20.64
C ASP D 283 -23.66 36.73 -19.33
N TYR D 284 -23.95 36.02 -18.24
CA TYR D 284 -24.40 36.67 -17.00
C TYR D 284 -23.37 36.66 -15.89
N ILE D 285 -22.40 35.75 -15.93
CA ILE D 285 -21.37 35.70 -14.89
C ILE D 285 -20.29 36.70 -15.20
N GLU D 286 -19.94 37.52 -14.20
CA GLU D 286 -18.89 38.52 -14.36
C GLU D 286 -17.80 38.37 -13.31
N ILE D 287 -16.55 38.47 -13.78
CA ILE D 287 -15.38 38.29 -12.97
C ILE D 287 -14.48 39.51 -13.13
N THR D 288 -14.10 40.11 -12.01
CA THR D 288 -13.40 41.39 -12.02
C THR D 288 -11.93 41.17 -12.30
N GLY D 289 -11.47 41.70 -13.42
CA GLY D 289 -10.07 41.64 -13.78
C GLY D 289 -9.31 42.91 -13.42
N ALA D 290 -8.31 43.24 -14.23
CA ALA D 290 -7.40 44.34 -13.97
C ALA D 290 -8.11 45.68 -14.04
N GLY D 291 -7.88 46.51 -13.02
CA GLY D 291 -8.45 47.86 -12.98
C GLY D 291 -9.95 47.89 -12.80
N GLY D 292 -10.52 46.88 -12.13
CA GLY D 292 -11.99 46.80 -11.96
C GLY D 292 -12.77 46.35 -13.20
N LYS D 293 -12.07 46.21 -14.31
CA LYS D 293 -12.70 45.80 -15.55
C LYS D 293 -13.33 44.40 -15.45
N LYS D 294 -14.40 44.18 -16.19
CA LYS D 294 -15.18 42.94 -16.05
C LYS D 294 -15.08 41.98 -17.21
N TYR D 295 -14.95 40.71 -16.88
CA TYR D 295 -14.77 39.65 -17.87
C TYR D 295 -15.78 38.56 -17.69
N ARG D 296 -15.95 37.78 -18.74
CA ARG D 296 -16.75 36.58 -18.69
C ARG D 296 -15.89 35.36 -18.43
N ILE D 297 -16.56 34.27 -18.08
CA ILE D 297 -15.88 32.99 -17.95
C ILE D 297 -15.02 32.77 -19.22
N SER D 298 -15.60 33.01 -20.38
CA SER D 298 -14.91 32.75 -21.64
C SER D 298 -13.83 33.79 -22.01
N THR D 299 -13.81 34.95 -21.35
CA THR D 299 -12.82 36.01 -21.65
C THR D 299 -11.81 36.23 -20.54
N ALA D 300 -12.01 35.57 -19.41
CA ALA D 300 -11.06 35.62 -18.32
C ALA D 300 -9.64 35.21 -18.75
N ILE D 301 -9.55 34.36 -19.75
CA ILE D 301 -8.23 33.95 -20.28
C ILE D 301 -7.38 35.09 -20.85
N ASP D 302 -8.00 36.24 -21.08
CA ASP D 302 -7.30 37.39 -21.65
C ASP D 302 -6.68 38.28 -20.57
N ASP D 303 -7.15 38.15 -19.33
CA ASP D 303 -6.56 38.88 -18.22
C ASP D 303 -6.24 37.95 -17.03
N MET D 304 -4.96 37.78 -16.75
CA MET D 304 -4.50 36.84 -15.71
C MET D 304 -5.00 37.16 -14.31
N GLU D 305 -5.23 38.45 -14.06
CA GLU D 305 -5.81 38.89 -12.80
C GLU D 305 -7.22 38.33 -12.62
N ALA D 306 -7.98 38.28 -13.71
CA ALA D 306 -9.30 37.67 -13.70
C ALA D 306 -9.21 36.15 -13.67
N TYR D 307 -8.25 35.61 -14.41
CA TYR D 307 -8.09 34.16 -14.54
C TYR D 307 -7.78 33.57 -13.18
N THR D 308 -6.96 34.26 -12.41
CA THR D 308 -6.64 33.88 -11.02
C THR D 308 -7.88 33.52 -10.18
N LYS D 309 -9.00 34.20 -10.44
CA LYS D 309 -10.25 34.01 -9.71
C LYS D 309 -11.22 33.04 -10.38
N LEU D 310 -10.80 32.45 -11.49
CA LEU D 310 -11.60 31.47 -12.20
C LEU D 310 -11.20 30.05 -11.82
N THR D 311 -12.06 29.41 -11.03
CA THR D 311 -11.81 28.08 -10.52
C THR D 311 -13.09 27.29 -10.46
N ASP D 312 -13.02 26.11 -9.86
CA ASP D 312 -14.16 25.21 -9.76
C ASP D 312 -15.33 25.88 -9.04
N ASN D 313 -15.02 26.92 -8.29
CA ASN D 313 -16.02 27.65 -7.54
C ASN D 313 -17.20 28.17 -8.38
N ILE D 314 -16.91 28.48 -9.64
CA ILE D 314 -17.89 28.88 -10.59
C ILE D 314 -19.08 27.97 -10.63
N PHE D 315 -18.80 26.68 -10.53
CA PHE D 315 -19.83 25.66 -10.55
C PHE D 315 -20.85 25.87 -9.44
N LEU D 316 -20.36 26.20 -8.26
CA LEU D 316 -21.25 26.43 -7.11
C LEU D 316 -21.89 27.81 -7.11
N GLU D 317 -21.18 28.78 -7.67
CA GLU D 317 -21.71 30.11 -7.82
C GLU D 317 -23.02 30.02 -8.63
N ILE D 318 -22.96 29.25 -9.72
CA ILE D 318 -24.12 28.99 -10.56
C ILE D 318 -25.15 28.14 -9.84
N LEU D 319 -24.72 27.09 -9.17
CA LEU D 319 -25.67 26.19 -8.53
C LEU D 319 -26.44 26.91 -7.47
N TYR D 320 -25.79 27.83 -6.76
CA TYR D 320 -26.40 28.50 -5.64
C TYR D 320 -27.04 29.83 -6.03
N SER D 321 -26.97 30.20 -7.30
CA SER D 321 -27.51 31.48 -7.75
C SER D 321 -29.01 31.55 -7.61
N THR D 322 -29.52 32.77 -7.43
CA THR D 322 -30.96 33.03 -7.44
C THR D 322 -31.39 33.86 -8.65
N ASP D 323 -30.42 34.51 -9.31
CA ASP D 323 -30.71 35.29 -10.52
C ASP D 323 -31.48 34.44 -11.53
N PRO D 324 -32.69 34.89 -11.92
CA PRO D 324 -33.46 34.18 -12.95
C PRO D 324 -32.81 34.15 -14.34
N LYS D 325 -31.86 35.04 -14.60
CA LYS D 325 -31.06 34.96 -15.81
C LYS D 325 -30.41 33.60 -15.91
N LEU D 326 -29.95 33.07 -14.77
CA LEU D 326 -29.21 31.80 -14.72
C LEU D 326 -30.09 30.57 -14.51
N LYS D 327 -31.39 30.71 -14.66
CA LYS D 327 -32.28 29.59 -14.36
C LYS D 327 -31.88 28.37 -15.17
N ASP D 328 -31.55 28.55 -16.44
CA ASP D 328 -31.31 27.41 -17.34
C ASP D 328 -30.02 26.67 -17.00
N ALA D 329 -28.97 27.46 -16.77
CA ALA D 329 -27.68 26.97 -16.35
C ALA D 329 -27.78 26.24 -15.02
N ARG D 330 -28.40 26.89 -14.05
CA ARG D 330 -28.63 26.31 -12.74
C ARG D 330 -29.42 25.03 -12.83
N GLU D 331 -30.39 24.96 -13.74
CA GLU D 331 -31.23 23.77 -13.82
C GLU D 331 -30.42 22.56 -14.24
N ILE D 332 -29.41 22.79 -15.05
CA ILE D 332 -28.61 21.69 -15.56
C ILE D 332 -27.80 21.08 -14.44
N LEU D 333 -27.21 21.93 -13.59
CA LEU D 333 -26.44 21.46 -12.45
C LEU D 333 -27.30 20.72 -11.47
N LYS D 334 -28.55 21.12 -11.34
CA LYS D 334 -29.45 20.44 -10.45
C LYS D 334 -29.76 19.04 -10.95
N GLN D 335 -29.82 18.86 -12.26
CA GLN D 335 -30.07 17.52 -12.80
C GLN D 335 -28.87 16.60 -12.54
N ILE D 336 -27.68 17.20 -12.49
CA ILE D 336 -26.49 16.47 -12.09
C ILE D 336 -26.61 15.99 -10.63
N GLU D 337 -26.97 16.90 -9.72
CA GLU D 337 -27.17 16.54 -8.32
C GLU D 337 -28.21 15.46 -8.11
N TYR D 338 -29.28 15.46 -8.91
CA TYR D 338 -30.34 14.44 -8.78
C TYR D 338 -29.98 13.21 -9.61
N ARG D 339 -28.90 13.31 -10.36
CA ARG D 339 -28.39 12.21 -11.18
C ARG D 339 -29.35 11.88 -12.31
N ASN D 340 -30.09 12.88 -12.75
CA ASN D 340 -30.83 12.77 -13.99
C ASN D 340 -29.91 13.28 -15.09
N LEU D 341 -29.07 12.36 -15.58
CA LEU D 341 -28.05 12.68 -16.58
C LEU D 341 -28.51 12.30 -17.97
N PHE D 342 -27.87 12.90 -18.96
CA PHE D 342 -28.05 12.43 -20.34
C PHE D 342 -27.67 10.97 -20.32
N LYS D 343 -28.29 10.16 -21.18
CA LYS D 343 -28.13 8.71 -21.12
C LYS D 343 -27.19 8.22 -22.21
N TYR D 344 -26.20 7.47 -21.79
CA TYR D 344 -25.28 6.79 -22.70
C TYR D 344 -26.09 5.80 -23.53
N VAL D 345 -25.88 5.85 -24.85
CA VAL D 345 -26.55 4.96 -25.78
C VAL D 345 -25.62 3.82 -26.21
N GLY D 346 -24.36 4.14 -26.54
CA GLY D 346 -23.40 3.14 -26.93
C GLY D 346 -22.08 3.66 -27.44
N GLU D 347 -21.20 2.74 -27.77
CA GLU D 347 -19.87 3.06 -28.25
C GLU D 347 -19.57 2.29 -29.54
N THR D 348 -18.80 2.89 -30.44
CA THR D 348 -18.35 2.29 -31.67
C THR D 348 -17.07 2.94 -32.14
N GLN D 349 -16.43 2.35 -33.14
CA GLN D 349 -15.22 2.92 -33.74
C GLN D 349 -15.28 2.93 -35.25
N PRO D 350 -14.56 3.87 -35.88
CA PRO D 350 -14.39 3.80 -37.32
C PRO D 350 -13.61 2.57 -37.75
N THR D 351 -13.70 2.28 -39.04
CA THR D 351 -13.15 1.07 -39.64
C THR D 351 -12.09 1.45 -40.68
N GLY D 352 -11.05 0.62 -40.78
CA GLY D 352 -10.01 0.78 -41.78
C GLY D 352 -9.28 2.12 -41.72
N GLN D 353 -9.25 2.81 -42.85
CA GLN D 353 -8.54 4.09 -42.97
C GLN D 353 -9.38 5.26 -42.47
N ILE D 354 -10.68 5.02 -42.27
CA ILE D 354 -11.62 6.08 -41.95
C ILE D 354 -11.17 6.81 -40.68
N LYS D 355 -11.11 8.13 -40.76
CA LYS D 355 -10.80 8.99 -39.64
C LYS D 355 -11.75 10.17 -39.62
N ILE D 356 -12.06 10.69 -38.44
CA ILE D 356 -13.02 11.77 -38.30
C ILE D 356 -12.36 13.05 -37.81
N LYS D 357 -12.57 14.13 -38.56
CA LYS D 357 -11.95 15.41 -38.24
C LYS D 357 -12.81 16.28 -37.34
N ARG D 358 -12.18 17.22 -36.65
CA ARG D 358 -12.87 18.12 -35.73
C ARG D 358 -13.98 18.95 -36.35
N GLU D 359 -13.80 19.40 -37.58
CA GLU D 359 -14.84 20.19 -38.26
C GLU D 359 -16.13 19.39 -38.48
N ASP D 360 -16.03 18.09 -38.61
CA ASP D 360 -17.21 17.24 -38.80
C ASP D 360 -18.01 16.97 -37.51
N TYR D 361 -17.45 17.28 -36.34
CA TYR D 361 -18.08 16.91 -35.07
C TYR D 361 -19.50 17.46 -34.95
N GLU D 362 -19.71 18.71 -35.35
CA GLU D 362 -21.02 19.35 -35.21
C GLU D 362 -22.12 18.66 -36.03
N SER D 363 -21.74 18.01 -37.12
CA SER D 363 -22.70 17.38 -38.02
C SER D 363 -23.13 15.96 -37.63
N LEU D 364 -22.47 15.35 -36.65
CA LEU D 364 -22.71 13.94 -36.31
C LEU D 364 -24.04 13.67 -35.62
N PRO D 365 -24.45 14.53 -34.66
CA PRO D 365 -25.80 14.37 -34.13
C PRO D 365 -26.84 14.36 -35.24
N LYS D 366 -26.63 15.17 -36.28
CA LYS D 366 -27.57 15.24 -37.38
C LYS D 366 -27.57 13.94 -38.16
N GLU D 367 -26.40 13.34 -38.36
CA GLU D 367 -26.33 12.06 -39.08
C GLU D 367 -27.08 10.94 -38.38
N VAL D 368 -27.01 10.93 -37.05
CA VAL D 368 -27.61 9.84 -36.27
C VAL D 368 -29.12 9.97 -36.35
N ALA D 369 -29.59 11.20 -36.24
CA ALA D 369 -31.01 11.53 -36.35
C ALA D 369 -31.57 11.24 -37.76
N SER D 370 -30.69 11.29 -38.76
CA SER D 370 -31.04 11.00 -40.16
C SER D 370 -31.11 9.51 -40.48
N ALA D 371 -30.45 8.67 -39.68
CA ALA D 371 -30.53 7.25 -39.90
C ALA D 371 -32.00 6.81 -39.85
N LYS D 372 -32.40 5.89 -40.71
CA LYS D 372 -33.80 5.44 -40.72
C LYS D 372 -33.92 3.94 -40.57
N PRO D 373 -33.91 3.47 -39.31
CA PRO D 373 -33.97 2.05 -38.97
C PRO D 373 -35.34 1.46 -39.29
N LYS D 374 -35.35 0.23 -39.80
CA LYS D 374 -36.60 -0.45 -40.16
C LYS D 374 -37.17 -1.08 -38.89
N VAL D 375 -37.70 -0.22 -38.03
CA VAL D 375 -38.23 -0.66 -36.74
C VAL D 375 -39.39 0.25 -36.34
N LEU D 376 -40.29 -0.31 -35.54
CA LEU D 376 -41.44 0.41 -35.04
C LEU D 376 -41.10 1.34 -33.88
N LEU D 377 -41.34 2.64 -34.05
CA LEU D 377 -40.99 3.63 -33.02
C LEU D 377 -42.17 4.48 -32.57
N ASP D 378 -42.32 4.62 -31.25
CA ASP D 378 -43.27 5.56 -30.65
C ASP D 378 -42.85 7.00 -30.94
N VAL D 379 -41.62 7.34 -30.57
CA VAL D 379 -41.12 8.70 -30.74
C VAL D 379 -40.09 8.80 -31.87
N LYS D 380 -40.06 9.98 -32.46
CA LYS D 380 -39.10 10.32 -33.50
C LYS D 380 -38.14 11.30 -32.84
N LEU D 381 -36.85 11.15 -33.08
CA LEU D 381 -35.84 11.95 -32.34
C LEU D 381 -35.14 12.92 -33.29
N LYS D 382 -34.67 14.04 -32.72
CA LYS D 382 -34.01 15.11 -33.48
C LYS D 382 -32.53 15.23 -33.19
N ALA D 383 -31.80 15.90 -34.08
CA ALA D 383 -30.34 16.06 -33.94
C ALA D 383 -29.96 16.60 -32.57
N GLU D 384 -30.68 17.62 -32.13
CA GLU D 384 -30.45 18.25 -30.83
C GLU D 384 -30.65 17.34 -29.61
N ASP D 385 -31.34 16.21 -29.79
CA ASP D 385 -31.52 15.21 -28.73
C ASP D 385 -30.28 14.33 -28.53
N PHE D 386 -29.36 14.36 -29.50
CA PHE D 386 -28.21 13.48 -29.49
C PHE D 386 -26.94 14.22 -29.18
N ILE D 387 -26.10 13.57 -28.37
CA ILE D 387 -24.76 14.02 -28.16
C ILE D 387 -23.82 12.95 -28.66
N VAL D 388 -22.78 13.37 -29.36
CA VAL D 388 -21.79 12.47 -29.90
C VAL D 388 -20.40 12.92 -29.46
N ASP D 389 -19.74 12.13 -28.63
CA ASP D 389 -18.42 12.48 -28.15
C ASP D 389 -17.41 11.69 -28.96
N VAL D 390 -16.41 12.35 -29.53
CA VAL D 390 -15.37 11.64 -30.27
C VAL D 390 -14.08 11.71 -29.48
N ILE D 391 -13.46 10.57 -29.23
CA ILE D 391 -12.31 10.53 -28.38
C ILE D 391 -11.12 9.93 -29.12
N ASN D 392 -10.04 10.70 -29.22
CA ASN D 392 -8.81 10.25 -29.89
C ASN D 392 -7.88 9.62 -28.90
N MET D 393 -7.69 8.32 -28.97
CA MET D 393 -6.77 7.64 -28.09
C MET D 393 -5.47 7.38 -28.82
N ASP D 394 -4.34 7.78 -28.26
CA ASP D 394 -3.04 7.45 -28.85
C ASP D 394 -1.99 7.22 -27.77
N TYR D 395 -0.77 6.97 -28.18
CA TYR D 395 0.38 6.93 -27.30
C TYR D 395 1.08 8.30 -27.20
N GLY D 396 0.34 9.38 -27.36
CA GLY D 396 0.89 10.73 -27.22
C GLY D 396 1.44 11.38 -28.49
N MET D 397 1.53 10.66 -29.61
CA MET D 397 2.13 11.24 -30.82
C MET D 397 1.34 10.85 -32.06
N GLN D 398 0.04 11.02 -31.99
CA GLN D 398 -0.89 10.55 -33.01
C GLN D 398 -0.53 9.11 -33.42
N GLU D 399 -0.33 8.89 -34.72
CA GLU D 399 -0.06 7.57 -35.26
C GLU D 399 1.34 7.06 -34.93
N LYS D 400 2.22 7.94 -34.48
CA LYS D 400 3.62 7.56 -34.22
C LYS D 400 3.87 6.82 -32.89
N ASN D 401 4.86 5.94 -32.94
CA ASN D 401 5.39 5.20 -31.81
C ASN D 401 6.47 5.97 -31.09
N PRO D 402 6.22 6.35 -29.83
CA PRO D 402 7.18 7.24 -29.14
C PRO D 402 8.51 6.58 -28.79
N ILE D 403 8.54 5.26 -28.78
CA ILE D 403 9.77 4.54 -28.47
C ILE D 403 10.76 4.62 -29.62
N ASP D 404 10.25 4.80 -30.84
CA ASP D 404 11.09 5.17 -31.99
C ASP D 404 11.80 6.51 -31.77
N HIS D 405 11.33 7.33 -30.82
CA HIS D 405 11.99 8.60 -30.51
C HIS D 405 12.69 8.63 -29.16
N VAL D 406 13.18 7.45 -28.76
CA VAL D 406 13.89 7.28 -27.50
C VAL D 406 15.26 6.70 -27.78
N SER D 407 16.26 7.16 -27.03
CA SER D 407 17.63 6.71 -27.14
C SER D 407 18.04 5.87 -25.95
N PHE D 408 18.79 4.81 -26.22
CA PHE D 408 19.18 3.86 -25.20
C PHE D 408 20.67 3.70 -25.10
N TYR D 409 21.12 2.99 -24.09
CA TYR D 409 22.52 2.64 -23.96
C TYR D 409 22.60 1.25 -23.39
N CYS D 410 23.74 0.59 -23.61
N CYS D 410 23.74 0.60 -23.60
CA CYS D 410 23.94 -0.76 -23.09
CA CYS D 410 23.95 -0.75 -23.14
C CYS D 410 25.05 -0.73 -22.07
C CYS D 410 25.06 -0.76 -22.10
N LYS D 411 25.12 -1.78 -21.26
CA LYS D 411 26.02 -1.77 -20.11
C LYS D 411 27.49 -1.86 -20.49
N THR D 412 27.79 -2.48 -21.63
CA THR D 412 29.17 -2.56 -22.10
C THR D 412 29.70 -1.23 -22.66
N ALA D 413 28.82 -0.33 -23.12
CA ALA D 413 29.21 1.00 -23.64
C ALA D 413 28.23 2.07 -23.23
N PRO D 414 28.30 2.48 -21.96
CA PRO D 414 27.31 3.39 -21.38
C PRO D 414 27.27 4.80 -21.96
N ASN D 415 28.34 5.22 -22.64
CA ASN D 415 28.38 6.53 -23.27
C ASN D 415 27.96 6.51 -24.74
N ARG D 416 27.68 5.32 -25.25
CA ARG D 416 27.26 5.18 -26.62
C ARG D 416 25.76 4.94 -26.78
N ALA D 417 25.08 5.96 -27.30
CA ALA D 417 23.63 5.95 -27.51
C ALA D 417 23.29 5.03 -28.67
N ILE D 418 22.11 4.43 -28.62
CA ILE D 418 21.61 3.53 -29.66
C ILE D 418 20.09 3.63 -29.79
N ARG D 419 19.56 3.00 -30.83
CA ARG D 419 18.12 3.00 -31.12
C ARG D 419 17.61 1.56 -31.08
N ILE D 420 16.37 1.38 -30.64
CA ILE D 420 15.75 0.05 -30.59
C ILE D 420 14.40 0.08 -31.30
N THR D 421 14.21 -0.83 -32.27
CA THR D 421 12.98 -0.92 -33.05
C THR D 421 12.00 -1.82 -32.33
N LYS D 422 10.74 -1.74 -32.71
CA LYS D 422 9.68 -2.53 -32.08
C LYS D 422 9.93 -4.03 -32.28
N ASN D 423 10.42 -4.39 -33.45
CA ASN D 423 10.65 -5.77 -33.79
C ASN D 423 11.77 -6.37 -32.94
N GLN D 424 12.64 -5.51 -32.41
CA GLN D 424 13.68 -5.96 -31.51
C GLN D 424 13.16 -6.21 -30.10
N VAL D 425 11.91 -5.87 -29.82
CA VAL D 425 11.37 -5.99 -28.47
C VAL D 425 10.41 -7.16 -28.34
N SER D 426 9.31 -7.15 -29.11
CA SER D 426 8.24 -8.14 -28.96
C SER D 426 7.27 -8.07 -30.13
N GLN D 427 6.66 -9.22 -30.45
CA GLN D 427 5.58 -9.30 -31.42
C GLN D 427 4.24 -9.06 -30.77
N LEU D 428 4.21 -9.09 -29.43
CA LEU D 428 2.97 -8.90 -28.67
C LEU D 428 2.66 -7.43 -28.42
N LEU D 429 3.34 -6.54 -29.12
CA LEU D 429 3.09 -5.13 -28.98
C LEU D 429 2.06 -4.76 -30.03
N PRO D 430 1.40 -3.59 -29.85
CA PRO D 430 0.41 -3.05 -30.79
C PRO D 430 0.98 -2.80 -32.17
N GLU D 431 0.19 -2.98 -33.23
CA GLU D 431 0.63 -2.59 -34.57
C GLU D 431 0.28 -1.14 -34.87
N LYS D 432 -0.74 -0.62 -34.21
CA LYS D 432 -1.11 0.78 -34.37
C LYS D 432 -0.99 1.49 -33.02
N PHE D 433 -0.83 2.81 -33.07
CA PHE D 433 -0.66 3.61 -31.88
C PHE D 433 -1.68 4.76 -31.75
N ALA D 434 -2.76 4.71 -32.54
CA ALA D 434 -3.86 5.67 -32.41
C ALA D 434 -5.20 5.11 -32.86
N GLU D 435 -6.28 5.62 -32.27
CA GLU D 435 -7.62 5.17 -32.61
C GLU D 435 -8.63 6.18 -32.12
N GLN D 436 -9.86 6.03 -32.60
CA GLN D 436 -10.94 6.91 -32.19
C GLN D 436 -12.07 6.09 -31.63
N LEU D 437 -12.71 6.63 -30.60
CA LEU D 437 -13.91 6.07 -30.05
C LEU D 437 -15.02 7.06 -30.26
N ILE D 438 -16.19 6.55 -30.57
CA ILE D 438 -17.36 7.38 -30.65
C ILE D 438 -18.33 6.90 -29.59
N ARG D 439 -18.74 7.82 -28.72
CA ARG D 439 -19.83 7.57 -27.78
C ARG D 439 -21.03 8.39 -28.18
N VAL D 440 -22.20 7.79 -28.09
CA VAL D 440 -23.43 8.48 -28.35
C VAL D 440 -24.28 8.46 -27.10
N TYR D 441 -24.80 9.64 -26.75
CA TYR D 441 -25.71 9.81 -25.64
C TYR D 441 -27.00 10.49 -26.10
N CYS D 442 -28.07 10.31 -25.34
CA CYS D 442 -29.36 10.95 -25.64
C CYS D 442 -29.79 11.85 -24.51
N LYS D 443 -30.24 13.05 -24.85
CA LYS D 443 -30.75 14.00 -23.84
C LYS D 443 -32.18 13.66 -23.38
N LYS D 444 -32.92 12.86 -24.13
CA LYS D 444 -34.26 12.42 -23.71
C LYS D 444 -34.09 11.09 -22.99
N VAL D 445 -34.47 11.07 -21.71
CA VAL D 445 -34.09 9.96 -20.82
C VAL D 445 -35.11 8.82 -20.71
N ASP D 446 -36.37 9.07 -21.06
CA ASP D 446 -37.43 8.07 -20.86
C ASP D 446 -37.24 6.78 -21.66
N ARG D 447 -37.90 5.71 -21.23
CA ARG D 447 -37.68 4.36 -21.78
C ARG D 447 -37.86 4.32 -23.28
N LYS D 448 -38.86 5.04 -23.76
CA LYS D 448 -39.22 4.96 -25.16
C LYS D 448 -38.26 5.75 -26.03
N SER D 449 -37.80 6.90 -25.52
CA SER D 449 -36.83 7.70 -26.26
C SER D 449 -35.50 6.97 -26.33
N LEU D 450 -35.16 6.33 -25.22
CA LEU D 450 -33.91 5.58 -25.13
C LEU D 450 -33.95 4.35 -26.03
N TYR D 451 -35.07 3.64 -26.00
CA TYR D 451 -35.27 2.52 -26.91
C TYR D 451 -35.04 2.93 -28.38
N ALA D 452 -35.64 4.07 -28.75
CA ALA D 452 -35.50 4.61 -30.09
C ALA D 452 -34.07 5.01 -30.41
N ALA D 453 -33.44 5.72 -29.48
CA ALA D 453 -32.08 6.22 -29.65
C ALA D 453 -31.12 5.09 -30.00
N ARG D 454 -31.35 3.93 -29.42
CA ARG D 454 -30.51 2.77 -29.68
C ARG D 454 -30.62 2.28 -31.11
N GLN D 455 -31.81 2.42 -31.67
CA GLN D 455 -32.09 1.94 -33.02
C GLN D 455 -31.41 2.84 -34.01
N TYR D 456 -31.55 4.15 -33.82
CA TYR D 456 -30.83 5.13 -34.64
C TYR D 456 -29.35 4.87 -34.62
N PHE D 457 -28.83 4.76 -33.40
CA PHE D 457 -27.41 4.60 -33.17
C PHE D 457 -26.87 3.40 -33.93
N VAL D 458 -27.49 2.26 -33.71
CA VAL D 458 -26.98 1.03 -34.31
C VAL D 458 -27.14 1.07 -35.83
N GLN D 459 -28.24 1.66 -36.30
CA GLN D 459 -28.48 1.83 -37.73
C GLN D 459 -27.39 2.70 -38.34
N TRP D 460 -27.09 3.79 -37.65
CA TRP D 460 -26.07 4.72 -38.10
C TRP D 460 -24.71 4.06 -38.17
N CYS D 461 -24.38 3.23 -37.17
CA CYS D 461 -23.12 2.44 -37.19
C CYS D 461 -23.07 1.56 -38.42
N ALA D 462 -24.17 0.86 -38.70
CA ALA D 462 -24.26 0.05 -39.91
C ALA D 462 -24.13 0.90 -41.18
N ASP D 463 -24.77 2.07 -41.22
CA ASP D 463 -24.72 2.94 -42.41
C ASP D 463 -23.30 3.40 -42.69
N ARG D 464 -22.57 3.67 -41.63
CA ARG D 464 -21.23 4.23 -41.74
C ARG D 464 -20.16 3.18 -41.72
N ASN D 465 -20.55 1.91 -41.66
CA ASN D 465 -19.62 0.80 -41.63
C ASN D 465 -18.66 0.90 -40.44
N PHE D 466 -19.22 1.30 -39.30
CA PHE D 466 -18.47 1.29 -38.06
C PHE D 466 -18.49 -0.09 -37.41
N THR D 467 -17.73 -0.25 -36.34
CA THR D 467 -17.69 -1.52 -35.62
C THR D 467 -19.00 -1.74 -34.86
N LYS D 468 -19.35 -3.00 -34.72
CA LYS D 468 -20.58 -3.41 -34.09
C LYS D 468 -20.51 -3.12 -32.62
N PRO D 469 -21.44 -2.31 -32.10
CA PRO D 469 -21.43 -2.09 -30.65
C PRO D 469 -21.51 -3.41 -29.92
N GLN D 470 -20.86 -3.50 -28.78
CA GLN D 470 -20.72 -4.78 -28.10
C GLN D 470 -22.05 -5.40 -27.73
N ASP D 471 -23.00 -4.56 -27.35
CA ASP D 471 -24.35 -5.04 -27.02
C ASP D 471 -25.35 -4.85 -28.17
N GLY D 472 -24.85 -4.72 -29.39
CA GLY D 472 -25.71 -4.45 -30.55
C GLY D 472 -26.87 -5.41 -30.73
N ASP D 473 -26.61 -6.70 -30.62
CA ASP D 473 -27.66 -7.69 -30.80
C ASP D 473 -28.77 -7.57 -29.75
N VAL D 474 -28.39 -7.29 -28.51
CA VAL D 474 -29.35 -7.19 -27.39
C VAL D 474 -30.23 -5.94 -27.44
N ILE D 475 -29.64 -4.77 -27.66
CA ILE D 475 -30.40 -3.52 -27.69
C ILE D 475 -31.27 -3.37 -28.92
N ALA D 476 -30.70 -3.76 -30.06
CA ALA D 476 -31.36 -3.53 -31.33
C ALA D 476 -31.19 -4.81 -32.15
N PRO D 477 -31.91 -5.87 -31.78
CA PRO D 477 -31.81 -7.10 -32.51
C PRO D 477 -32.26 -6.95 -33.99
N LEU D 478 -33.33 -6.19 -34.21
CA LEU D 478 -33.89 -6.07 -35.55
C LEU D 478 -32.99 -5.37 -36.55
N ILE D 479 -31.98 -4.64 -36.08
CA ILE D 479 -31.08 -3.90 -36.97
C ILE D 479 -29.80 -4.66 -37.34
N THR D 480 -29.22 -5.36 -36.38
CA THR D 480 -27.90 -6.00 -36.52
C THR D 480 -27.85 -7.12 -37.58
N PRO D 481 -28.97 -7.83 -37.82
CA PRO D 481 -28.97 -8.86 -38.84
C PRO D 481 -28.67 -8.37 -40.28
N GLN D 482 -29.09 -7.15 -40.60
CA GLN D 482 -28.92 -6.62 -41.96
C GLN D 482 -27.45 -6.61 -42.40
N LYS D 483 -26.55 -6.39 -41.44
CA LYS D 483 -25.13 -6.30 -41.72
C LYS D 483 -24.50 -7.71 -41.68
N LYS D 484 -24.00 -8.15 -42.83
CA LYS D 484 -23.36 -9.46 -42.98
C LYS D 484 -22.19 -9.63 -42.03
N GLU D 485 -21.24 -8.70 -42.12
CA GLU D 485 -19.97 -8.73 -41.37
C GLU D 485 -20.15 -8.97 -39.88
N TRP D 486 -21.21 -8.37 -39.33
CA TRP D 486 -21.51 -8.44 -37.91
C TRP D 486 -22.07 -9.80 -37.48
N ASN D 487 -22.82 -10.44 -38.37
CA ASN D 487 -23.70 -11.58 -38.04
C ASN D 487 -25.06 -11.07 -37.55
#